data_6A88
#
_entry.id   6A88
#
_cell.length_a   76.910
_cell.length_b   90.882
_cell.length_c   93.028
_cell.angle_alpha   89.910
_cell.angle_beta   80.300
_cell.angle_gamma   75.580
#
_symmetry.space_group_name_H-M   'P 1'
#
loop_
_entity.id
_entity.type
_entity.pdbx_description
1 polymer 'Prolyl-tRNA synthetase (ProRS)'
2 non-polymer 'PHOSPHOAMINOPHOSPHONIC ACID-ADENYLATE ESTER'
3 non-polymer 'MAGNESIUM ION'
4 non-polymer 3-{3-[(2R,3S)-3-hydroxypiperidin-2-yl]-2-oxopropyl}quinazolin-4(3H)-one
5 water water
#
_entity_poly.entity_id   1
_entity_poly.type   'polypeptide(L)'
_entity_poly.pdbx_seq_one_letter_code
;GAMVTAKKDENFSEWYTQAIVRSEMIEYYDISGCYIMRPWAFHIWEKVQRFFDDEIKKMGVENSYFPMFVSRHKLEKEKD
HVEGFSPEVAWVTHYGDSPLPEKIAIRPTSETIMYPAYAKWIRSHRDLPLKLNQWCSVVRWEFKQPTPFLRTREFLWQEG
HTAHATEEEAWELVLDILELYRRWYEECLAVPVIKGEKSEGEKFAGGKKTTTVEAFIPENGRGIQAATSHLLGTNFAKMF
EIEFEDEEGHKRLVHQTSWGCTTRSLGVMIMTHGDDKGLVIPPRVASVQVVIIPILFKDENTGEILGKCRELKTMLEKAD
IRVRIDDRSNYTPGWKYNHWEVKGVPLRLELGPKDLAKGTARVVRRDTGEAYQISWADLAPKLLELMEGIQRSLFEKAKA
RLHEGIEKISTFDEVMPALNRKHLVLAPWCEDPESEEQIKKETQKLSEIQAIEAGDSEQVMTGAMKTLCIPFDQPPMPEG
TKCFYTGKPAKRWTLWGRSY
;
_entity_poly.pdbx_strand_id   A,B,C,D
#
loop_
_chem_comp.id
_chem_comp.type
_chem_comp.name
_chem_comp.formula
9SF non-polymer 3-{3-[(2R,3S)-3-hydroxypiperidin-2-yl]-2-oxopropyl}quinazolin-4(3H)-one 'C16 H19 N3 O3'
ANP non-polymer 'PHOSPHOAMINOPHOSPHONIC ACID-ADENYLATE ESTER' 'C10 H17 N6 O12 P3'
MG non-polymer 'MAGNESIUM ION' 'Mg 2'
#
# COMPACT_ATOMS: atom_id res chain seq x y z
N MET A 3 31.07 32.46 12.44
CA MET A 3 30.95 31.18 13.15
C MET A 3 31.00 30.00 12.17
N VAL A 4 31.17 30.31 10.89
CA VAL A 4 31.30 29.28 9.86
C VAL A 4 32.77 28.99 9.65
N THR A 5 33.19 27.75 9.93
CA THR A 5 34.58 27.34 9.81
C THR A 5 34.89 26.65 8.49
N ALA A 6 33.97 25.82 7.99
CA ALA A 6 34.20 25.13 6.73
C ALA A 6 34.14 26.12 5.56
N LYS A 7 35.05 25.96 4.61
CA LYS A 7 35.05 26.79 3.42
C LYS A 7 34.05 26.25 2.40
N LYS A 8 33.41 27.17 1.68
CA LYS A 8 32.31 26.79 0.80
C LYS A 8 32.82 26.02 -0.41
N ASP A 9 33.92 26.45 -1.02
CA ASP A 9 34.41 25.80 -2.23
C ASP A 9 35.21 24.53 -1.94
N GLU A 10 35.57 24.27 -0.68
CA GLU A 10 36.37 23.09 -0.35
C GLU A 10 35.47 21.98 0.20
N ASN A 11 34.96 22.14 1.41
CA ASN A 11 34.02 21.19 2.00
CA ASN A 11 34.02 21.19 1.99
C ASN A 11 32.63 21.80 1.89
N PHE A 12 31.96 21.54 0.76
CA PHE A 12 30.67 22.16 0.50
C PHE A 12 29.57 21.64 1.42
N SER A 13 29.53 20.32 1.64
CA SER A 13 28.47 19.74 2.46
C SER A 13 28.54 20.24 3.90
N GLU A 14 29.75 20.23 4.47
CA GLU A 14 29.93 20.74 5.84
C GLU A 14 29.57 22.22 5.91
N TRP A 15 29.99 23.01 4.91
CA TRP A 15 29.61 24.41 4.88
C TRP A 15 28.11 24.58 4.89
N TYR A 16 27.40 23.79 4.09
CA TYR A 16 25.95 23.92 3.98
C TYR A 16 25.28 23.60 5.31
N THR A 17 25.63 22.46 5.92
CA THR A 17 24.99 22.09 7.18
C THR A 17 25.30 23.11 8.27
N GLN A 18 26.57 23.53 8.37
CA GLN A 18 26.95 24.57 9.33
C GLN A 18 26.16 25.85 9.11
N ALA A 19 26.07 26.30 7.85
CA ALA A 19 25.44 27.58 7.58
C ALA A 19 23.96 27.55 7.90
N ILE A 20 23.27 26.46 7.55
CA ILE A 20 21.84 26.42 7.83
C ILE A 20 21.56 26.20 9.32
N VAL A 21 22.49 25.61 10.07
CA VAL A 21 22.24 25.45 11.51
C VAL A 21 22.58 26.73 12.27
N ARG A 22 23.75 27.31 12.01
CA ARG A 22 24.22 28.46 12.78
C ARG A 22 23.50 29.74 12.44
N SER A 23 22.87 29.83 11.28
CA SER A 23 22.03 30.97 10.94
C SER A 23 20.63 30.87 11.54
N GLU A 24 20.37 29.83 12.33
CA GLU A 24 19.07 29.62 13.00
C GLU A 24 17.94 29.42 11.99
N MET A 25 18.24 28.76 10.87
CA MET A 25 17.23 28.52 9.86
C MET A 25 16.55 27.16 10.04
N ILE A 26 17.33 26.11 10.28
CA ILE A 26 16.77 24.78 10.48
C ILE A 26 17.35 24.16 11.74
N GLU A 27 16.55 23.32 12.37
CA GLU A 27 16.98 22.47 13.47
C GLU A 27 16.80 21.02 13.07
N TYR A 28 17.80 20.20 13.35
CA TYR A 28 17.72 18.80 12.95
C TYR A 28 16.72 18.06 13.84
N TYR A 29 16.29 16.90 13.37
CA TYR A 29 15.17 16.18 13.94
C TYR A 29 15.51 14.69 14.00
N ASP A 30 14.92 13.99 14.97
CA ASP A 30 15.27 12.59 15.18
C ASP A 30 14.75 11.67 14.08
N ILE A 31 13.74 12.11 13.32
CA ILE A 31 13.26 11.36 12.16
C ILE A 31 14.05 11.85 10.94
N SER A 32 14.71 10.91 10.26
CA SER A 32 15.63 11.28 9.19
C SER A 32 14.90 11.85 8.00
N GLY A 33 15.52 12.84 7.36
CA GLY A 33 14.92 13.51 6.23
C GLY A 33 13.89 14.57 6.59
N CYS A 34 13.68 14.83 7.89
CA CYS A 34 12.76 15.86 8.34
C CYS A 34 13.52 16.88 9.16
N TYR A 35 13.10 18.14 9.05
CA TYR A 35 13.84 19.24 9.67
C TYR A 35 12.86 20.31 10.14
N ILE A 36 13.19 20.94 11.25
CA ILE A 36 12.43 22.08 11.76
C ILE A 36 12.83 23.32 10.97
N MET A 37 11.84 23.98 10.36
CA MET A 37 12.03 25.26 9.69
C MET A 37 11.78 26.37 10.70
N ARG A 38 12.86 27.01 11.14
CA ARG A 38 12.76 28.08 12.11
C ARG A 38 12.38 29.39 11.42
N PRO A 39 11.94 30.41 12.18
CA PRO A 39 11.44 31.64 11.55
C PRO A 39 12.33 32.22 10.47
N TRP A 40 13.66 32.10 10.60
CA TRP A 40 14.55 32.77 9.66
C TRP A 40 14.39 32.23 8.24
N ALA A 41 14.06 30.95 8.08
CA ALA A 41 13.78 30.41 6.75
C ALA A 41 12.29 30.44 6.41
N PHE A 42 11.44 30.28 7.41
CA PHE A 42 10.01 30.26 7.13
C PHE A 42 9.51 31.62 6.66
N HIS A 43 10.18 32.71 7.07
CA HIS A 43 9.80 34.02 6.55
C HIS A 43 10.02 34.09 5.04
N ILE A 44 11.16 33.58 4.57
CA ILE A 44 11.42 33.52 3.14
C ILE A 44 10.35 32.69 2.44
N TRP A 45 9.96 31.56 3.06
CA TRP A 45 8.89 30.76 2.48
C TRP A 45 7.60 31.56 2.37
N GLU A 46 7.21 32.24 3.44
CA GLU A 46 6.00 33.07 3.43
C GLU A 46 6.08 34.13 2.34
N LYS A 47 7.26 34.70 2.13
CA LYS A 47 7.40 35.78 1.16
C LYS A 47 7.19 35.28 -0.26
N VAL A 48 7.87 34.20 -0.64
CA VAL A 48 7.66 33.68 -1.98
C VAL A 48 6.24 33.13 -2.13
N GLN A 49 5.65 32.64 -1.04
CA GLN A 49 4.29 32.14 -1.09
C GLN A 49 3.30 33.25 -1.39
N ARG A 50 3.44 34.39 -0.70
CA ARG A 50 2.57 35.53 -0.97
C ARG A 50 2.74 36.02 -2.40
N PHE A 51 3.98 36.12 -2.88
CA PHE A 51 4.22 36.54 -4.26
C PHE A 51 3.47 35.64 -5.24
N PHE A 52 3.76 34.33 -5.17
CA PHE A 52 3.16 33.39 -6.13
C PHE A 52 1.65 33.35 -6.00
N ASP A 53 1.13 33.48 -4.78
CA ASP A 53 -0.31 33.42 -4.56
C ASP A 53 -1.01 34.61 -5.20
N ASP A 54 -0.48 35.82 -4.97
CA ASP A 54 -1.04 36.99 -5.63
C ASP A 54 -1.05 36.81 -7.14
N GLU A 55 0.07 36.34 -7.70
CA GLU A 55 0.17 36.22 -9.15
C GLU A 55 -0.84 35.24 -9.70
N ILE A 56 -1.01 34.07 -9.07
CA ILE A 56 -1.96 33.10 -9.62
C ILE A 56 -3.40 33.54 -9.37
N LYS A 57 -3.66 34.28 -8.29
CA LYS A 57 -5.00 34.83 -8.12
C LYS A 57 -5.34 35.80 -9.24
N LYS A 58 -4.34 36.52 -9.75
CA LYS A 58 -4.60 37.37 -10.91
C LYS A 58 -5.00 36.56 -12.15
N MET A 59 -4.56 35.31 -12.24
CA MET A 59 -4.92 34.44 -13.35
C MET A 59 -6.22 33.67 -13.12
N GLY A 60 -6.97 34.01 -12.08
CA GLY A 60 -8.20 33.30 -11.79
C GLY A 60 -8.02 31.95 -11.12
N VAL A 61 -6.81 31.62 -10.66
CA VAL A 61 -6.60 30.39 -9.93
C VAL A 61 -7.09 30.57 -8.50
N GLU A 62 -7.88 29.62 -8.01
CA GLU A 62 -8.45 29.67 -6.68
C GLU A 62 -7.84 28.61 -5.79
N ASN A 63 -7.72 28.93 -4.52
CA ASN A 63 -7.10 28.04 -3.54
C ASN A 63 -8.14 27.11 -2.94
N SER A 64 -7.70 25.91 -2.59
CA SER A 64 -8.54 24.90 -1.98
C SER A 64 -7.71 24.14 -0.96
N TYR A 65 -8.36 23.19 -0.28
CA TYR A 65 -7.63 22.21 0.51
C TYR A 65 -8.36 20.88 0.40
N PHE A 66 -7.69 19.90 -0.17
CA PHE A 66 -8.07 18.50 -0.24
C PHE A 66 -7.37 17.72 0.86
N PRO A 67 -7.98 16.64 1.36
CA PRO A 67 -7.40 15.94 2.51
C PRO A 67 -6.04 15.35 2.19
N MET A 68 -5.24 15.15 3.24
CA MET A 68 -3.91 14.56 3.09
C MET A 68 -3.95 13.04 3.05
N PHE A 69 -5.06 12.42 3.42
CA PHE A 69 -5.21 10.97 3.39
C PHE A 69 -5.91 10.56 2.11
N VAL A 70 -5.38 9.55 1.44
CA VAL A 70 -6.01 8.96 0.26
C VAL A 70 -6.09 7.46 0.47
N SER A 71 -7.28 6.88 0.29
CA SER A 71 -7.45 5.46 0.48
C SER A 71 -6.65 4.68 -0.56
N ARG A 72 -6.29 3.45 -0.20
CA ARG A 72 -5.38 2.66 -1.04
C ARG A 72 -5.97 2.44 -2.44
N HIS A 73 -7.26 2.15 -2.53
CA HIS A 73 -7.84 1.84 -3.83
C HIS A 73 -7.93 3.06 -4.72
N LYS A 74 -8.02 4.26 -4.15
CA LYS A 74 -8.01 5.47 -4.95
C LYS A 74 -6.60 5.85 -5.40
N LEU A 75 -5.59 5.58 -4.57
CA LEU A 75 -4.22 5.92 -4.92
C LEU A 75 -3.66 5.01 -6.01
N GLU A 76 -4.16 3.79 -6.11
CA GLU A 76 -3.63 2.79 -7.03
C GLU A 76 -4.66 2.52 -8.12
N LYS A 77 -4.38 3.01 -9.33
CA LYS A 77 -5.24 2.79 -10.49
C LYS A 77 -4.51 3.18 -11.77
N PHE A 85 7.28 4.64 -7.86
CA PHE A 85 6.61 5.61 -7.00
C PHE A 85 6.06 4.95 -5.74
N SER A 86 5.55 3.72 -5.89
CA SER A 86 5.00 2.97 -4.76
C SER A 86 5.95 2.85 -3.58
N PRO A 87 7.26 2.59 -3.74
CA PRO A 87 8.12 2.44 -2.55
C PRO A 87 8.25 3.69 -1.69
N GLU A 88 7.83 4.85 -2.17
CA GLU A 88 7.98 6.10 -1.43
C GLU A 88 6.74 6.47 -0.61
N VAL A 89 5.66 5.72 -0.74
CA VAL A 89 4.39 6.09 -0.13
C VAL A 89 4.37 5.67 1.34
N ALA A 90 4.04 6.60 2.22
CA ALA A 90 3.86 6.31 3.64
C ALA A 90 2.42 5.87 3.89
N TRP A 91 2.25 4.75 4.59
CA TRP A 91 0.95 4.12 4.78
C TRP A 91 0.56 4.14 6.24
N VAL A 92 -0.68 4.56 6.50
CA VAL A 92 -1.29 4.48 7.83
C VAL A 92 -2.14 3.23 7.89
N THR A 93 -1.93 2.41 8.92
CA THR A 93 -2.69 1.18 9.09
C THR A 93 -3.48 1.11 10.38
N HIS A 94 -3.19 1.96 11.37
CA HIS A 94 -3.85 1.89 12.67
C HIS A 94 -4.20 3.28 13.15
N TYR A 95 -5.28 3.37 13.93
CA TYR A 95 -5.57 4.53 14.77
C TYR A 95 -5.59 4.01 16.21
N GLY A 96 -4.65 4.46 17.01
CA GLY A 96 -4.43 3.87 18.32
C GLY A 96 -3.91 2.45 18.18
N ASP A 97 -4.65 1.48 18.69
CA ASP A 97 -4.32 0.07 18.50
C ASP A 97 -5.27 -0.63 17.55
N SER A 98 -6.31 0.04 17.07
CA SER A 98 -7.27 -0.56 16.18
C SER A 98 -6.76 -0.50 14.73
N PRO A 99 -6.89 -1.59 13.97
CA PRO A 99 -6.49 -1.57 12.57
C PRO A 99 -7.58 -1.03 11.66
N LEU A 100 -7.15 -0.31 10.62
CA LEU A 100 -8.10 0.24 9.66
C LEU A 100 -8.59 -0.85 8.72
N PRO A 101 -9.84 -0.75 8.26
CA PRO A 101 -10.32 -1.73 7.27
C PRO A 101 -9.52 -1.69 5.97
N GLU A 102 -9.00 -0.53 5.61
CA GLU A 102 -8.12 -0.36 4.46
C GLU A 102 -7.04 0.63 4.84
N LYS A 103 -5.80 0.33 4.46
CA LYS A 103 -4.70 1.25 4.75
C LYS A 103 -4.87 2.52 3.92
N ILE A 104 -4.48 3.65 4.52
CA ILE A 104 -4.61 4.95 3.87
C ILE A 104 -3.23 5.57 3.75
N ALA A 105 -2.96 6.15 2.59
CA ALA A 105 -1.67 6.76 2.30
C ALA A 105 -1.69 8.23 2.66
N ILE A 106 -0.54 8.72 3.13
CA ILE A 106 -0.30 10.14 3.26
C ILE A 106 0.02 10.69 1.88
N ARG A 107 -0.60 11.82 1.54
CA ARG A 107 -0.46 12.56 0.29
C ARG A 107 0.97 12.61 -0.22
N PRO A 108 1.30 11.86 -1.28
CA PRO A 108 2.58 12.08 -1.98
C PRO A 108 2.45 13.06 -3.13
N THR A 109 1.21 13.38 -3.50
CA THR A 109 0.77 14.30 -4.55
C THR A 109 -0.74 14.07 -4.65
N SER A 110 -1.48 14.97 -5.28
CA SER A 110 -2.92 15.01 -5.09
C SER A 110 -3.74 14.66 -6.33
N GLU A 111 -3.10 14.11 -7.37
CA GLU A 111 -3.85 13.72 -8.58
C GLU A 111 -4.99 12.77 -8.24
N THR A 112 -4.70 11.70 -7.51
CA THR A 112 -5.71 10.69 -7.20
C THR A 112 -6.73 11.16 -6.17
N ILE A 113 -6.48 12.27 -5.49
CA ILE A 113 -7.48 12.86 -4.60
C ILE A 113 -8.33 13.89 -5.33
N MET A 114 -7.75 14.66 -6.24
CA MET A 114 -8.44 15.78 -6.84
C MET A 114 -9.19 15.41 -8.12
N TYR A 115 -8.63 14.55 -8.96
CA TYR A 115 -9.22 14.31 -10.27
C TYR A 115 -10.57 13.60 -10.22
N PRO A 116 -10.86 12.75 -9.22
CA PRO A 116 -12.26 12.30 -9.07
C PRO A 116 -13.22 13.43 -8.78
N ALA A 117 -12.84 14.36 -7.90
CA ALA A 117 -13.64 15.56 -7.69
C ALA A 117 -13.82 16.34 -8.98
N TYR A 118 -12.75 16.45 -9.78
CA TYR A 118 -12.85 17.11 -11.08
C TYR A 118 -13.87 16.41 -11.98
N ALA A 119 -13.85 15.06 -11.98
CA ALA A 119 -14.81 14.31 -12.77
C ALA A 119 -16.23 14.64 -12.34
N LYS A 120 -16.47 14.81 -11.04
CA LYS A 120 -17.82 15.17 -10.60
C LYS A 120 -18.17 16.61 -10.99
N TRP A 121 -17.23 17.55 -10.80
CA TRP A 121 -17.55 18.97 -10.93
C TRP A 121 -17.69 19.44 -12.37
N ILE A 122 -17.07 18.76 -13.33
CA ILE A 122 -17.07 19.18 -14.72
C ILE A 122 -18.06 18.33 -15.51
N ARG A 123 -19.09 18.98 -16.03
CA ARG A 123 -20.11 18.31 -16.83
C ARG A 123 -20.29 19.02 -18.16
N SER A 124 -20.10 20.33 -18.13
CA SER A 124 -20.46 21.21 -19.24
C SER A 124 -19.26 22.07 -19.61
N HIS A 125 -19.31 22.64 -20.81
CA HIS A 125 -18.30 23.62 -21.17
C HIS A 125 -18.44 24.89 -20.33
N ARG A 126 -19.62 25.12 -19.74
CA ARG A 126 -19.79 26.25 -18.81
C ARG A 126 -18.87 26.11 -17.61
N ASP A 127 -18.49 24.89 -17.25
CA ASP A 127 -17.67 24.64 -16.08
C ASP A 127 -16.19 24.88 -16.31
N LEU A 128 -15.78 25.19 -17.54
CA LEU A 128 -14.38 25.31 -17.88
C LEU A 128 -13.99 26.77 -18.15
N PRO A 129 -12.74 27.16 -17.85
CA PRO A 129 -11.71 26.30 -17.27
C PRO A 129 -11.82 26.20 -15.75
N LEU A 130 -11.43 25.06 -15.19
CA LEU A 130 -11.34 24.87 -13.74
C LEU A 130 -9.88 25.01 -13.34
N LYS A 131 -9.60 25.93 -12.41
CA LYS A 131 -8.22 26.25 -12.02
C LYS A 131 -8.13 26.20 -10.51
N LEU A 132 -7.43 25.21 -9.97
CA LEU A 132 -7.30 25.07 -8.53
C LEU A 132 -5.83 25.00 -8.14
N ASN A 133 -5.53 25.47 -6.94
CA ASN A 133 -4.20 25.38 -6.37
C ASN A 133 -4.35 25.05 -4.90
N GLN A 134 -3.35 24.40 -4.34
CA GLN A 134 -3.31 24.20 -2.90
C GLN A 134 -1.88 24.24 -2.39
N TRP A 135 -1.70 24.95 -1.27
CA TRP A 135 -0.48 24.92 -0.49
C TRP A 135 -0.62 23.85 0.59
N CYS A 136 0.37 22.99 0.69
CA CYS A 136 0.25 21.86 1.61
C CYS A 136 1.64 21.27 1.85
N SER A 137 1.69 20.28 2.74
CA SER A 137 2.87 19.47 2.93
C SER A 137 2.70 18.15 2.18
N VAL A 138 3.83 17.51 1.89
CA VAL A 138 3.85 16.27 1.12
C VAL A 138 4.91 15.36 1.73
N VAL A 139 4.59 14.07 1.80
CA VAL A 139 5.46 13.07 2.37
C VAL A 139 5.84 12.06 1.28
N ARG A 140 7.13 11.85 1.11
CA ARG A 140 7.67 10.79 0.25
C ARG A 140 8.86 10.20 0.95
N TRP A 141 8.90 8.87 1.10
CA TRP A 141 10.03 8.20 1.73
C TRP A 141 11.14 8.09 0.69
N GLU A 142 11.92 9.16 0.58
CA GLU A 142 12.98 9.25 -0.42
C GLU A 142 14.05 8.20 -0.15
N PHE A 143 14.42 7.47 -1.21
CA PHE A 143 15.52 6.51 -1.08
C PHE A 143 16.87 7.20 -1.09
N LYS A 144 17.02 8.25 -1.91
CA LYS A 144 18.24 9.02 -1.91
C LYS A 144 18.47 9.64 -0.53
N GLN A 145 19.72 9.93 -0.24
CA GLN A 145 20.06 10.52 1.05
C GLN A 145 19.50 11.94 1.13
N PRO A 146 18.92 12.32 2.26
CA PRO A 146 18.24 13.62 2.33
C PRO A 146 19.20 14.79 2.39
N THR A 147 18.73 15.93 1.92
CA THR A 147 19.41 17.20 2.05
C THR A 147 18.37 18.21 2.52
N PRO A 148 18.65 18.97 3.58
CA PRO A 148 17.69 19.99 4.02
C PRO A 148 17.32 20.93 2.88
N PHE A 149 16.02 21.19 2.76
CA PHE A 149 15.40 21.96 1.68
C PHE A 149 15.40 21.21 0.36
N LEU A 150 16.57 20.77 -0.12
CA LEU A 150 16.67 20.23 -1.47
C LEU A 150 15.87 18.93 -1.62
N ARG A 151 16.11 17.96 -0.73
CA ARG A 151 15.40 16.68 -0.80
C ARG A 151 15.07 16.25 0.63
N THR A 152 13.81 16.36 1.00
CA THR A 152 13.36 16.04 2.35
C THR A 152 12.20 15.06 2.26
N ARG A 153 12.01 14.28 3.34
CA ARG A 153 10.93 13.30 3.34
C ARG A 153 9.57 13.94 3.57
N GLU A 154 9.53 15.07 4.27
CA GLU A 154 8.36 15.95 4.28
C GLU A 154 8.80 17.31 3.75
N PHE A 155 8.05 17.83 2.79
CA PHE A 155 8.36 19.16 2.27
C PHE A 155 7.07 19.93 2.01
N LEU A 156 7.17 21.26 2.12
CA LEU A 156 6.06 22.15 1.79
C LEU A 156 6.09 22.47 0.31
N TRP A 157 4.91 22.64 -0.27
CA TRP A 157 4.86 23.02 -1.68
C TRP A 157 3.52 23.66 -1.98
N GLN A 158 3.42 24.20 -3.19
CA GLN A 158 2.14 24.41 -3.85
C GLN A 158 2.05 23.47 -5.04
N GLU A 159 0.83 22.99 -5.27
CA GLU A 159 0.49 22.22 -6.47
C GLU A 159 -0.77 22.82 -7.08
N GLY A 160 -0.71 23.07 -8.38
CA GLY A 160 -1.83 23.61 -9.12
C GLY A 160 -2.27 22.63 -10.19
N HIS A 161 -3.59 22.52 -10.37
CA HIS A 161 -4.21 21.60 -11.30
C HIS A 161 -5.32 22.35 -12.04
N THR A 162 -5.25 22.35 -13.37
CA THR A 162 -6.24 23.03 -14.19
C THR A 162 -6.75 22.12 -15.29
N ALA A 163 -7.99 22.37 -15.70
CA ALA A 163 -8.66 21.69 -16.80
C ALA A 163 -9.26 22.75 -17.71
N HIS A 164 -9.05 22.57 -19.02
CA HIS A 164 -9.48 23.52 -20.04
C HIS A 164 -10.18 22.78 -21.16
N ALA A 165 -10.88 23.55 -22.00
CA ALA A 165 -11.63 22.96 -23.10
C ALA A 165 -10.76 22.69 -24.34
N THR A 166 -9.61 23.35 -24.46
CA THR A 166 -8.73 23.16 -25.60
C THR A 166 -7.29 23.05 -25.10
N GLU A 167 -6.46 22.42 -25.93
CA GLU A 167 -5.05 22.26 -25.57
C GLU A 167 -4.30 23.57 -25.60
N GLU A 168 -4.74 24.52 -26.43
CA GLU A 168 -4.00 25.76 -26.60
C GLU A 168 -4.13 26.64 -25.37
N GLU A 169 -5.32 26.73 -24.78
CA GLU A 169 -5.51 27.47 -23.53
C GLU A 169 -4.68 26.84 -22.41
N ALA A 170 -4.64 25.51 -22.35
CA ALA A 170 -3.85 24.82 -21.34
C ALA A 170 -2.35 25.08 -21.53
N TRP A 171 -1.88 25.08 -22.78
CA TRP A 171 -0.47 25.36 -23.04
C TRP A 171 -0.11 26.79 -22.68
N GLU A 172 -1.01 27.74 -22.97
CA GLU A 172 -0.83 29.11 -22.55
C GLU A 172 -0.68 29.20 -21.03
N LEU A 173 -1.54 28.50 -20.29
CA LEU A 173 -1.42 28.52 -18.83
C LEU A 173 -0.11 27.89 -18.37
N VAL A 174 0.30 26.79 -19.02
CA VAL A 174 1.57 26.16 -18.66
C VAL A 174 2.71 27.16 -18.76
N LEU A 175 2.76 27.90 -19.87
CA LEU A 175 3.84 28.86 -20.06
C LEU A 175 3.74 30.04 -19.09
N ASP A 176 2.51 30.48 -18.78
CA ASP A 176 2.35 31.56 -17.80
C ASP A 176 2.85 31.13 -16.43
N ILE A 177 2.54 29.90 -16.03
CA ILE A 177 3.00 29.40 -14.74
C ILE A 177 4.51 29.25 -14.73
N LEU A 178 5.09 28.78 -15.84
CA LEU A 178 6.55 28.70 -15.92
C LEU A 178 7.19 30.07 -15.76
N GLU A 179 6.59 31.09 -16.37
CA GLU A 179 7.13 32.44 -16.20
C GLU A 179 7.01 32.91 -14.75
N LEU A 180 5.91 32.54 -14.08
CA LEU A 180 5.80 32.86 -12.66
C LEU A 180 6.88 32.17 -11.84
N TYR A 181 7.26 30.94 -12.22
CA TYR A 181 8.35 30.26 -11.51
C TYR A 181 9.69 30.95 -11.74
N ARG A 182 9.93 31.37 -12.99
CA ARG A 182 11.13 32.16 -13.26
C ARG A 182 11.17 33.40 -12.39
N ARG A 183 10.02 34.07 -12.23
CA ARG A 183 9.99 35.28 -11.40
C ARG A 183 10.20 34.93 -9.93
N TRP A 184 9.55 33.88 -9.45
CA TRP A 184 9.80 33.33 -8.11
C TRP A 184 11.29 33.22 -7.83
N TYR A 185 12.03 32.62 -8.76
CA TYR A 185 13.45 32.38 -8.49
C TYR A 185 14.31 33.62 -8.72
N GLU A 186 14.02 34.38 -9.78
CA GLU A 186 14.87 35.49 -10.20
C GLU A 186 14.49 36.81 -9.55
N GLU A 187 13.20 37.11 -9.44
CA GLU A 187 12.80 38.38 -8.86
C GLU A 187 12.79 38.32 -7.33
N CYS A 188 12.39 37.19 -6.75
CA CYS A 188 12.35 37.08 -5.29
C CYS A 188 13.67 36.60 -4.70
N LEU A 189 14.20 35.49 -5.21
CA LEU A 189 15.37 34.85 -4.60
C LEU A 189 16.68 35.23 -5.26
N ALA A 190 16.64 36.00 -6.35
CA ALA A 190 17.85 36.41 -7.08
C ALA A 190 18.66 35.23 -7.59
N VAL A 191 17.97 34.13 -7.90
CA VAL A 191 18.59 32.92 -8.42
C VAL A 191 18.30 32.84 -9.92
N PRO A 192 19.31 32.75 -10.77
CA PRO A 192 19.04 32.58 -12.21
C PRO A 192 18.62 31.16 -12.52
N VAL A 193 17.64 31.02 -13.42
CA VAL A 193 17.14 29.72 -13.83
C VAL A 193 17.02 29.69 -15.35
N ILE A 194 17.03 28.49 -15.90
CA ILE A 194 16.90 28.27 -17.34
C ILE A 194 15.57 27.60 -17.60
N LYS A 195 14.74 28.23 -18.43
CA LYS A 195 13.51 27.60 -18.87
C LYS A 195 13.84 26.52 -19.91
N GLY A 196 13.11 25.41 -19.84
CA GLY A 196 13.43 24.33 -20.77
C GLY A 196 12.36 23.27 -20.81
N GLU A 197 12.49 22.42 -21.83
CA GLU A 197 11.62 21.28 -22.06
C GLU A 197 12.33 20.02 -21.59
N LYS A 198 11.63 19.20 -20.81
CA LYS A 198 12.22 17.93 -20.39
C LYS A 198 12.21 16.94 -21.54
N SER A 199 13.21 16.06 -21.55
CA SER A 199 13.24 14.99 -22.53
C SER A 199 12.07 14.04 -22.30
N GLU A 200 11.86 13.13 -23.25
CA GLU A 200 10.74 12.20 -23.11
C GLU A 200 11.03 11.11 -22.08
N GLY A 201 12.30 10.84 -21.78
CA GLY A 201 12.65 9.92 -20.72
C GLY A 201 12.66 10.51 -19.32
N GLU A 202 12.65 11.83 -19.22
CA GLU A 202 12.67 12.52 -17.92
C GLU A 202 11.38 13.28 -17.63
N LYS A 203 10.44 13.32 -18.57
CA LYS A 203 9.21 14.05 -18.33
C LYS A 203 8.24 13.23 -17.49
N PHE A 204 7.27 13.92 -16.90
CA PHE A 204 6.21 13.26 -16.14
C PHE A 204 5.49 12.25 -17.02
N ALA A 205 5.50 10.98 -16.60
CA ALA A 205 4.96 9.92 -17.43
C ALA A 205 3.47 10.08 -17.67
N GLY A 206 2.75 10.68 -16.73
CA GLY A 206 1.33 10.87 -16.88
C GLY A 206 0.92 12.03 -17.74
N GLY A 207 1.84 12.66 -18.47
CA GLY A 207 1.53 13.87 -19.21
C GLY A 207 2.09 13.83 -20.62
N LYS A 208 1.78 14.89 -21.37
CA LYS A 208 2.15 15.05 -22.77
C LYS A 208 3.49 15.77 -22.93
N LYS A 209 3.69 16.85 -22.18
CA LYS A 209 4.89 17.67 -22.29
C LYS A 209 5.16 18.32 -20.94
N THR A 210 6.41 18.25 -20.49
CA THR A 210 6.81 18.80 -19.20
C THR A 210 7.81 19.94 -19.42
N THR A 211 7.49 21.12 -18.91
CA THR A 211 8.41 22.25 -18.90
C THR A 211 8.95 22.45 -17.50
N THR A 212 10.11 23.10 -17.42
CA THR A 212 10.84 23.17 -16.16
C THR A 212 11.71 24.42 -16.15
N VAL A 213 12.11 24.81 -14.94
CA VAL A 213 13.20 25.76 -14.72
C VAL A 213 14.32 24.98 -14.03
N GLU A 214 15.54 25.16 -14.51
CA GLU A 214 16.69 24.44 -13.99
C GLU A 214 17.69 25.42 -13.41
N ALA A 215 18.24 25.08 -12.26
CA ALA A 215 19.28 25.86 -11.60
C ALA A 215 20.55 25.03 -11.50
N PHE A 216 21.63 25.71 -11.10
CA PHE A 216 22.97 25.13 -11.11
C PHE A 216 23.66 25.43 -9.80
N ILE A 217 24.23 24.40 -9.18
CA ILE A 217 25.06 24.55 -7.99
C ILE A 217 26.52 24.42 -8.43
N PRO A 218 27.30 25.50 -8.43
CA PRO A 218 28.67 25.42 -8.95
C PRO A 218 29.63 24.71 -8.03
N GLU A 219 29.35 24.68 -6.72
CA GLU A 219 30.27 24.06 -5.78
C GLU A 219 30.48 22.59 -6.10
N ASN A 220 29.39 21.86 -6.35
CA ASN A 220 29.46 20.47 -6.75
C ASN A 220 29.12 20.27 -8.22
N GLY A 221 28.93 21.37 -8.96
CA GLY A 221 28.65 21.29 -10.39
C GLY A 221 27.41 20.50 -10.74
N ARG A 222 26.37 20.57 -9.92
CA ARG A 222 25.18 19.74 -10.11
CA ARG A 222 25.18 19.74 -10.10
C ARG A 222 24.00 20.60 -10.54
N GLY A 223 23.23 20.07 -11.50
CA GLY A 223 22.01 20.72 -11.90
C GLY A 223 20.87 20.28 -11.00
N ILE A 224 19.87 21.15 -10.88
CA ILE A 224 18.75 20.85 -9.99
C ILE A 224 17.48 21.42 -10.59
N GLN A 225 16.42 20.63 -10.57
CA GLN A 225 15.13 21.08 -11.07
C GLN A 225 14.48 21.98 -10.03
N ALA A 226 14.27 23.25 -10.39
CA ALA A 226 13.74 24.25 -9.48
C ALA A 226 12.23 24.22 -9.35
N ALA A 227 11.51 23.93 -10.43
CA ALA A 227 10.06 23.88 -10.46
C ALA A 227 9.64 23.25 -11.78
N THR A 228 8.39 22.78 -11.83
CA THR A 228 7.94 22.00 -12.96
C THR A 228 6.53 22.44 -13.37
N SER A 229 6.25 22.32 -14.68
CA SER A 229 4.97 22.72 -15.26
C SER A 229 4.64 21.75 -16.38
N HIS A 230 3.52 21.04 -16.24
CA HIS A 230 3.17 19.92 -17.11
C HIS A 230 1.97 20.28 -17.98
N LEU A 231 2.14 20.14 -19.29
CA LEU A 231 0.99 20.02 -20.18
C LEU A 231 0.55 18.57 -20.14
N LEU A 232 -0.46 18.27 -19.31
CA LEU A 232 -0.87 16.89 -19.12
C LEU A 232 -1.63 16.36 -20.32
N GLY A 233 -2.43 17.19 -20.96
CA GLY A 233 -3.20 16.69 -22.09
C GLY A 233 -4.47 16.00 -21.64
N THR A 234 -4.85 14.88 -22.27
CA THR A 234 -6.15 14.29 -22.00
C THR A 234 -6.11 12.88 -21.43
N ASN A 235 -4.95 12.32 -21.12
CA ASN A 235 -4.95 10.93 -20.65
C ASN A 235 -5.39 10.81 -19.20
N PHE A 236 -5.08 11.81 -18.36
CA PHE A 236 -5.66 11.83 -17.03
C PHE A 236 -7.18 11.94 -17.09
N ALA A 237 -7.70 12.66 -18.09
CA ALA A 237 -9.14 12.80 -18.25
C ALA A 237 -9.78 11.49 -18.68
N LYS A 238 -9.12 10.74 -19.57
CA LYS A 238 -9.61 9.40 -19.90
C LYS A 238 -9.56 8.49 -18.69
N MET A 239 -8.45 8.55 -17.94
CA MET A 239 -8.29 7.67 -16.78
C MET A 239 -9.35 7.92 -15.72
N PHE A 240 -9.66 9.18 -15.44
CA PHE A 240 -10.61 9.53 -14.40
C PHE A 240 -11.98 9.91 -14.94
N GLU A 241 -12.19 9.82 -16.25
CA GLU A 241 -13.48 10.11 -16.89
C GLU A 241 -13.91 11.56 -16.67
N ILE A 242 -12.95 12.48 -16.77
CA ILE A 242 -13.26 13.91 -16.71
C ILE A 242 -13.70 14.36 -18.10
N GLU A 243 -15.01 14.31 -18.36
CA GLU A 243 -15.57 14.69 -19.64
C GLU A 243 -16.55 15.84 -19.47
N PHE A 244 -16.76 16.57 -20.58
CA PHE A 244 -17.71 17.67 -20.61
C PHE A 244 -18.44 17.67 -21.94
N GLU A 245 -19.67 18.16 -21.92
CA GLU A 245 -20.43 18.36 -23.14
C GLU A 245 -20.12 19.75 -23.70
N ASP A 246 -19.75 19.80 -24.97
CA ASP A 246 -19.45 21.07 -25.62
C ASP A 246 -20.76 21.74 -26.03
N GLU A 247 -20.66 22.79 -26.86
CA GLU A 247 -21.84 23.54 -27.26
C GLU A 247 -22.74 22.73 -28.18
N GLU A 248 -22.17 21.83 -28.99
CA GLU A 248 -22.97 20.99 -29.86
C GLU A 248 -23.55 19.76 -29.14
N GLY A 249 -23.12 19.51 -27.91
CA GLY A 249 -23.60 18.36 -27.17
C GLY A 249 -22.74 17.13 -27.26
N HIS A 250 -21.55 17.22 -27.88
CA HIS A 250 -20.65 16.09 -27.96
C HIS A 250 -19.78 16.01 -26.70
N LYS A 251 -19.61 14.79 -26.20
CA LYS A 251 -18.74 14.58 -25.04
C LYS A 251 -17.28 14.68 -25.46
N ARG A 252 -16.49 15.42 -24.69
CA ARG A 252 -15.09 15.64 -24.99
C ARG A 252 -14.28 15.57 -23.69
N LEU A 253 -13.01 15.21 -23.83
CA LEU A 253 -12.11 15.14 -22.69
C LEU A 253 -11.48 16.50 -22.43
N VAL A 254 -11.33 16.85 -21.15
CA VAL A 254 -10.67 18.10 -20.80
C VAL A 254 -9.17 17.97 -21.05
N HIS A 255 -8.54 19.11 -21.31
CA HIS A 255 -7.08 19.20 -21.43
C HIS A 255 -6.53 19.75 -20.12
N GLN A 256 -5.64 19.02 -19.48
CA GLN A 256 -5.20 19.35 -18.13
C GLN A 256 -3.76 19.81 -18.11
N THR A 257 -3.48 20.67 -17.12
CA THR A 257 -2.14 21.07 -16.70
C THR A 257 -1.99 20.84 -15.20
N SER A 258 -0.74 20.62 -14.80
CA SER A 258 -0.38 20.57 -13.39
C SER A 258 0.99 21.19 -13.22
N TRP A 259 1.24 21.73 -12.03
CA TRP A 259 2.48 22.45 -11.78
C TRP A 259 2.73 22.49 -10.28
N GLY A 260 3.99 22.58 -9.88
CA GLY A 260 4.32 22.53 -8.47
C GLY A 260 5.66 23.13 -8.16
N CYS A 261 5.78 23.68 -6.95
CA CYS A 261 7.06 24.22 -6.50
C CYS A 261 7.14 24.09 -4.99
N THR A 262 8.33 23.75 -4.49
CA THR A 262 8.52 23.36 -3.09
C THR A 262 9.52 24.27 -2.39
N THR A 263 9.77 23.94 -1.12
CA THR A 263 10.77 24.60 -0.30
C THR A 263 12.19 24.35 -0.77
N ARG A 264 12.38 23.43 -1.72
CA ARG A 264 13.71 23.26 -2.34
C ARG A 264 14.27 24.59 -2.80
N SER A 265 13.40 25.48 -3.29
CA SER A 265 13.83 26.81 -3.72
C SER A 265 14.69 27.48 -2.66
N LEU A 266 14.23 27.47 -1.40
CA LEU A 266 14.99 28.08 -0.33
C LEU A 266 16.43 27.57 -0.33
N GLY A 267 16.58 26.24 -0.34
CA GLY A 267 17.92 25.67 -0.38
C GLY A 267 18.73 26.20 -1.54
N VAL A 268 18.14 26.19 -2.75
CA VAL A 268 18.84 26.72 -3.91
C VAL A 268 19.36 28.12 -3.60
N MET A 269 18.49 28.98 -3.08
CA MET A 269 18.90 30.34 -2.77
C MET A 269 20.11 30.34 -1.85
N ILE A 270 20.05 29.53 -0.78
CA ILE A 270 21.16 29.48 0.18
C ILE A 270 22.45 29.12 -0.55
N MET A 271 22.39 28.11 -1.41
CA MET A 271 23.61 27.65 -2.05
C MET A 271 24.12 28.68 -3.05
N THR A 272 23.23 29.53 -3.56
CA THR A 272 23.64 30.45 -4.60
C THR A 272 24.42 31.63 -4.05
N HIS A 273 23.96 32.23 -2.95
CA HIS A 273 24.51 33.49 -2.46
C HIS A 273 25.40 33.36 -1.23
N GLY A 274 25.49 32.18 -0.61
CA GLY A 274 26.31 32.04 0.57
C GLY A 274 27.79 32.17 0.27
N ASP A 275 28.55 32.63 1.26
CA ASP A 275 30.00 32.71 1.14
C ASP A 275 30.67 32.12 2.38
N ASP A 276 31.96 32.40 2.56
CA ASP A 276 32.71 31.79 3.65
C ASP A 276 32.25 32.25 5.03
N LYS A 277 31.63 33.42 5.13
CA LYS A 277 31.09 33.88 6.41
C LYS A 277 29.71 33.32 6.69
N GLY A 278 29.03 32.73 5.71
CA GLY A 278 27.72 32.18 5.92
C GLY A 278 26.72 32.60 4.87
N LEU A 279 25.50 32.95 5.30
CA LEU A 279 24.42 33.21 4.39
C LEU A 279 24.46 34.64 3.86
N VAL A 280 23.79 34.83 2.73
CA VAL A 280 23.49 36.15 2.16
C VAL A 280 22.05 36.06 1.66
N ILE A 281 21.13 36.73 2.35
CA ILE A 281 19.71 36.66 2.04
C ILE A 281 19.34 37.87 1.19
N PRO A 282 18.79 37.68 0.00
CA PRO A 282 18.35 38.82 -0.82
C PRO A 282 17.36 39.69 -0.07
N PRO A 283 17.46 41.01 -0.21
CA PRO A 283 16.60 41.90 0.58
C PRO A 283 15.11 41.72 0.36
N ARG A 284 14.70 41.20 -0.80
CA ARG A 284 13.27 41.07 -1.07
C ARG A 284 12.60 40.00 -0.23
N VAL A 285 13.36 39.03 0.28
CA VAL A 285 12.80 37.94 1.06
C VAL A 285 13.34 37.88 2.48
N ALA A 286 14.31 38.73 2.83
CA ALA A 286 14.95 38.64 4.13
C ALA A 286 14.00 39.05 5.25
N SER A 287 14.03 38.28 6.35
CA SER A 287 13.18 38.58 7.50
C SER A 287 13.56 39.92 8.11
N VAL A 288 14.86 40.18 8.24
CA VAL A 288 15.37 41.48 8.66
C VAL A 288 16.24 42.01 7.52
N GLN A 289 15.93 43.24 7.07
CA GLN A 289 16.71 43.85 6.00
C GLN A 289 17.84 44.72 6.54
N VAL A 290 17.58 45.41 7.64
CA VAL A 290 18.57 46.26 8.30
C VAL A 290 18.53 45.92 9.78
N VAL A 291 19.64 45.42 10.31
CA VAL A 291 19.79 45.26 11.74
C VAL A 291 20.61 46.43 12.26
N ILE A 292 20.08 47.11 13.27
CA ILE A 292 20.77 48.22 13.91
C ILE A 292 21.52 47.66 15.10
N ILE A 293 22.84 47.81 15.10
CA ILE A 293 23.69 47.31 16.17
C ILE A 293 24.24 48.52 16.92
N PRO A 294 23.79 48.78 18.16
CA PRO A 294 24.39 49.86 18.95
C PRO A 294 25.76 49.44 19.46
N ILE A 295 26.75 50.33 19.30
CA ILE A 295 28.08 50.02 19.80
C ILE A 295 28.12 50.30 21.29
N LEU A 296 27.78 49.28 22.07
CA LEU A 296 27.82 49.37 23.53
C LEU A 296 28.51 48.13 24.08
N PHE A 297 29.35 48.34 25.08
CA PHE A 297 29.98 47.25 25.81
C PHE A 297 29.24 47.06 27.13
N LYS A 298 29.78 46.18 27.97
CA LYS A 298 29.20 45.83 29.28
C LYS A 298 28.66 46.92 30.20
N ASP A 299 27.61 46.53 30.92
CA ASP A 299 26.89 47.33 31.92
C ASP A 299 26.88 48.87 31.87
N GLU A 300 27.05 49.48 30.71
CA GLU A 300 27.00 50.99 30.65
C GLU A 300 26.11 51.46 29.52
N ASN A 301 24.84 51.31 29.71
CA ASN A 301 23.89 51.79 28.71
C ASN A 301 23.12 52.95 29.34
N THR A 302 23.46 54.18 28.94
CA THR A 302 22.86 55.36 29.54
C THR A 302 21.55 55.78 28.88
N GLY A 303 21.15 55.13 27.79
CA GLY A 303 19.92 55.41 27.11
C GLY A 303 20.06 56.29 25.88
N GLU A 304 21.19 56.97 25.72
CA GLU A 304 21.38 57.84 24.56
C GLU A 304 21.37 57.04 23.26
N ILE A 305 22.23 56.03 23.19
CA ILE A 305 22.45 55.32 21.93
C ILE A 305 21.24 54.46 21.57
N LEU A 306 20.70 53.73 22.55
CA LEU A 306 19.50 52.94 22.29
C LEU A 306 18.30 53.82 21.95
N GLY A 307 18.24 55.01 22.55
CA GLY A 307 17.18 55.95 22.19
C GLY A 307 17.25 56.36 20.74
N LYS A 308 18.44 56.78 20.29
CA LYS A 308 18.58 57.13 18.87
C LYS A 308 18.34 55.92 17.97
N CYS A 309 18.74 54.72 18.42
CA CYS A 309 18.50 53.52 17.63
C CYS A 309 17.02 53.26 17.46
N ARG A 310 16.22 53.49 18.50
CA ARG A 310 14.77 53.30 18.39
C ARG A 310 14.15 54.35 17.47
N GLU A 311 14.59 55.60 17.58
CA GLU A 311 14.10 56.62 16.65
C GLU A 311 14.43 56.26 15.20
N LEU A 312 15.64 55.75 14.97
CA LEU A 312 16.04 55.37 13.62
C LEU A 312 15.24 54.16 13.13
N LYS A 313 14.96 53.21 14.02
CA LYS A 313 14.11 52.09 13.66
C LYS A 313 12.75 52.57 13.20
N THR A 314 12.15 53.51 13.95
CA THR A 314 10.85 54.05 13.55
C THR A 314 10.94 54.74 12.18
N MET A 315 11.98 55.56 11.99
CA MET A 315 12.13 56.27 10.72
C MET A 315 12.27 55.30 9.55
N LEU A 316 13.00 54.20 9.75
CA LEU A 316 13.18 53.23 8.67
C LEU A 316 11.91 52.43 8.42
N GLU A 317 11.19 52.06 9.49
CA GLU A 317 9.97 51.30 9.33
C GLU A 317 8.89 52.11 8.63
N LYS A 318 9.02 53.43 8.67
CA LYS A 318 8.08 54.30 7.98
C LYS A 318 8.25 54.08 6.47
N ALA A 319 9.46 53.68 6.07
CA ALA A 319 9.77 53.43 4.67
C ALA A 319 9.61 51.96 4.30
N ASP A 320 8.87 51.20 5.09
CA ASP A 320 8.55 49.78 4.86
C ASP A 320 9.78 48.88 4.94
N ILE A 321 10.84 49.33 5.59
CA ILE A 321 12.05 48.53 5.76
C ILE A 321 11.91 47.69 7.01
N ARG A 322 12.15 46.39 6.88
CA ARG A 322 12.10 45.48 8.03
C ARG A 322 13.40 45.60 8.82
N VAL A 323 13.29 46.03 10.08
CA VAL A 323 14.43 46.43 10.88
C VAL A 323 14.34 45.76 12.25
N ARG A 324 15.49 45.28 12.75
CA ARG A 324 15.64 44.80 14.11
C ARG A 324 16.81 45.51 14.77
N ILE A 325 16.66 45.80 16.06
CA ILE A 325 17.75 46.32 16.87
C ILE A 325 18.28 45.19 17.75
N ASP A 326 19.55 44.85 17.58
CA ASP A 326 20.20 43.87 18.44
C ASP A 326 20.77 44.61 19.64
N ASP A 327 19.97 44.69 20.71
CA ASP A 327 20.34 45.39 21.93
C ASP A 327 20.71 44.44 23.06
N ARG A 328 21.00 43.18 22.75
CA ARG A 328 21.32 42.21 23.78
C ARG A 328 22.59 42.60 24.52
N SER A 329 22.58 42.39 25.84
CA SER A 329 23.73 42.69 26.67
C SER A 329 24.67 41.49 26.74
N ASN A 330 25.91 41.76 27.18
CA ASN A 330 26.96 40.76 27.35
C ASN A 330 27.45 40.19 26.03
N TYR A 331 27.18 40.87 24.91
CA TYR A 331 27.73 40.53 23.61
C TYR A 331 28.49 41.74 23.08
N THR A 332 29.72 41.53 22.65
CA THR A 332 30.48 42.62 22.06
C THR A 332 29.93 42.97 20.68
N PRO A 333 30.11 44.21 20.22
CA PRO A 333 29.66 44.55 18.87
C PRO A 333 30.25 43.66 17.78
N GLY A 334 31.52 43.25 17.90
CA GLY A 334 32.08 42.36 16.90
C GLY A 334 31.36 41.02 16.85
N TRP A 335 31.02 40.48 18.02
CA TRP A 335 30.23 39.25 18.07
C TRP A 335 28.90 39.43 17.34
N LYS A 336 28.22 40.56 17.55
CA LYS A 336 26.94 40.78 16.89
C LYS A 336 27.12 40.95 15.39
N TYR A 337 28.18 41.65 14.97
CA TYR A 337 28.50 41.76 13.55
C TYR A 337 28.59 40.37 12.92
N ASN A 338 29.38 39.49 13.53
CA ASN A 338 29.56 38.16 12.96
C ASN A 338 28.26 37.35 13.01
N HIS A 339 27.50 37.49 14.09
CA HIS A 339 26.23 36.78 14.23
C HIS A 339 25.29 37.12 13.07
N TRP A 340 25.08 38.42 12.83
CA TRP A 340 24.17 38.82 11.76
C TRP A 340 24.78 38.66 10.38
N GLU A 341 26.10 38.61 10.26
CA GLU A 341 26.71 38.25 8.98
C GLU A 341 26.48 36.78 8.65
N VAL A 342 26.57 35.92 9.66
CA VAL A 342 26.27 34.51 9.45
C VAL A 342 24.81 34.32 9.08
N LYS A 343 23.91 35.05 9.75
CA LYS A 343 22.49 34.94 9.41
C LYS A 343 22.17 35.46 8.01
N GLY A 344 23.00 36.36 7.48
CA GLY A 344 22.82 36.82 6.12
C GLY A 344 22.03 38.10 5.95
N VAL A 345 21.85 38.87 7.02
CA VAL A 345 21.19 40.17 6.94
C VAL A 345 21.90 41.04 5.90
N PRO A 346 21.19 41.52 4.88
CA PRO A 346 21.87 42.23 3.78
C PRO A 346 22.50 43.54 4.19
N LEU A 347 21.97 44.23 5.20
CA LEU A 347 22.49 45.53 5.60
C LEU A 347 22.68 45.58 7.11
N ARG A 348 23.81 46.13 7.55
CA ARG A 348 24.09 46.34 8.96
C ARG A 348 24.24 47.83 9.23
N LEU A 349 23.52 48.34 10.22
CA LEU A 349 23.61 49.72 10.65
C LEU A 349 24.32 49.78 11.99
N GLU A 350 25.47 50.46 12.03
CA GLU A 350 26.25 50.66 13.23
C GLU A 350 26.06 52.09 13.71
N LEU A 351 25.73 52.24 14.98
CA LEU A 351 25.52 53.53 15.64
C LEU A 351 26.30 53.54 16.95
N GLY A 352 27.38 54.31 16.99
CA GLY A 352 28.17 54.44 18.19
C GLY A 352 28.24 55.88 18.67
N PRO A 353 29.04 56.13 19.72
CA PRO A 353 29.11 57.50 20.27
C PRO A 353 29.56 58.55 19.28
N LYS A 354 30.50 58.25 18.39
CA LYS A 354 30.90 59.23 17.37
C LYS A 354 29.77 59.50 16.40
N ASP A 355 29.13 58.43 15.91
CA ASP A 355 27.97 58.59 15.04
C ASP A 355 26.91 59.46 15.72
N LEU A 356 26.67 59.22 17.00
CA LEU A 356 25.77 60.07 17.77
C LEU A 356 26.25 61.51 17.80
N ALA A 357 27.57 61.72 17.82
CA ALA A 357 28.10 63.08 17.92
C ALA A 357 28.07 63.83 16.59
N LYS A 358 28.12 63.12 15.46
CA LYS A 358 28.17 63.76 14.15
C LYS A 358 26.88 63.60 13.36
N GLY A 359 25.85 63.00 13.95
CA GLY A 359 24.58 62.83 13.26
C GLY A 359 24.63 61.90 12.08
N THR A 360 25.51 60.90 12.11
CA THR A 360 25.65 59.95 11.02
C THR A 360 25.46 58.52 11.53
N ALA A 361 25.60 57.57 10.61
CA ALA A 361 25.57 56.15 10.92
C ALA A 361 26.36 55.42 9.86
N ARG A 362 26.96 54.30 10.24
CA ARG A 362 27.79 53.53 9.32
C ARG A 362 27.02 52.31 8.85
N VAL A 363 26.86 52.16 7.54
CA VAL A 363 26.07 51.07 6.96
C VAL A 363 27.00 50.18 6.16
N VAL A 364 26.99 48.88 6.46
CA VAL A 364 27.85 47.90 5.80
C VAL A 364 26.97 46.93 5.02
N ARG A 365 27.30 46.76 3.74
CA ARG A 365 26.65 45.75 2.91
C ARG A 365 27.18 44.37 3.26
N ARG A 366 26.26 43.40 3.30
CA ARG A 366 26.67 42.03 3.59
C ARG A 366 27.33 41.37 2.38
N ASP A 367 26.90 41.71 1.17
CA ASP A 367 27.35 40.98 -0.01
C ASP A 367 28.77 41.38 -0.42
N THR A 368 29.13 42.66 -0.29
CA THR A 368 30.45 43.13 -0.69
C THR A 368 31.30 43.61 0.48
N GLY A 369 30.70 43.95 1.62
CA GLY A 369 31.44 44.49 2.73
C GLY A 369 31.67 45.98 2.69
N GLU A 370 31.31 46.64 1.58
CA GLU A 370 31.54 48.07 1.46
C GLU A 370 30.78 48.84 2.53
N ALA A 371 31.43 49.87 3.08
CA ALA A 371 30.85 50.71 4.11
C ALA A 371 30.41 52.05 3.53
N TYR A 372 29.44 52.66 4.19
CA TYR A 372 28.89 53.96 3.79
C TYR A 372 28.63 54.78 5.03
N GLN A 373 29.09 56.03 5.03
CA GLN A 373 28.73 56.99 6.06
C GLN A 373 27.51 57.76 5.57
N ILE A 374 26.40 57.66 6.31
CA ILE A 374 25.13 58.26 5.88
C ILE A 374 24.58 59.09 7.03
N SER A 375 24.15 60.31 6.71
CA SER A 375 23.49 61.12 7.73
C SER A 375 22.09 60.57 8.00
N TRP A 376 21.57 60.90 9.18
CA TRP A 376 20.28 60.36 9.60
C TRP A 376 19.18 60.75 8.62
N ALA A 377 19.15 62.01 8.19
CA ALA A 377 18.10 62.49 7.30
C ALA A 377 18.03 61.69 6.00
N ASP A 378 19.18 61.24 5.49
CA ASP A 378 19.23 60.50 4.23
C ASP A 378 19.17 58.99 4.43
N LEU A 379 18.90 58.51 5.64
CA LEU A 379 19.02 57.07 5.90
C LEU A 379 18.02 56.27 5.07
N ALA A 380 16.74 56.63 5.13
CA ALA A 380 15.72 55.84 4.44
C ALA A 380 15.91 55.80 2.92
N PRO A 381 16.12 56.94 2.22
CA PRO A 381 16.37 56.84 0.76
C PRO A 381 17.56 55.97 0.43
N LYS A 382 18.73 56.33 0.96
CA LYS A 382 19.96 55.61 0.66
C LYS A 382 19.80 54.11 0.85
N LEU A 383 19.35 53.71 2.05
CA LEU A 383 19.15 52.29 2.33
C LEU A 383 18.28 51.63 1.26
N LEU A 384 17.16 52.27 0.93
CA LEU A 384 16.31 51.73 -0.14
C LEU A 384 17.14 51.48 -1.39
N GLU A 385 17.81 52.53 -1.87
CA GLU A 385 18.72 52.39 -3.00
C GLU A 385 19.61 51.17 -2.82
N LEU A 386 20.33 51.13 -1.69
CA LEU A 386 21.30 50.06 -1.48
C LEU A 386 20.64 48.70 -1.60
N MET A 387 19.47 48.52 -0.99
CA MET A 387 18.83 47.22 -1.02
C MET A 387 18.64 46.75 -2.45
N GLU A 388 18.08 47.62 -3.29
CA GLU A 388 17.88 47.20 -4.68
C GLU A 388 19.21 46.89 -5.34
N GLY A 389 20.20 47.75 -5.14
CA GLY A 389 21.54 47.44 -5.61
C GLY A 389 21.96 46.05 -5.20
N ILE A 390 21.88 45.77 -3.89
CA ILE A 390 22.26 44.45 -3.40
C ILE A 390 21.52 43.38 -4.19
N GLN A 391 20.18 43.47 -4.22
CA GLN A 391 19.40 42.47 -4.92
C GLN A 391 19.91 42.29 -6.33
N ARG A 392 20.05 43.40 -7.06
CA ARG A 392 20.44 43.28 -8.45
C ARG A 392 21.83 42.66 -8.55
N SER A 393 22.76 43.14 -7.72
CA SER A 393 24.11 42.57 -7.77
C SER A 393 24.05 41.08 -7.50
N LEU A 394 23.27 40.67 -6.50
CA LEU A 394 23.18 39.25 -6.17
C LEU A 394 22.77 38.44 -7.38
N PHE A 395 21.80 38.95 -8.15
CA PHE A 395 21.38 38.23 -9.34
C PHE A 395 22.51 38.20 -10.35
N GLU A 396 23.09 39.37 -10.64
CA GLU A 396 24.00 39.47 -11.77
C GLU A 396 25.18 38.53 -11.59
N LYS A 397 25.92 38.69 -10.49
CA LYS A 397 26.99 37.75 -10.16
C LYS A 397 26.54 36.31 -10.33
N ALA A 398 25.40 35.96 -9.71
CA ALA A 398 24.92 34.58 -9.79
C ALA A 398 24.75 34.16 -11.23
N LYS A 399 24.11 35.00 -12.06
CA LYS A 399 23.90 34.61 -13.44
C LYS A 399 25.23 34.41 -14.15
N ALA A 400 26.18 35.31 -13.91
CA ALA A 400 27.52 35.14 -14.48
C ALA A 400 28.05 33.75 -14.14
N ARG A 401 27.97 33.38 -12.85
CA ARG A 401 28.47 32.08 -12.45
C ARG A 401 27.72 30.97 -13.17
N LEU A 402 26.38 31.10 -13.26
CA LEU A 402 25.61 30.14 -14.03
C LEU A 402 26.18 30.01 -15.43
N HIS A 403 26.38 31.13 -16.11
CA HIS A 403 26.84 31.07 -17.49
C HIS A 403 28.28 30.58 -17.57
N GLU A 404 29.08 30.78 -16.51
CA GLU A 404 30.44 30.27 -16.56
C GLU A 404 30.50 28.80 -16.23
N GLY A 405 29.40 28.19 -15.79
CA GLY A 405 29.35 26.78 -15.48
C GLY A 405 28.82 25.91 -16.59
N ILE A 406 28.47 26.48 -17.74
CA ILE A 406 27.93 25.74 -18.88
C ILE A 406 28.98 25.74 -19.99
N GLU A 407 29.30 24.57 -20.50
CA GLU A 407 30.25 24.41 -21.60
C GLU A 407 29.52 23.92 -22.83
N LYS A 408 29.66 24.63 -23.94
CA LYS A 408 29.19 24.14 -25.22
C LYS A 408 30.22 23.16 -25.79
N ILE A 409 29.75 21.95 -26.12
CA ILE A 409 30.61 20.91 -26.64
C ILE A 409 30.06 20.40 -27.96
N SER A 410 30.92 19.76 -28.73
CA SER A 410 30.55 19.20 -30.03
C SER A 410 30.51 17.68 -30.05
N THR A 411 31.38 17.02 -29.28
CA THR A 411 31.52 15.57 -29.32
C THR A 411 31.47 15.00 -27.91
N PHE A 412 31.19 13.70 -27.84
CA PHE A 412 31.12 13.02 -26.55
C PHE A 412 32.47 13.03 -25.84
N ASP A 413 33.57 13.13 -26.59
CA ASP A 413 34.90 13.15 -25.99
C ASP A 413 35.06 14.28 -24.98
N GLU A 414 34.35 15.40 -25.19
CA GLU A 414 34.44 16.54 -24.30
C GLU A 414 33.56 16.40 -23.06
N VAL A 415 32.80 15.31 -22.93
CA VAL A 415 31.86 15.19 -21.83
C VAL A 415 32.60 15.01 -20.50
N MET A 416 33.38 13.94 -20.38
CA MET A 416 34.00 13.63 -19.11
C MET A 416 34.96 14.71 -18.60
N PRO A 417 35.81 15.32 -19.42
CA PRO A 417 36.58 16.47 -18.90
C PRO A 417 35.70 17.59 -18.37
N ALA A 418 34.70 18.00 -19.15
CA ALA A 418 33.81 19.08 -18.72
C ALA A 418 33.09 18.74 -17.43
N LEU A 419 32.69 17.47 -17.27
CA LEU A 419 32.07 17.06 -16.02
C LEU A 419 33.05 17.14 -14.86
N ASN A 420 34.33 16.80 -15.12
CA ASN A 420 35.32 16.83 -14.05
C ASN A 420 35.66 18.24 -13.62
N ARG A 421 35.42 19.24 -14.46
CA ARG A 421 35.51 20.64 -14.07
C ARG A 421 34.24 21.12 -13.35
N LYS A 422 33.38 20.17 -12.97
CA LYS A 422 32.09 20.45 -12.34
C LYS A 422 31.31 21.48 -13.13
N HIS A 423 31.02 21.12 -14.37
CA HIS A 423 30.31 21.97 -15.31
C HIS A 423 29.14 21.21 -15.92
N LEU A 424 28.12 21.96 -16.30
CA LEU A 424 27.10 21.40 -17.18
C LEU A 424 27.62 21.43 -18.61
N VAL A 425 27.00 20.62 -19.47
CA VAL A 425 27.36 20.58 -20.88
C VAL A 425 26.14 20.90 -21.72
N LEU A 426 26.32 21.81 -22.67
CA LEU A 426 25.31 22.10 -23.68
C LEU A 426 25.76 21.42 -24.97
N ALA A 427 24.91 20.53 -25.49
CA ALA A 427 25.34 19.70 -26.61
C ALA A 427 24.23 19.52 -27.63
N PRO A 428 24.57 19.49 -28.92
CA PRO A 428 23.56 19.19 -29.95
C PRO A 428 23.12 17.74 -29.83
N TRP A 429 21.83 17.52 -29.62
CA TRP A 429 21.33 16.18 -29.33
C TRP A 429 20.18 15.80 -30.25
N CYS A 430 20.20 14.55 -30.71
CA CYS A 430 19.21 14.01 -31.63
C CYS A 430 17.88 13.68 -30.96
N GLU A 431 17.83 13.65 -29.64
CA GLU A 431 16.59 13.51 -28.87
C GLU A 431 15.91 12.15 -29.07
N ASP A 432 16.73 11.06 -29.40
CA ASP A 432 15.95 9.83 -29.36
C ASP A 432 16.10 9.15 -28.00
N PRO A 433 15.05 8.48 -27.51
CA PRO A 433 15.05 8.04 -26.10
C PRO A 433 16.13 7.02 -25.77
N GLU A 434 16.55 6.17 -26.71
CA GLU A 434 17.57 5.18 -26.41
C GLU A 434 18.91 5.85 -26.09
N SER A 435 19.20 6.96 -26.76
CA SER A 435 20.49 7.62 -26.59
C SER A 435 20.68 8.14 -25.17
N GLU A 436 19.62 8.65 -24.53
CA GLU A 436 19.81 9.16 -23.17
C GLU A 436 20.11 8.04 -22.18
N GLU A 437 19.43 6.90 -22.30
CA GLU A 437 19.73 5.78 -21.42
C GLU A 437 21.15 5.29 -21.64
N GLN A 438 21.57 5.19 -22.91
CA GLN A 438 22.94 4.79 -23.22
C GLN A 438 23.95 5.79 -22.65
N ILE A 439 23.68 7.08 -22.78
CA ILE A 439 24.60 8.10 -22.33
C ILE A 439 24.70 8.09 -20.81
N LYS A 440 23.57 7.91 -20.13
CA LYS A 440 23.60 7.82 -18.67
C LYS A 440 24.44 6.64 -18.22
N LYS A 441 24.21 5.45 -18.80
CA LYS A 441 24.97 4.28 -18.39
C LYS A 441 26.46 4.45 -18.69
N GLU A 442 26.80 5.01 -19.85
CA GLU A 442 28.20 5.17 -20.21
C GLU A 442 28.89 6.17 -19.30
N THR A 443 28.26 7.33 -19.07
CA THR A 443 28.86 8.32 -18.17
C THR A 443 28.98 7.77 -16.76
N GLN A 444 28.04 6.94 -16.31
CA GLN A 444 28.16 6.36 -14.97
C GLN A 444 29.35 5.42 -14.89
N LYS A 445 29.50 4.54 -15.89
CA LYS A 445 30.65 3.63 -15.90
C LYS A 445 31.97 4.41 -15.93
N LEU A 446 32.05 5.41 -16.79
CA LEU A 446 33.25 6.25 -16.87
C LEU A 446 33.46 7.07 -15.61
N SER A 447 32.40 7.32 -14.84
CA SER A 447 32.56 8.02 -13.58
C SER A 447 33.15 7.10 -12.52
N GLU A 448 32.70 5.84 -12.48
CA GLU A 448 33.24 4.91 -11.50
C GLU A 448 34.70 4.58 -11.79
N ILE A 449 35.05 4.38 -13.06
CA ILE A 449 36.42 3.97 -13.35
C ILE A 449 37.41 5.09 -13.08
N GLN A 450 36.97 6.33 -12.99
CA GLN A 450 37.83 7.44 -12.60
C GLN A 450 37.83 7.68 -11.09
N ALA A 451 36.88 7.12 -10.36
CA ALA A 451 36.65 7.49 -8.97
C ALA A 451 37.86 7.22 -8.10
N ILE A 452 38.37 8.27 -7.47
CA ILE A 452 39.43 8.13 -6.48
C ILE A 452 38.87 8.43 -5.09
N THR A 462 25.14 7.81 -9.22
CA THR A 462 25.11 9.22 -8.85
C THR A 462 26.09 10.03 -9.70
N GLY A 463 27.05 9.35 -10.32
CA GLY A 463 27.93 9.99 -11.26
C GLY A 463 27.39 10.10 -12.66
N ALA A 464 26.19 9.57 -12.90
CA ALA A 464 25.61 9.57 -14.23
C ALA A 464 25.23 10.98 -14.65
N MET A 465 25.39 11.26 -15.94
CA MET A 465 24.98 12.52 -16.53
C MET A 465 23.69 12.30 -17.31
N LYS A 466 22.66 13.07 -16.97
CA LYS A 466 21.38 13.00 -17.66
C LYS A 466 21.03 14.38 -18.22
N THR A 467 20.01 14.41 -19.07
CA THR A 467 19.51 15.68 -19.58
C THR A 467 18.85 16.47 -18.46
N LEU A 468 19.21 17.75 -18.36
CA LEU A 468 18.50 18.64 -17.47
C LEU A 468 17.35 19.33 -18.18
N CYS A 469 17.57 19.81 -19.40
CA CYS A 469 16.46 20.42 -20.12
C CYS A 469 16.82 20.61 -21.58
N ILE A 470 15.79 20.87 -22.38
CA ILE A 470 16.00 21.39 -23.73
C ILE A 470 15.62 22.87 -23.67
N PRO A 471 16.60 23.77 -23.57
CA PRO A 471 16.29 25.17 -23.24
C PRO A 471 15.49 25.86 -24.32
N PHE A 472 14.53 26.70 -23.89
CA PHE A 472 13.83 27.57 -24.82
C PHE A 472 14.80 28.49 -25.53
N ASP A 473 15.80 29.00 -24.80
CA ASP A 473 16.81 29.90 -25.35
C ASP A 473 17.87 29.06 -26.06
N GLN A 474 17.72 28.91 -27.36
CA GLN A 474 18.58 28.02 -28.11
C GLN A 474 19.75 28.79 -28.72
N PRO A 475 20.99 28.38 -28.47
CA PRO A 475 22.13 28.95 -29.19
C PRO A 475 22.02 28.62 -30.67
N PRO A 476 22.77 29.33 -31.52
CA PRO A 476 22.69 29.03 -32.97
C PRO A 476 23.03 27.59 -33.27
N MET A 477 22.31 27.01 -34.23
CA MET A 477 22.52 25.64 -34.68
C MET A 477 22.91 25.68 -36.15
N PRO A 478 24.21 25.67 -36.45
CA PRO A 478 24.65 25.72 -37.86
C PRO A 478 24.11 24.54 -38.64
N GLU A 479 23.93 24.75 -39.95
CA GLU A 479 23.40 23.71 -40.81
C GLU A 479 24.31 22.49 -40.80
N GLY A 480 23.71 21.31 -40.70
CA GLY A 480 24.46 20.07 -40.74
C GLY A 480 25.13 19.65 -39.45
N THR A 481 24.77 20.27 -38.33
CA THR A 481 25.34 19.87 -37.05
C THR A 481 24.82 18.49 -36.66
N LYS A 482 25.72 17.62 -36.24
CA LYS A 482 25.39 16.25 -35.86
C LYS A 482 25.31 16.12 -34.35
N CYS A 483 24.54 15.14 -33.89
CA CYS A 483 24.37 14.90 -32.47
C CYS A 483 25.67 14.40 -31.86
N PHE A 484 26.01 14.94 -30.68
CA PHE A 484 27.31 14.70 -30.06
C PHE A 484 27.55 13.24 -29.70
N TYR A 485 26.51 12.40 -29.71
CA TYR A 485 26.64 11.00 -29.30
C TYR A 485 26.42 10.07 -30.49
N THR A 486 25.21 10.01 -31.02
CA THR A 486 24.87 9.06 -32.07
C THR A 486 25.41 9.46 -33.44
N GLY A 487 25.70 10.74 -33.65
CA GLY A 487 26.10 11.21 -34.96
C GLY A 487 24.96 11.45 -35.92
N LYS A 488 23.71 11.22 -35.51
CA LYS A 488 22.57 11.57 -36.33
C LYS A 488 22.44 13.09 -36.40
N PRO A 489 21.66 13.61 -37.36
CA PRO A 489 21.44 15.07 -37.41
C PRO A 489 20.88 15.60 -36.10
N ALA A 490 21.46 16.70 -35.63
CA ALA A 490 21.14 17.25 -34.32
C ALA A 490 19.95 18.20 -34.41
N LYS A 491 18.93 17.93 -33.61
CA LYS A 491 17.75 18.80 -33.57
C LYS A 491 18.04 20.09 -32.83
N ARG A 492 18.20 20.00 -31.51
CA ARG A 492 18.36 21.18 -30.67
C ARG A 492 19.53 20.99 -29.71
N TRP A 493 19.91 22.09 -29.08
CA TRP A 493 20.86 22.05 -27.98
C TRP A 493 20.15 21.56 -26.73
N THR A 494 20.77 20.61 -26.05
CA THR A 494 20.24 20.04 -24.81
C THR A 494 21.26 20.27 -23.70
N LEU A 495 20.75 20.65 -22.53
CA LEU A 495 21.54 20.87 -21.34
C LEU A 495 21.56 19.60 -20.51
N TRP A 496 22.77 19.04 -20.31
CA TRP A 496 23.06 17.84 -19.55
C TRP A 496 23.96 18.16 -18.37
N GLY A 497 23.94 17.26 -17.39
CA GLY A 497 24.88 17.32 -16.30
C GLY A 497 24.52 16.32 -15.23
N ARG A 498 25.38 16.23 -14.24
CA ARG A 498 25.03 15.55 -13.00
C ARG A 498 23.96 16.36 -12.28
N SER A 499 23.13 15.66 -11.51
CA SER A 499 21.90 16.27 -11.01
C SER A 499 21.65 15.90 -9.56
N TYR A 500 20.80 16.68 -8.92
CA TYR A 500 20.23 16.31 -7.62
C TYR A 500 19.04 15.40 -7.84
N MET B 3 -32.19 27.02 -3.71
CA MET B 3 -32.23 25.59 -4.03
C MET B 3 -32.26 24.82 -2.71
N VAL B 4 -31.78 25.46 -1.65
CA VAL B 4 -31.86 24.85 -0.33
C VAL B 4 -33.33 24.62 -0.02
N THR B 5 -33.70 23.37 0.21
CA THR B 5 -35.09 23.00 0.46
C THR B 5 -35.36 22.57 1.89
N ALA B 6 -34.43 21.88 2.53
CA ALA B 6 -34.54 21.66 3.96
C ALA B 6 -34.47 23.00 4.70
N LYS B 7 -35.16 23.09 5.82
CA LYS B 7 -35.30 24.35 6.53
C LYS B 7 -34.65 24.26 7.90
N LYS B 8 -34.02 25.37 8.29
CA LYS B 8 -33.03 25.36 9.37
C LYS B 8 -33.64 25.01 10.73
N ASP B 9 -34.91 25.34 10.96
CA ASP B 9 -35.54 25.07 12.24
C ASP B 9 -36.30 23.75 12.25
N GLU B 10 -36.21 22.95 11.19
CA GLU B 10 -36.84 21.64 11.18
C GLU B 10 -35.79 20.55 11.35
N ASN B 11 -35.06 20.22 10.28
CA ASN B 11 -33.94 19.28 10.36
C ASN B 11 -32.66 20.09 10.19
N PHE B 12 -31.99 20.38 11.31
CA PHE B 12 -30.81 21.23 11.29
C PHE B 12 -29.65 20.56 10.56
N SER B 13 -29.48 19.25 10.75
CA SER B 13 -28.39 18.53 10.10
C SER B 13 -28.55 18.53 8.57
N GLU B 14 -29.76 18.21 8.10
CA GLU B 14 -30.03 18.19 6.68
C GLU B 14 -29.82 19.58 6.08
N TRP B 15 -30.36 20.61 6.74
CA TRP B 15 -30.14 21.98 6.28
C TRP B 15 -28.66 22.30 6.20
N TYR B 16 -27.89 21.89 7.22
CA TYR B 16 -26.49 22.25 7.29
C TYR B 16 -25.71 21.64 6.14
N THR B 17 -25.90 20.34 5.90
CA THR B 17 -25.15 19.72 4.81
C THR B 17 -25.62 20.23 3.45
N GLN B 18 -26.93 20.47 3.29
CA GLN B 18 -27.41 21.08 2.05
C GLN B 18 -26.77 22.44 1.82
N ALA B 19 -26.66 23.24 2.88
CA ALA B 19 -26.11 24.59 2.75
C ALA B 19 -24.63 24.56 2.39
N ILE B 20 -23.86 23.69 3.04
CA ILE B 20 -22.42 23.66 2.74
C ILE B 20 -22.14 22.96 1.42
N VAL B 21 -23.04 22.12 0.91
CA VAL B 21 -22.80 21.45 -0.36
C VAL B 21 -23.27 22.30 -1.54
N ARG B 22 -24.44 22.91 -1.45
CA ARG B 22 -25.00 23.64 -2.58
C ARG B 22 -24.32 24.99 -2.79
N SER B 23 -23.74 25.57 -1.73
CA SER B 23 -22.96 26.79 -1.86
C SER B 23 -21.57 26.53 -2.41
N GLU B 24 -21.23 25.28 -2.72
CA GLU B 24 -19.94 24.89 -3.29
C GLU B 24 -18.79 25.15 -2.32
N MET B 25 -19.03 24.87 -1.04
CA MET B 25 -18.03 25.07 -0.01
C MET B 25 -17.35 23.78 0.43
N ILE B 26 -18.09 22.67 0.42
CA ILE B 26 -17.61 21.40 0.94
C ILE B 26 -17.93 20.32 -0.09
N GLU B 27 -16.99 19.41 -0.29
CA GLU B 27 -17.21 18.21 -1.09
C GLU B 27 -16.95 16.99 -0.21
N TYR B 28 -17.87 16.04 -0.23
CA TYR B 28 -17.71 14.87 0.62
C TYR B 28 -16.63 13.95 0.05
N TYR B 29 -16.08 13.13 0.94
CA TYR B 29 -14.85 12.38 0.67
C TYR B 29 -15.03 10.96 1.16
N ASP B 30 -14.38 10.01 0.47
CA ASP B 30 -14.61 8.60 0.76
C ASP B 30 -14.18 8.22 2.17
N ILE B 31 -13.17 8.89 2.71
CA ILE B 31 -12.74 8.63 4.08
C ILE B 31 -13.64 9.42 5.02
N SER B 32 -14.32 8.72 5.92
CA SER B 32 -15.29 9.36 6.80
C SER B 32 -14.60 10.28 7.79
N GLY B 33 -15.17 11.46 7.98
CA GLY B 33 -14.60 12.46 8.85
C GLY B 33 -13.71 13.48 8.17
N CYS B 34 -13.43 13.31 6.87
CA CYS B 34 -12.62 14.23 6.10
C CYS B 34 -13.43 14.80 4.95
N TYR B 35 -13.16 16.06 4.63
CA TYR B 35 -13.94 16.78 3.62
C TYR B 35 -13.02 17.65 2.79
N ILE B 36 -13.42 17.88 1.55
CA ILE B 36 -12.72 18.79 0.65
C ILE B 36 -13.24 20.19 0.89
N MET B 37 -12.34 21.11 1.22
CA MET B 37 -12.63 22.54 1.31
C MET B 37 -12.48 23.14 -0.09
N ARG B 38 -13.58 23.57 -0.67
CA ARG B 38 -13.57 24.17 -2.00
C ARG B 38 -13.25 25.65 -1.88
N PRO B 39 -12.86 26.30 -3.02
CA PRO B 39 -12.52 27.73 -2.99
C PRO B 39 -13.44 28.63 -2.16
N TRP B 40 -14.74 28.42 -2.24
CA TRP B 40 -15.67 29.33 -1.57
C TRP B 40 -15.46 29.33 -0.07
N ALA B 41 -15.13 28.18 0.52
CA ALA B 41 -14.86 28.14 1.95
C ALA B 41 -13.41 28.50 2.27
N PHE B 42 -12.48 28.07 1.43
CA PHE B 42 -11.07 28.33 1.72
C PHE B 42 -10.74 29.81 1.64
N HIS B 43 -11.48 30.59 0.84
CA HIS B 43 -11.22 32.02 0.80
C HIS B 43 -11.59 32.70 2.11
N ILE B 44 -12.69 32.28 2.74
CA ILE B 44 -13.04 32.78 4.06
C ILE B 44 -11.97 32.39 5.08
N TRP B 45 -11.49 31.14 4.98
CA TRP B 45 -10.37 30.74 5.83
C TRP B 45 -9.16 31.65 5.63
N GLU B 46 -8.88 32.02 4.38
CA GLU B 46 -7.74 32.90 4.10
C GLU B 46 -7.94 34.28 4.70
N LYS B 47 -9.16 34.80 4.67
CA LYS B 47 -9.43 36.10 5.27
C LYS B 47 -9.14 36.07 6.77
N VAL B 48 -9.72 35.10 7.48
CA VAL B 48 -9.50 35.07 8.93
C VAL B 48 -8.04 34.75 9.26
N GLN B 49 -7.38 33.95 8.42
CA GLN B 49 -5.96 33.66 8.63
C GLN B 49 -5.10 34.90 8.48
N ARG B 50 -5.37 35.71 7.44
CA ARG B 50 -4.62 36.95 7.27
C ARG B 50 -4.82 37.87 8.47
N PHE B 51 -6.08 38.02 8.91
CA PHE B 51 -6.35 38.86 10.08
C PHE B 51 -5.52 38.43 11.29
N PHE B 52 -5.65 37.15 11.66
CA PHE B 52 -4.99 36.67 12.87
C PHE B 52 -3.46 36.70 12.74
N ASP B 53 -2.94 36.35 11.57
CA ASP B 53 -1.50 36.36 11.35
C ASP B 53 -0.93 37.75 11.48
N ASP B 54 -1.58 38.74 10.86
CA ASP B 54 -1.16 40.13 11.02
C ASP B 54 -1.16 40.53 12.49
N GLU B 55 -2.27 40.23 13.19
CA GLU B 55 -2.39 40.69 14.57
C GLU B 55 -1.32 40.10 15.46
N ILE B 56 -1.03 38.80 15.32
CA ILE B 56 0.00 38.21 16.15
C ILE B 56 1.41 38.60 15.69
N LYS B 57 1.57 39.03 14.44
CA LYS B 57 2.86 39.58 14.04
C LYS B 57 3.09 40.95 14.65
N LYS B 58 2.02 41.70 14.92
CA LYS B 58 2.17 42.93 15.70
C LYS B 58 2.68 42.65 17.11
N MET B 59 2.38 41.47 17.65
CA MET B 59 2.82 41.07 18.98
C MET B 59 4.22 40.45 18.99
N GLY B 60 4.89 40.39 17.84
CA GLY B 60 6.20 39.78 17.78
C GLY B 60 6.21 38.28 17.69
N VAL B 61 5.06 37.64 17.47
CA VAL B 61 5.02 36.20 17.23
C VAL B 61 5.50 35.92 15.81
N GLU B 62 6.27 34.85 15.66
CA GLU B 62 6.83 34.50 14.37
C GLU B 62 6.37 33.11 13.96
N ASN B 63 6.18 32.93 12.65
CA ASN B 63 5.70 31.67 12.13
C ASN B 63 6.87 30.72 11.89
N SER B 64 6.59 29.42 12.05
CA SER B 64 7.57 28.37 11.88
C SER B 64 6.89 27.19 11.22
N TYR B 65 7.64 26.11 11.01
CA TYR B 65 7.02 24.86 10.59
C TYR B 65 7.84 23.70 11.14
N PHE B 66 7.24 22.93 12.02
CA PHE B 66 7.78 21.72 12.59
C PHE B 66 7.23 20.50 11.85
N PRO B 67 7.96 19.38 11.83
CA PRO B 67 7.47 18.20 11.10
C PRO B 67 6.13 17.72 11.61
N MET B 68 5.42 17.00 10.73
CA MET B 68 4.14 16.40 11.08
C MET B 68 4.28 15.00 11.67
N PHE B 69 5.50 14.47 11.72
CA PHE B 69 5.76 13.14 12.24
C PHE B 69 6.43 13.24 13.60
N VAL B 70 5.99 12.42 14.54
CA VAL B 70 6.62 12.32 15.84
C VAL B 70 6.90 10.85 16.14
N SER B 71 8.10 10.58 16.64
CA SER B 71 8.47 9.22 16.98
C SER B 71 7.56 8.70 18.08
N ARG B 72 7.34 7.38 18.08
CA ARG B 72 6.62 6.74 19.17
C ARG B 72 7.34 6.99 20.50
N HIS B 73 8.68 6.92 20.47
CA HIS B 73 9.54 7.33 21.58
C HIS B 73 9.06 8.60 22.25
N LYS B 74 9.02 9.71 21.50
CA LYS B 74 8.80 11.02 22.10
C LYS B 74 7.34 11.34 22.33
N LEU B 75 6.43 10.76 21.54
CA LEU B 75 5.01 11.04 21.75
C LEU B 75 4.51 10.40 23.05
N GLU B 76 5.00 9.21 23.37
CA GLU B 76 4.58 8.49 24.57
C GLU B 76 5.70 8.53 25.62
N LYS B 77 5.96 9.71 26.15
CA LYS B 77 7.00 9.84 27.16
C LYS B 77 6.60 9.21 28.50
N PHE B 85 -6.67 10.11 24.69
CA PHE B 85 -5.85 10.73 23.67
C PHE B 85 -5.15 9.68 22.81
N SER B 86 -4.66 8.61 23.46
CA SER B 86 -3.95 7.56 22.74
C SER B 86 -4.77 6.90 21.62
N PRO B 87 -6.08 6.65 21.76
CA PRO B 87 -6.80 6.01 20.65
C PRO B 87 -7.03 6.91 19.46
N GLU B 88 -6.74 8.21 19.56
CA GLU B 88 -6.97 9.14 18.47
C GLU B 88 -5.79 9.28 17.52
N VAL B 89 -4.63 8.71 17.86
CA VAL B 89 -3.41 8.95 17.12
C VAL B 89 -3.33 8.03 15.92
N ALA B 90 -3.10 8.60 14.75
CA ALA B 90 -2.87 7.82 13.53
C ALA B 90 -1.40 7.46 13.43
N TRP B 91 -1.13 6.21 13.06
CA TRP B 91 0.22 5.67 13.08
C TRP B 91 0.65 5.26 11.67
N VAL B 92 1.82 5.72 11.27
CA VAL B 92 2.45 5.26 10.04
C VAL B 92 3.31 4.05 10.38
N THR B 93 3.08 2.94 9.67
CA THR B 93 3.78 1.69 9.95
C THR B 93 4.55 1.14 8.75
N HIS B 94 4.28 1.62 7.54
CA HIS B 94 4.91 1.07 6.34
C HIS B 94 5.22 2.19 5.36
N TYR B 95 6.35 2.06 4.67
CA TYR B 95 6.63 2.82 3.46
C TYR B 95 6.71 1.84 2.31
N GLY B 96 5.85 2.01 1.32
CA GLY B 96 5.73 1.00 0.28
C GLY B 96 5.23 -0.29 0.89
N ASP B 97 6.01 -1.36 0.73
CA ASP B 97 5.71 -2.64 1.36
C ASP B 97 6.54 -2.90 2.60
N SER B 98 7.66 -2.21 2.77
CA SER B 98 8.54 -2.46 3.91
C SER B 98 7.95 -1.85 5.17
N PRO B 99 8.00 -2.56 6.29
CA PRO B 99 7.57 -1.96 7.56
C PRO B 99 8.66 -1.06 8.13
N LEU B 100 8.21 -0.01 8.82
CA LEU B 100 9.14 0.83 9.53
C LEU B 100 9.75 0.07 10.70
N PRO B 101 11.00 0.34 11.05
CA PRO B 101 11.56 -0.27 12.26
C PRO B 101 10.79 0.13 13.50
N GLU B 102 10.50 1.42 13.65
CA GLU B 102 9.62 1.93 14.70
C GLU B 102 8.50 2.73 14.04
N LYS B 103 7.27 2.51 14.49
CA LYS B 103 6.14 3.22 13.91
C LYS B 103 6.20 4.70 14.26
N ILE B 104 5.53 5.50 13.44
CA ILE B 104 5.62 6.96 13.48
C ILE B 104 4.22 7.53 13.55
N ALA B 105 4.00 8.49 14.45
CA ALA B 105 2.69 9.09 14.61
C ALA B 105 2.57 10.37 13.79
N ILE B 106 1.37 10.62 13.30
CA ILE B 106 1.02 11.88 12.65
C ILE B 106 0.59 12.86 13.73
N ARG B 107 1.07 14.10 13.62
CA ARG B 107 0.87 15.17 14.57
C ARG B 107 -0.60 15.32 14.97
N PRO B 108 -0.96 14.98 16.21
CA PRO B 108 -2.28 15.37 16.74
C PRO B 108 -2.24 16.73 17.41
N THR B 109 -1.04 17.25 17.65
CA THR B 109 -0.67 18.49 18.31
C THR B 109 0.84 18.43 18.49
N SER B 110 1.47 19.59 18.58
CA SER B 110 2.92 19.69 18.36
C SER B 110 3.74 19.84 19.63
N GLU B 111 3.15 19.66 20.81
CA GLU B 111 3.90 19.86 22.04
C GLU B 111 5.16 18.99 22.08
N THR B 112 4.99 17.68 21.84
CA THR B 112 6.13 16.77 21.88
C THR B 112 7.12 16.98 20.74
N ILE B 113 6.75 17.74 19.71
CA ILE B 113 7.67 18.04 18.62
C ILE B 113 8.40 19.36 18.87
N MET B 114 7.73 20.32 19.48
CA MET B 114 8.29 21.66 19.65
C MET B 114 9.10 21.81 20.93
N TYR B 115 8.65 21.21 22.04
CA TYR B 115 9.22 21.56 23.32
C TYR B 115 10.65 21.06 23.55
N PRO B 116 11.05 19.91 22.99
CA PRO B 116 12.50 19.60 23.01
C PRO B 116 13.35 20.65 22.33
N ALA B 117 12.89 21.16 21.19
CA ALA B 117 13.61 22.24 20.52
C ALA B 117 13.64 23.49 21.38
N TYR B 118 12.57 23.74 22.14
CA TYR B 118 12.57 24.85 23.09
C TYR B 118 13.62 24.65 24.16
N ALA B 119 13.72 23.42 24.69
CA ALA B 119 14.76 23.12 25.67
C ALA B 119 16.15 23.38 25.10
N LYS B 120 16.35 23.07 23.82
CA LYS B 120 17.66 23.29 23.22
C LYS B 120 17.94 24.77 22.98
N TRP B 121 16.92 25.52 22.55
CA TRP B 121 17.14 26.88 22.08
C TRP B 121 17.26 27.90 23.19
N ILE B 122 16.66 27.64 24.35
CA ILE B 122 16.59 28.62 25.43
C ILE B 122 17.66 28.32 26.46
N ARG B 123 18.51 29.31 26.72
CA ARG B 123 19.61 29.16 27.67
C ARG B 123 19.67 30.34 28.63
N SER B 124 19.31 31.52 28.15
CA SER B 124 19.48 32.76 28.91
C SER B 124 18.21 33.59 28.84
N HIS B 125 18.15 34.60 29.70
CA HIS B 125 17.07 35.57 29.65
C HIS B 125 17.08 36.36 28.35
N ARG B 126 18.23 36.43 27.67
CA ARG B 126 18.34 37.12 26.39
C ARG B 126 17.55 36.42 25.29
N ASP B 127 17.15 35.17 25.50
CA ASP B 127 16.38 34.42 24.50
C ASP B 127 14.88 34.55 24.72
N LEU B 128 14.43 35.11 25.84
CA LEU B 128 13.03 35.21 26.17
C LEU B 128 12.53 36.65 25.98
N PRO B 129 11.26 36.84 25.57
CA PRO B 129 10.29 35.76 25.32
C PRO B 129 10.48 35.10 23.96
N LEU B 130 10.20 33.80 23.90
CA LEU B 130 10.22 33.04 22.66
C LEU B 130 8.78 32.80 22.21
N LYS B 131 8.41 33.34 21.06
CA LYS B 131 7.02 33.31 20.59
C LYS B 131 6.98 32.70 19.19
N LEU B 132 6.48 31.47 19.08
CA LEU B 132 6.35 30.82 17.79
C LEU B 132 4.89 30.48 17.51
N ASN B 133 4.53 30.48 16.24
CA ASN B 133 3.21 30.08 15.78
C ASN B 133 3.39 29.23 14.53
N GLN B 134 2.44 28.33 14.28
CA GLN B 134 2.49 27.60 13.03
C GLN B 134 1.08 27.28 12.55
N TRP B 135 0.89 27.48 11.25
CA TRP B 135 -0.33 27.10 10.55
C TRP B 135 -0.11 25.73 9.93
N CYS B 136 -0.90 24.74 10.34
CA CYS B 136 -0.71 23.41 9.79
C CYS B 136 -2.04 22.66 9.85
N SER B 137 -2.00 21.41 9.39
CA SER B 137 -3.12 20.50 9.52
C SER B 137 -2.84 19.51 10.65
N VAL B 138 -3.92 18.97 11.20
CA VAL B 138 -3.88 18.09 12.35
C VAL B 138 -4.76 16.89 12.07
N VAL B 139 -4.31 15.72 12.47
CA VAL B 139 -5.05 14.48 12.30
C VAL B 139 -5.35 13.90 13.68
N ARG B 140 -6.63 13.74 13.99
CA ARG B 140 -7.08 13.01 15.17
C ARG B 140 -8.22 12.12 14.74
N TRP B 141 -8.11 10.81 15.02
CA TRP B 141 -9.15 9.87 14.62
C TRP B 141 -10.29 9.97 15.62
N GLU B 142 -11.14 10.98 15.42
CA GLU B 142 -12.22 11.27 16.34
C GLU B 142 -13.21 10.11 16.42
N PHE B 143 -13.62 9.77 17.64
CA PHE B 143 -14.65 8.77 17.83
C PHE B 143 -16.05 9.36 17.71
N LYS B 144 -16.22 10.61 18.14
CA LYS B 144 -17.52 11.27 18.04
C LYS B 144 -17.96 11.36 16.58
N GLN B 145 -19.26 11.58 16.39
CA GLN B 145 -19.81 11.74 15.06
C GLN B 145 -19.20 12.95 14.38
N PRO B 146 -18.59 12.80 13.21
CA PRO B 146 -17.94 13.95 12.57
C PRO B 146 -18.96 14.92 11.97
N THR B 147 -18.59 16.19 11.97
CA THR B 147 -19.36 17.25 11.32
C THR B 147 -18.40 18.08 10.49
N PRO B 148 -18.73 18.39 9.24
CA PRO B 148 -17.87 19.27 8.43
C PRO B 148 -17.59 20.57 9.16
N PHE B 149 -16.31 20.92 9.23
CA PHE B 149 -15.76 22.08 9.94
C PHE B 149 -15.72 21.86 11.46
N LEU B 150 -16.87 21.55 12.07
CA LEU B 150 -16.97 21.55 13.52
C LEU B 150 -16.11 20.46 14.16
N ARG B 151 -16.14 19.25 13.61
CA ARG B 151 -15.33 18.16 14.14
C ARG B 151 -14.96 17.24 12.98
N THR B 152 -13.70 17.30 12.57
CA THR B 152 -13.20 16.51 11.45
C THR B 152 -11.94 15.77 11.90
N ARG B 153 -11.60 14.71 11.17
CA ARG B 153 -10.41 13.93 11.54
C ARG B 153 -9.13 14.57 11.03
N GLU B 154 -9.19 15.28 9.91
CA GLU B 154 -8.15 16.21 9.52
C GLU B 154 -8.74 17.61 9.54
N PHE B 155 -8.05 18.54 10.21
CA PHE B 155 -8.52 19.91 10.25
C PHE B 155 -7.33 20.87 10.21
N LEU B 156 -7.56 22.05 9.67
CA LEU B 156 -6.55 23.09 9.62
C LEU B 156 -6.64 23.94 10.88
N TRP B 157 -5.49 24.34 11.40
CA TRP B 157 -5.48 25.23 12.55
C TRP B 157 -4.21 26.06 12.55
N GLN B 158 -4.17 27.02 13.46
CA GLN B 158 -2.92 27.57 13.95
C GLN B 158 -2.75 27.17 15.41
N GLU B 159 -1.51 26.83 15.75
CA GLU B 159 -1.11 26.60 17.14
C GLU B 159 0.09 27.49 17.45
N GLY B 160 -0.05 28.29 18.49
CA GLY B 160 1.02 29.16 18.96
C GLY B 160 1.50 28.69 20.32
N HIS B 161 2.83 28.77 20.52
CA HIS B 161 3.49 28.37 21.74
C HIS B 161 4.53 29.44 22.10
N THR B 162 4.45 29.93 23.33
CA THR B 162 5.38 30.95 23.80
C THR B 162 5.96 30.56 25.15
N ALA B 163 7.14 31.09 25.43
CA ALA B 163 7.86 30.87 26.67
C ALA B 163 8.38 32.20 27.18
N HIS B 164 8.12 32.49 28.46
CA HIS B 164 8.44 33.77 29.07
C HIS B 164 9.23 33.56 30.34
N ALA B 165 9.85 34.65 30.81
CA ALA B 165 10.64 34.60 32.04
C ALA B 165 9.76 34.66 33.29
N THR B 166 8.59 35.28 33.20
CA THR B 166 7.71 35.47 34.34
C THR B 166 6.29 35.06 33.99
N GLU B 167 5.52 34.71 35.03
CA GLU B 167 4.13 34.32 34.83
C GLU B 167 3.26 35.51 34.43
N GLU B 168 3.59 36.71 34.91
CA GLU B 168 2.84 37.90 34.53
C GLU B 168 2.81 38.06 33.01
N GLU B 169 3.99 38.01 32.38
CA GLU B 169 4.07 38.23 30.94
C GLU B 169 3.32 37.13 30.18
N ALA B 170 3.48 35.88 30.61
CA ALA B 170 2.79 34.77 29.97
C ALA B 170 1.28 34.94 30.04
N TRP B 171 0.76 35.32 31.22
CA TRP B 171 -0.67 35.49 31.38
C TRP B 171 -1.20 36.68 30.57
N GLU B 172 -0.42 37.76 30.52
CA GLU B 172 -0.79 38.89 29.68
C GLU B 172 -0.90 38.45 28.21
N LEU B 173 0.02 37.61 27.77
CA LEU B 173 -0.06 37.11 26.39
C LEU B 173 -1.27 36.19 26.19
N VAL B 174 -1.58 35.37 27.20
CA VAL B 174 -2.77 34.52 27.13
C VAL B 174 -4.02 35.37 26.90
N LEU B 175 -4.15 36.44 27.68
CA LEU B 175 -5.32 37.31 27.56
C LEU B 175 -5.33 38.05 26.22
N ASP B 176 -4.15 38.48 25.75
CA ASP B 176 -4.07 39.13 24.44
C ASP B 176 -4.54 38.19 23.34
N ILE B 177 -4.09 36.93 23.36
CA ILE B 177 -4.47 35.98 22.33
C ILE B 177 -5.97 35.71 22.39
N LEU B 178 -6.53 35.60 23.60
CA LEU B 178 -7.98 35.36 23.70
C LEU B 178 -8.77 36.55 23.19
N GLU B 179 -8.27 37.76 23.40
CA GLU B 179 -8.92 38.92 22.79
C GLU B 179 -8.84 38.87 21.28
N LEU B 180 -7.72 38.39 20.75
CA LEU B 180 -7.61 38.21 19.30
C LEU B 180 -8.63 37.19 18.79
N TYR B 181 -8.87 36.13 19.56
CA TYR B 181 -9.88 35.15 19.16
C TYR B 181 -11.28 35.76 19.20
N ARG B 182 -11.55 36.59 20.21
CA ARG B 182 -12.82 37.29 20.25
C ARG B 182 -13.00 38.19 19.03
N ARG B 183 -11.92 38.83 18.58
CA ARG B 183 -12.03 39.66 17.39
C ARG B 183 -12.18 38.80 16.13
N TRP B 184 -11.50 37.66 16.09
CA TRP B 184 -11.64 36.70 15.00
C TRP B 184 -13.10 36.32 14.81
N TYR B 185 -13.79 35.98 15.90
CA TYR B 185 -15.17 35.53 15.79
C TYR B 185 -16.16 36.70 15.65
N GLU B 186 -15.99 37.74 16.45
CA GLU B 186 -16.96 38.82 16.55
C GLU B 186 -16.72 39.93 15.51
N GLU B 187 -15.47 40.27 15.24
CA GLU B 187 -15.19 41.36 14.30
C GLU B 187 -15.21 40.89 12.84
N CYS B 188 -14.69 39.70 12.55
CA CYS B 188 -14.69 39.19 11.19
C CYS B 188 -15.92 38.34 10.89
N LEU B 189 -16.14 37.28 11.66
CA LEU B 189 -17.21 36.33 11.41
C LEU B 189 -18.55 36.76 11.96
N ALA B 190 -18.60 37.89 12.68
CA ALA B 190 -19.85 38.41 13.25
C ALA B 190 -20.55 37.39 14.13
N VAL B 191 -19.78 36.53 14.78
CA VAL B 191 -20.30 35.51 15.68
C VAL B 191 -20.01 35.94 17.11
N PRO B 192 -21.03 36.09 17.97
CA PRO B 192 -20.77 36.47 19.36
C PRO B 192 -20.26 35.29 20.17
N VAL B 193 -19.31 35.57 21.05
CA VAL B 193 -18.65 34.55 21.86
C VAL B 193 -18.54 35.05 23.30
N ILE B 194 -18.33 34.11 24.22
CA ILE B 194 -18.20 34.41 25.64
C ILE B 194 -16.80 33.99 26.09
N LYS B 195 -16.05 34.93 26.63
CA LYS B 195 -14.77 34.62 27.25
C LYS B 195 -15.00 33.97 28.60
N GLY B 196 -14.17 32.98 28.92
CA GLY B 196 -14.28 32.34 30.23
C GLY B 196 -13.06 31.47 30.48
N GLU B 197 -13.05 30.83 31.65
CA GLU B 197 -12.03 29.87 31.99
C GLU B 197 -12.67 28.50 32.20
N LYS B 198 -11.92 27.45 31.89
CA LYS B 198 -12.44 26.10 32.02
C LYS B 198 -12.36 25.62 33.46
N SER B 199 -13.29 24.74 33.81
CA SER B 199 -13.20 24.06 35.09
C SER B 199 -11.99 23.12 35.09
N GLU B 200 -11.60 22.69 36.29
CA GLU B 200 -10.42 21.85 36.41
C GLU B 200 -10.59 20.50 35.74
N GLY B 201 -11.83 20.05 35.54
CA GLY B 201 -12.10 18.81 34.84
C GLY B 201 -12.17 18.91 33.33
N GLU B 202 -12.21 20.14 32.79
CA GLU B 202 -12.23 20.35 31.36
C GLU B 202 -11.03 21.11 30.83
N LYS B 203 -10.21 21.70 31.69
CA LYS B 203 -9.03 22.40 31.24
C LYS B 203 -8.02 21.43 30.66
N PHE B 204 -7.08 21.98 29.87
CA PHE B 204 -5.98 21.19 29.35
C PHE B 204 -5.16 20.63 30.52
N ALA B 205 -5.09 19.30 30.60
CA ALA B 205 -4.51 18.66 31.78
C ALA B 205 -3.03 18.95 31.95
N GLY B 206 -2.34 19.36 30.89
CA GLY B 206 -0.93 19.68 30.97
C GLY B 206 -0.63 21.11 31.36
N GLY B 207 -1.64 21.92 31.68
CA GLY B 207 -1.45 23.32 31.96
C GLY B 207 -2.02 23.72 33.31
N LYS B 208 -1.81 24.99 33.64
CA LYS B 208 -2.28 25.54 34.92
C LYS B 208 -3.68 26.12 34.81
N LYS B 209 -3.91 26.98 33.82
CA LYS B 209 -5.23 27.57 33.59
C LYS B 209 -5.51 27.61 32.09
N THR B 210 -6.75 27.30 31.73
CA THR B 210 -7.20 27.29 30.35
C THR B 210 -8.30 28.33 30.18
N THR B 211 -8.05 29.33 29.34
CA THR B 211 -9.08 30.27 28.94
C THR B 211 -9.67 29.84 27.60
N THR B 212 -10.88 30.30 27.34
CA THR B 212 -11.64 29.85 26.19
C THR B 212 -12.62 30.93 25.77
N VAL B 213 -13.08 30.82 24.52
CA VAL B 213 -14.23 31.55 24.01
C VAL B 213 -15.25 30.52 23.56
N GLU B 214 -16.51 30.75 23.90
CA GLU B 214 -17.56 29.76 23.67
C GLU B 214 -18.69 30.38 22.85
N ALA B 215 -19.16 29.62 21.86
CA ALA B 215 -20.28 30.00 21.01
C ALA B 215 -21.45 29.07 21.26
N PHE B 216 -22.59 29.40 20.66
CA PHE B 216 -23.84 28.71 20.95
C PHE B 216 -24.62 28.48 19.66
N ILE B 217 -24.99 27.23 19.40
CA ILE B 217 -25.83 26.88 18.27
C ILE B 217 -27.25 26.70 18.79
N PRO B 218 -28.17 27.62 18.49
CA PRO B 218 -29.51 27.56 19.11
C PRO B 218 -30.42 26.49 18.54
N GLU B 219 -30.18 26.04 17.31
CA GLU B 219 -31.11 25.10 16.68
C GLU B 219 -31.06 23.72 17.32
N ASN B 220 -29.92 23.34 17.89
CA ASN B 220 -29.83 22.16 18.73
C ASN B 220 -29.42 22.51 20.16
N GLY B 221 -29.35 23.80 20.47
CA GLY B 221 -29.08 24.25 21.82
C GLY B 221 -27.73 23.83 22.38
N ARG B 222 -26.72 23.70 21.53
CA ARG B 222 -25.45 23.14 21.95
C ARG B 222 -24.36 24.21 21.94
N GLY B 223 -23.63 24.31 23.05
CA GLY B 223 -22.47 25.16 23.08
C GLY B 223 -21.27 24.51 22.42
N ILE B 224 -20.33 25.34 21.98
CA ILE B 224 -19.17 24.84 21.26
C ILE B 224 -17.97 25.73 21.59
N GLN B 225 -16.86 25.10 21.94
CA GLN B 225 -15.62 25.83 22.16
C GLN B 225 -15.08 26.35 20.83
N ALA B 226 -14.99 27.68 20.71
CA ALA B 226 -14.58 28.31 19.48
C ALA B 226 -13.07 28.44 19.34
N ALA B 227 -12.37 28.60 20.45
CA ALA B 227 -10.92 28.74 20.47
C ALA B 227 -10.46 28.62 21.91
N THR B 228 -9.14 28.46 22.10
CA THR B 228 -8.61 28.20 23.43
C THR B 228 -7.21 28.79 23.56
N SER B 229 -6.85 29.10 24.81
CA SER B 229 -5.58 29.78 25.10
C SER B 229 -5.18 29.42 26.53
N HIS B 230 -4.11 28.64 26.66
CA HIS B 230 -3.73 28.06 27.94
C HIS B 230 -2.57 28.80 28.57
N LEU B 231 -2.67 29.08 29.86
CA LEU B 231 -1.51 29.42 30.68
C LEU B 231 -0.95 28.10 31.19
N LEU B 232 0.13 27.62 30.56
CA LEU B 232 0.66 26.31 30.89
C LEU B 232 1.42 26.30 32.20
N GLY B 233 1.85 27.45 32.70
CA GLY B 233 2.64 27.46 33.92
C GLY B 233 4.05 26.98 33.61
N THR B 234 4.56 26.09 34.45
CA THR B 234 5.93 25.62 34.32
C THR B 234 6.09 24.10 34.25
N ASN B 235 4.99 23.33 34.24
CA ASN B 235 5.13 21.88 34.31
C ASN B 235 5.70 21.31 33.02
N PHE B 236 5.34 21.89 31.87
CA PHE B 236 5.97 21.48 30.62
C PHE B 236 7.46 21.81 30.64
N ALA B 237 7.81 22.93 31.27
CA ALA B 237 9.22 23.28 31.43
C ALA B 237 9.95 22.26 32.30
N LYS B 238 9.29 21.77 33.36
CA LYS B 238 9.86 20.68 34.16
C LYS B 238 10.05 19.43 33.33
N MET B 239 9.02 19.06 32.57
CA MET B 239 9.02 17.77 31.87
C MET B 239 10.02 17.75 30.72
N PHE B 240 10.20 18.87 30.03
CA PHE B 240 11.14 18.94 28.91
C PHE B 240 12.44 19.64 29.26
N GLU B 241 12.58 20.13 30.50
CA GLU B 241 13.79 20.80 30.96
C GLU B 241 14.10 22.04 30.13
N ILE B 242 13.13 22.95 30.07
CA ILE B 242 13.27 24.23 29.41
C ILE B 242 13.58 25.25 30.48
N GLU B 243 14.87 25.56 30.66
CA GLU B 243 15.33 26.41 31.75
C GLU B 243 16.30 27.45 31.20
N PHE B 244 16.38 28.57 31.93
CA PHE B 244 17.19 29.71 31.51
C PHE B 244 17.89 30.31 32.71
N GLU B 245 19.04 30.93 32.46
CA GLU B 245 19.74 31.71 33.47
C GLU B 245 19.19 33.13 33.48
N ASP B 246 18.85 33.63 34.67
CA ASP B 246 18.42 35.02 34.78
C ASP B 246 19.66 35.91 34.88
N GLU B 247 19.45 37.20 35.13
CA GLU B 247 20.57 38.14 35.18
C GLU B 247 21.41 38.00 36.44
N GLU B 248 20.95 37.22 37.42
CA GLU B 248 21.72 36.95 38.63
C GLU B 248 22.47 35.61 38.55
N GLY B 249 22.38 34.91 37.42
CA GLY B 249 23.02 33.63 37.27
C GLY B 249 22.21 32.45 37.76
N HIS B 250 20.97 32.66 38.19
CA HIS B 250 20.16 31.60 38.77
C HIS B 250 19.34 30.90 37.68
N LYS B 251 19.25 29.59 37.78
CA LYS B 251 18.51 28.79 36.81
C LYS B 251 17.03 28.75 37.18
N ARG B 252 16.18 29.12 36.21
CA ARG B 252 14.74 29.19 36.43
C ARG B 252 14.02 28.52 35.26
N LEU B 253 12.82 28.02 35.56
CA LEU B 253 11.98 27.46 34.52
C LEU B 253 11.23 28.56 33.78
N VAL B 254 10.87 28.28 32.54
CA VAL B 254 10.09 29.22 31.75
C VAL B 254 8.62 29.04 32.06
N HIS B 255 7.85 30.11 31.89
CA HIS B 255 6.40 30.06 31.99
C HIS B 255 5.84 30.06 30.57
N GLN B 256 5.09 29.01 30.23
CA GLN B 256 4.71 28.78 28.85
C GLN B 256 3.23 29.02 28.64
N THR B 257 2.89 29.37 27.41
CA THR B 257 1.51 29.47 26.96
C THR B 257 1.38 28.74 25.63
N SER B 258 0.19 28.22 25.37
CA SER B 258 -0.15 27.67 24.07
C SER B 258 -1.60 28.00 23.77
N TRP B 259 -1.88 28.18 22.49
CA TRP B 259 -3.19 28.63 22.03
C TRP B 259 -3.41 28.09 20.63
N GLY B 260 -4.67 27.86 20.28
CA GLY B 260 -4.95 27.26 18.99
C GLY B 260 -6.37 27.53 18.55
N CYS B 261 -6.56 27.55 17.22
CA CYS B 261 -7.90 27.70 16.69
C CYS B 261 -7.93 27.22 15.25
N THR B 262 -9.08 26.66 14.85
CA THR B 262 -9.18 25.79 13.68
C THR B 262 -10.28 26.26 12.74
N THR B 263 -10.43 25.52 11.64
CA THR B 263 -11.49 25.74 10.65
C THR B 263 -12.88 25.60 11.24
N ARG B 264 -13.01 25.06 12.45
CA ARG B 264 -14.31 24.99 13.11
C ARG B 264 -15.02 26.34 13.08
N SER B 265 -14.27 27.44 13.20
CA SER B 265 -14.87 28.77 13.17
C SER B 265 -15.78 28.95 11.97
N LEU B 266 -15.32 28.51 10.79
CA LEU B 266 -16.13 28.63 9.59
C LEU B 266 -17.50 28.00 9.80
N GLY B 267 -17.53 26.76 10.31
CA GLY B 267 -18.79 26.13 10.60
C GLY B 267 -19.65 26.96 11.54
N VAL B 268 -19.05 27.49 12.60
CA VAL B 268 -19.81 28.29 13.56
C VAL B 268 -20.37 29.53 12.88
N MET B 269 -19.69 30.03 11.85
CA MET B 269 -20.26 31.13 11.08
C MET B 269 -21.49 30.67 10.30
N ILE B 270 -21.38 29.53 9.62
CA ILE B 270 -22.47 29.08 8.76
C ILE B 270 -23.74 28.85 9.56
N MET B 271 -23.62 28.11 10.66
CA MET B 271 -24.77 27.84 11.50
C MET B 271 -25.33 29.12 12.13
N THR B 272 -24.54 30.18 12.20
CA THR B 272 -24.97 31.39 12.88
C THR B 272 -25.79 32.30 11.97
N HIS B 273 -25.30 32.54 10.75
CA HIS B 273 -25.94 33.48 9.83
C HIS B 273 -26.70 32.82 8.70
N GLY B 274 -26.60 31.50 8.54
CA GLY B 274 -27.32 30.84 7.47
C GLY B 274 -28.83 30.87 7.70
N ASP B 275 -29.57 31.04 6.61
CA ASP B 275 -31.02 30.99 6.70
C ASP B 275 -31.56 29.90 5.78
N ASP B 276 -32.86 29.94 5.49
CA ASP B 276 -33.47 28.88 4.71
C ASP B 276 -33.18 28.99 3.21
N LYS B 277 -32.63 30.11 2.75
CA LYS B 277 -32.18 30.23 1.37
C LYS B 277 -30.71 29.89 1.20
N GLY B 278 -30.02 29.58 2.29
CA GLY B 278 -28.62 29.17 2.21
C GLY B 278 -27.69 29.96 3.09
N LEU B 279 -26.52 30.29 2.55
CA LEU B 279 -25.49 31.00 3.31
C LEU B 279 -25.76 32.49 3.34
N VAL B 280 -25.23 33.13 4.38
CA VAL B 280 -25.09 34.59 4.44
C VAL B 280 -23.69 34.86 4.98
N ILE B 281 -22.81 35.36 4.12
CA ILE B 281 -21.43 35.64 4.50
C ILE B 281 -21.31 37.06 5.01
N PRO B 282 -20.73 37.28 6.19
CA PRO B 282 -20.48 38.64 6.65
C PRO B 282 -19.55 39.37 5.68
N PRO B 283 -19.87 40.61 5.33
CA PRO B 283 -19.09 41.31 4.30
C PRO B 283 -17.60 41.40 4.58
N ARG B 284 -17.20 41.36 5.85
CA ARG B 284 -15.78 41.49 6.17
C ARG B 284 -14.98 40.25 5.76
N VAL B 285 -15.62 39.09 5.59
CA VAL B 285 -14.93 37.88 5.20
C VAL B 285 -15.40 37.36 3.84
N ALA B 286 -16.15 38.15 3.09
CA ALA B 286 -16.70 37.71 1.82
C ALA B 286 -15.71 37.98 0.70
N SER B 287 -15.31 36.91 -0.01
CA SER B 287 -14.50 37.07 -1.21
C SER B 287 -15.15 38.02 -2.20
N VAL B 288 -16.46 37.93 -2.34
CA VAL B 288 -17.25 38.77 -3.23
C VAL B 288 -18.26 39.49 -2.36
N GLN B 289 -18.12 40.82 -2.24
CA GLN B 289 -19.07 41.59 -1.46
C GLN B 289 -20.25 42.08 -2.29
N VAL B 290 -20.00 42.40 -3.57
CA VAL B 290 -21.03 42.85 -4.48
C VAL B 290 -20.86 42.07 -5.77
N VAL B 291 -21.91 41.36 -6.19
CA VAL B 291 -21.95 40.71 -7.49
C VAL B 291 -22.83 41.54 -8.41
N ILE B 292 -22.32 41.83 -9.60
CA ILE B 292 -23.04 42.62 -10.60
C ILE B 292 -23.61 41.64 -11.62
N ILE B 293 -24.93 41.64 -11.77
CA ILE B 293 -25.63 40.73 -12.67
C ILE B 293 -26.28 41.56 -13.77
N PRO B 294 -25.78 41.50 -15.00
CA PRO B 294 -26.47 42.18 -16.10
C PRO B 294 -27.72 41.39 -16.50
N ILE B 295 -28.78 42.13 -16.83
CA ILE B 295 -30.03 41.54 -17.30
C ILE B 295 -30.06 41.69 -18.81
N LEU B 296 -29.84 40.59 -19.53
CA LEU B 296 -29.82 40.56 -20.98
C LEU B 296 -30.87 39.57 -21.47
N PHE B 297 -31.80 40.04 -22.29
CA PHE B 297 -32.93 39.25 -22.75
C PHE B 297 -33.34 39.74 -24.13
N LYS B 298 -33.69 38.80 -25.02
CA LYS B 298 -34.06 39.03 -26.42
C LYS B 298 -33.27 40.15 -27.08
N ASP B 299 -31.95 40.21 -26.81
CA ASP B 299 -31.07 41.23 -27.35
C ASP B 299 -31.62 42.63 -27.13
N GLU B 300 -31.47 43.18 -25.93
CA GLU B 300 -31.82 44.58 -25.66
C GLU B 300 -30.69 45.24 -24.90
N ASN B 301 -29.93 46.12 -25.57
CA ASN B 301 -28.90 46.95 -24.95
C ASN B 301 -27.80 46.13 -24.29
N THR B 302 -27.44 45.00 -24.92
CA THR B 302 -26.42 44.11 -24.37
C THR B 302 -25.11 44.86 -24.13
N GLY B 303 -24.57 45.48 -25.17
CA GLY B 303 -23.27 46.14 -25.03
C GLY B 303 -23.27 47.29 -24.05
N GLU B 304 -24.32 48.11 -24.07
CA GLU B 304 -24.38 49.25 -23.15
C GLU B 304 -24.49 48.79 -21.70
N ILE B 305 -25.36 47.81 -21.44
CA ILE B 305 -25.49 47.25 -20.10
C ILE B 305 -24.15 46.70 -19.63
N LEU B 306 -23.47 45.94 -20.49
CA LEU B 306 -22.20 45.34 -20.08
C LEU B 306 -21.14 46.41 -19.83
N GLY B 307 -21.07 47.44 -20.66
CA GLY B 307 -20.09 48.48 -20.47
C GLY B 307 -20.29 49.26 -19.18
N LYS B 308 -21.55 49.59 -18.87
CA LYS B 308 -21.80 50.28 -17.61
C LYS B 308 -21.56 49.36 -16.42
N CYS B 309 -21.77 48.05 -16.59
CA CYS B 309 -21.37 47.11 -15.55
C CYS B 309 -19.87 47.19 -15.28
N ARG B 310 -19.08 47.22 -16.35
CA ARG B 310 -17.63 47.32 -16.21
C ARG B 310 -17.23 48.60 -15.48
N GLU B 311 -17.82 49.73 -15.89
CA GLU B 311 -17.40 50.98 -15.26
C GLU B 311 -17.94 51.12 -13.84
N LEU B 312 -19.08 50.50 -13.54
CA LEU B 312 -19.54 50.42 -12.15
C LEU B 312 -18.58 49.62 -11.30
N LYS B 313 -18.07 48.50 -11.84
CA LYS B 313 -17.07 47.72 -11.13
C LYS B 313 -15.82 48.57 -10.85
N THR B 314 -15.35 49.27 -11.87
CA THR B 314 -14.21 50.18 -11.69
C THR B 314 -14.49 51.17 -10.55
N MET B 315 -15.61 51.89 -10.63
CA MET B 315 -15.98 52.89 -9.62
C MET B 315 -16.00 52.26 -8.23
N LEU B 316 -16.62 51.10 -8.08
CA LEU B 316 -16.76 50.49 -6.75
C LEU B 316 -15.43 49.97 -6.21
N GLU B 317 -14.56 49.47 -7.08
CA GLU B 317 -13.26 49.01 -6.61
C GLU B 317 -12.38 50.17 -6.19
N LYS B 318 -12.62 51.37 -6.72
CA LYS B 318 -11.84 52.52 -6.26
C LYS B 318 -12.15 52.86 -4.81
N ALA B 319 -13.18 52.26 -4.22
CA ALA B 319 -13.50 52.39 -2.80
C ALA B 319 -13.18 51.11 -2.02
N ASP B 320 -12.35 50.23 -2.60
CA ASP B 320 -11.92 48.98 -1.99
C ASP B 320 -13.05 47.95 -1.83
N ILE B 321 -14.13 48.09 -2.60
CA ILE B 321 -15.21 47.12 -2.58
C ILE B 321 -14.82 45.96 -3.48
N ARG B 322 -14.83 44.75 -2.94
CA ARG B 322 -14.53 43.54 -3.72
C ARG B 322 -15.75 43.20 -4.56
N VAL B 323 -15.61 43.32 -5.88
CA VAL B 323 -16.74 43.25 -6.81
C VAL B 323 -16.47 42.19 -7.86
N ARG B 324 -17.50 41.39 -8.16
CA ARG B 324 -17.46 40.41 -9.25
C ARG B 324 -18.61 40.71 -10.20
N ILE B 325 -18.32 40.70 -11.50
CA ILE B 325 -19.34 40.80 -12.54
C ILE B 325 -19.57 39.40 -13.08
N ASP B 326 -20.78 38.87 -12.89
CA ASP B 326 -21.15 37.59 -13.49
C ASP B 326 -21.70 37.85 -14.88
N ASP B 327 -20.79 38.09 -15.82
CA ASP B 327 -21.13 38.23 -17.22
C ASP B 327 -21.10 36.90 -17.97
N ARG B 328 -21.07 35.78 -17.25
CA ARG B 328 -21.09 34.47 -17.88
C ARG B 328 -22.32 34.33 -18.76
N SER B 329 -22.10 33.96 -20.02
CA SER B 329 -23.18 33.96 -21.00
C SER B 329 -24.08 32.75 -20.90
N ASN B 330 -23.58 31.62 -20.39
CA ASN B 330 -24.30 30.37 -20.39
C ASN B 330 -25.21 30.18 -19.18
N TYR B 331 -25.56 31.26 -18.48
CA TYR B 331 -26.47 31.17 -17.35
C TYR B 331 -27.49 32.30 -17.42
N THR B 332 -28.73 31.99 -17.05
CA THR B 332 -29.80 32.98 -17.05
C THR B 332 -29.72 33.87 -15.81
N PRO B 333 -30.22 35.11 -15.91
CA PRO B 333 -30.17 36.02 -14.75
C PRO B 333 -30.79 35.44 -13.48
N GLY B 334 -31.91 34.72 -13.57
CA GLY B 334 -32.47 34.11 -12.38
C GLY B 334 -31.56 33.04 -11.79
N TRP B 335 -30.88 32.29 -12.65
CA TRP B 335 -29.89 31.33 -12.19
C TRP B 335 -28.80 32.03 -11.40
N LYS B 336 -28.27 33.14 -11.92
CA LYS B 336 -27.23 33.88 -11.21
C LYS B 336 -27.76 34.43 -9.90
N TYR B 337 -28.99 34.95 -9.92
CA TYR B 337 -29.65 35.39 -8.69
C TYR B 337 -29.51 34.33 -7.60
N ASN B 338 -30.07 33.14 -7.86
CA ASN B 338 -30.09 32.16 -6.79
C ASN B 338 -28.72 31.55 -6.53
N HIS B 339 -27.85 31.49 -7.54
CA HIS B 339 -26.49 31.01 -7.34
C HIS B 339 -25.76 31.87 -6.30
N TRP B 340 -25.73 33.18 -6.54
CA TRP B 340 -25.05 34.06 -5.59
C TRP B 340 -25.83 34.22 -4.28
N GLU B 341 -27.14 33.96 -4.28
CA GLU B 341 -27.88 34.05 -3.03
C GLU B 341 -27.62 32.84 -2.14
N VAL B 342 -27.57 31.64 -2.71
CA VAL B 342 -27.22 30.47 -1.91
C VAL B 342 -25.74 30.51 -1.52
N LYS B 343 -24.90 31.13 -2.35
CA LYS B 343 -23.50 31.27 -1.97
C LYS B 343 -23.31 32.27 -0.83
N GLY B 344 -24.21 33.21 -0.65
CA GLY B 344 -24.19 34.10 0.50
C GLY B 344 -23.62 35.48 0.28
N VAL B 345 -23.41 35.89 -0.96
CA VAL B 345 -22.88 37.22 -1.30
C VAL B 345 -23.73 38.29 -0.61
N PRO B 346 -23.11 39.26 0.06
CA PRO B 346 -23.91 40.23 0.84
C PRO B 346 -24.81 41.12 0.00
N LEU B 347 -24.36 41.55 -1.18
CA LEU B 347 -25.12 42.48 -2.00
C LEU B 347 -25.17 42.02 -3.44
N ARG B 348 -26.34 42.12 -4.05
CA ARG B 348 -26.53 41.84 -5.47
C ARG B 348 -26.97 43.11 -6.18
N LEU B 349 -26.25 43.50 -7.23
CA LEU B 349 -26.56 44.66 -8.03
C LEU B 349 -27.08 44.21 -9.38
N GLU B 350 -28.33 44.56 -9.69
CA GLU B 350 -28.98 44.23 -10.94
C GLU B 350 -29.10 45.48 -11.80
N LEU B 351 -28.79 45.31 -13.08
CA LEU B 351 -28.78 46.36 -14.08
C LEU B 351 -29.51 45.84 -15.31
N GLY B 352 -30.69 46.38 -15.59
CA GLY B 352 -31.42 46.04 -16.78
C GLY B 352 -31.50 47.21 -17.74
N PRO B 353 -32.25 47.07 -18.83
CA PRO B 353 -32.42 48.21 -19.73
C PRO B 353 -33.14 49.38 -19.09
N LYS B 354 -34.18 49.10 -18.31
CA LYS B 354 -34.90 50.17 -17.63
C LYS B 354 -33.97 50.95 -16.70
N ASP B 355 -33.21 50.24 -15.87
CA ASP B 355 -32.28 50.94 -14.97
C ASP B 355 -31.18 51.64 -15.75
N LEU B 356 -30.81 51.12 -16.92
CA LEU B 356 -29.91 51.86 -17.81
C LEU B 356 -30.52 53.19 -18.21
N ALA B 357 -31.83 53.21 -18.43
CA ALA B 357 -32.47 54.48 -18.78
C ALA B 357 -32.57 55.39 -17.56
N LYS B 358 -32.88 54.83 -16.39
CA LYS B 358 -33.11 55.66 -15.21
C LYS B 358 -31.83 56.17 -14.57
N GLY B 359 -30.67 55.66 -15.00
CA GLY B 359 -29.43 56.03 -14.35
C GLY B 359 -29.27 55.49 -12.96
N THR B 360 -29.97 54.40 -12.62
CA THR B 360 -29.93 53.80 -11.30
C THR B 360 -29.59 52.32 -11.42
N ALA B 361 -29.49 51.66 -10.27
CA ALA B 361 -29.28 50.23 -10.19
C ALA B 361 -30.09 49.68 -9.03
N ARG B 362 -30.46 48.40 -9.11
CA ARG B 362 -31.26 47.76 -8.08
C ARG B 362 -30.35 46.91 -7.20
N VAL B 363 -30.33 47.19 -5.91
CA VAL B 363 -29.43 46.52 -4.97
C VAL B 363 -30.27 45.75 -3.96
N VAL B 364 -30.01 44.45 -3.84
CA VAL B 364 -30.67 43.59 -2.87
C VAL B 364 -29.62 43.13 -1.86
N ARG B 365 -29.94 43.28 -0.57
CA ARG B 365 -29.06 42.80 0.48
C ARG B 365 -29.49 41.40 0.91
N ARG B 366 -28.50 40.52 1.08
CA ARG B 366 -28.78 39.10 1.24
C ARG B 366 -29.44 38.80 2.59
N ASP B 367 -29.06 39.52 3.64
CA ASP B 367 -29.47 39.14 4.98
C ASP B 367 -30.97 39.31 5.19
N THR B 368 -31.52 40.46 4.81
CA THR B 368 -32.93 40.74 5.02
C THR B 368 -33.76 40.76 3.74
N GLY B 369 -33.12 40.77 2.57
CA GLY B 369 -33.83 40.75 1.30
C GLY B 369 -34.29 42.10 0.79
N GLU B 370 -34.12 43.16 1.58
CA GLU B 370 -34.64 44.46 1.18
C GLU B 370 -33.93 44.99 -0.06
N ALA B 371 -34.69 45.64 -0.93
CA ALA B 371 -34.18 46.18 -2.18
C ALA B 371 -34.11 47.71 -2.11
N TYR B 372 -33.16 48.27 -2.86
CA TYR B 372 -32.92 49.70 -2.93
C TYR B 372 -32.72 50.09 -4.38
N GLN B 373 -33.28 51.23 -4.76
CA GLN B 373 -32.95 51.87 -6.03
C GLN B 373 -31.91 52.95 -5.75
N ILE B 374 -30.72 52.79 -6.32
CA ILE B 374 -29.61 53.67 -5.98
C ILE B 374 -29.05 54.30 -7.25
N SER B 375 -28.85 55.62 -7.20
CA SER B 375 -28.19 56.32 -8.30
C SER B 375 -26.81 55.75 -8.55
N TRP B 376 -26.36 55.85 -9.79
CA TRP B 376 -24.99 55.47 -10.12
C TRP B 376 -23.98 56.34 -9.38
N ALA B 377 -24.34 57.59 -9.09
CA ALA B 377 -23.41 58.49 -8.41
C ALA B 377 -23.30 58.20 -6.92
N ASP B 378 -24.36 57.71 -6.30
CA ASP B 378 -24.38 57.43 -4.86
C ASP B 378 -24.05 55.98 -4.54
N LEU B 379 -23.53 55.22 -5.51
CA LEU B 379 -23.41 53.77 -5.33
C LEU B 379 -22.39 53.42 -4.26
N ALA B 380 -21.14 53.86 -4.43
CA ALA B 380 -20.08 53.51 -3.49
C ALA B 380 -20.40 53.84 -2.03
N PRO B 381 -20.79 55.07 -1.67
CA PRO B 381 -21.02 55.36 -0.25
C PRO B 381 -22.21 54.60 0.32
N LYS B 382 -23.32 54.51 -0.45
CA LYS B 382 -24.47 53.75 0.02
C LYS B 382 -24.14 52.28 0.18
N LEU B 383 -23.30 51.72 -0.68
CA LEU B 383 -22.93 50.31 -0.56
C LEU B 383 -22.03 50.07 0.63
N LEU B 384 -21.12 51.01 0.93
CA LEU B 384 -20.31 50.85 2.14
C LEU B 384 -21.16 50.96 3.40
N GLU B 385 -22.08 51.93 3.42
CA GLU B 385 -23.04 52.03 4.52
C GLU B 385 -23.81 50.74 4.68
N LEU B 386 -24.31 50.17 3.57
CA LEU B 386 -25.07 48.94 3.63
C LEU B 386 -24.22 47.76 4.11
N MET B 387 -22.94 47.72 3.71
CA MET B 387 -22.09 46.61 4.10
C MET B 387 -21.84 46.62 5.61
N GLU B 388 -21.50 47.79 6.16
CA GLU B 388 -21.29 47.82 7.60
C GLU B 388 -22.61 47.65 8.36
N GLY B 389 -23.74 48.07 7.76
CA GLY B 389 -25.02 47.78 8.37
C GLY B 389 -25.33 46.29 8.42
N ILE B 390 -25.06 45.58 7.31
CA ILE B 390 -25.26 44.14 7.28
C ILE B 390 -24.37 43.46 8.32
N GLN B 391 -23.10 43.86 8.40
CA GLN B 391 -22.19 43.23 9.36
C GLN B 391 -22.67 43.44 10.79
N ARG B 392 -22.99 44.69 11.15
CA ARG B 392 -23.39 44.96 12.52
C ARG B 392 -24.73 44.31 12.85
N SER B 393 -25.66 44.27 11.90
CA SER B 393 -26.97 43.68 12.21
C SER B 393 -26.88 42.17 12.31
N LEU B 394 -26.07 41.53 11.46
CA LEU B 394 -25.78 40.11 11.63
C LEU B 394 -25.27 39.85 13.04
N PHE B 395 -24.27 40.64 13.47
CA PHE B 395 -23.72 40.44 14.80
C PHE B 395 -24.77 40.66 15.88
N GLU B 396 -25.58 41.72 15.75
CA GLU B 396 -26.53 42.06 16.81
C GLU B 396 -27.63 41.02 16.92
N LYS B 397 -28.15 40.54 15.78
CA LYS B 397 -29.16 39.48 15.81
C LYS B 397 -28.58 38.21 16.42
N ALA B 398 -27.34 37.85 16.07
CA ALA B 398 -26.72 36.68 16.67
C ALA B 398 -26.52 36.87 18.18
N LYS B 399 -26.19 38.08 18.60
CA LYS B 399 -25.98 38.34 20.02
C LYS B 399 -27.28 38.25 20.80
N ALA B 400 -28.37 38.77 20.22
CA ALA B 400 -29.68 38.62 20.86
C ALA B 400 -30.08 37.16 20.96
N ARG B 401 -29.85 36.39 19.91
CA ARG B 401 -30.18 34.96 19.95
C ARG B 401 -29.36 34.25 21.03
N LEU B 402 -28.07 34.61 21.15
CA LEU B 402 -27.24 34.04 22.21
C LEU B 402 -27.78 34.37 23.59
N HIS B 403 -28.09 35.65 23.83
CA HIS B 403 -28.59 36.06 25.14
C HIS B 403 -29.93 35.40 25.46
N GLU B 404 -30.75 35.14 24.44
CA GLU B 404 -32.02 34.47 24.69
C GLU B 404 -31.86 32.97 24.93
N GLY B 405 -30.79 32.38 24.41
CA GLY B 405 -30.55 30.98 24.71
C GLY B 405 -29.93 30.66 26.06
N ILE B 406 -29.69 31.65 26.93
CA ILE B 406 -29.06 31.42 28.23
C ILE B 406 -30.07 31.73 29.33
N GLU B 407 -30.26 30.79 30.24
CA GLU B 407 -31.20 30.93 31.35
C GLU B 407 -30.43 30.99 32.66
N LYS B 408 -30.63 32.05 33.43
CA LYS B 408 -30.10 32.11 34.78
C LYS B 408 -30.98 31.26 35.70
N ILE B 409 -30.36 30.33 36.41
CA ILE B 409 -31.06 29.41 37.31
C ILE B 409 -30.28 29.34 38.61
N SER B 410 -30.93 28.77 39.64
CA SER B 410 -30.30 28.66 40.95
C SER B 410 -30.39 27.28 41.58
N THR B 411 -31.24 26.38 41.09
CA THR B 411 -31.30 25.03 41.63
C THR B 411 -31.35 24.02 40.49
N PHE B 412 -30.87 22.81 40.78
CA PHE B 412 -30.78 21.77 39.75
C PHE B 412 -32.15 21.39 39.21
N ASP B 413 -33.22 21.62 39.97
CA ASP B 413 -34.56 21.23 39.53
C ASP B 413 -34.96 21.88 38.21
N GLU B 414 -34.25 22.91 37.78
CA GLU B 414 -34.58 23.63 36.56
C GLU B 414 -33.64 23.30 35.40
N VAL B 415 -32.65 22.43 35.61
CA VAL B 415 -31.64 22.20 34.58
C VAL B 415 -32.28 21.58 33.33
N MET B 416 -32.87 20.41 33.48
CA MET B 416 -33.30 19.66 32.30
C MET B 416 -34.57 20.22 31.66
N PRO B 417 -35.45 20.92 32.39
CA PRO B 417 -36.40 21.80 31.69
C PRO B 417 -35.70 22.76 30.74
N ALA B 418 -34.75 23.56 31.25
CA ALA B 418 -34.01 24.50 30.40
C ALA B 418 -33.27 23.79 29.28
N LEU B 419 -32.71 22.61 29.57
CA LEU B 419 -32.03 21.86 28.52
C LEU B 419 -32.99 21.42 27.42
N ASN B 420 -34.26 21.22 27.75
CA ASN B 420 -35.21 20.75 26.76
C ASN B 420 -35.73 21.86 25.86
N ARG B 421 -35.64 23.12 26.31
CA ARG B 421 -35.89 24.26 25.44
C ARG B 421 -34.66 24.67 24.64
N LYS B 422 -33.65 23.79 24.58
CA LYS B 422 -32.41 24.03 23.84
C LYS B 422 -31.73 25.32 24.31
N HIS B 423 -31.42 25.34 25.61
CA HIS B 423 -30.85 26.51 26.25
C HIS B 423 -29.64 26.10 27.09
N LEU B 424 -28.76 27.07 27.33
CA LEU B 424 -27.69 26.90 28.28
C LEU B 424 -28.13 27.41 29.65
N VAL B 425 -27.43 26.99 30.70
CA VAL B 425 -27.77 27.35 32.07
C VAL B 425 -26.59 28.09 32.70
N LEU B 426 -26.89 29.22 33.33
CA LEU B 426 -25.91 29.99 34.08
C LEU B 426 -26.23 29.77 35.56
N ALA B 427 -25.47 28.88 36.20
CA ALA B 427 -25.82 28.45 37.54
C ALA B 427 -24.71 28.77 38.54
N PRO B 428 -25.05 29.06 39.79
CA PRO B 428 -24.00 29.27 40.80
C PRO B 428 -23.37 27.94 41.19
N TRP B 429 -22.03 27.92 41.26
CA TRP B 429 -21.30 26.68 41.37
C TRP B 429 -20.16 26.81 42.38
N CYS B 430 -19.89 25.68 43.03
CA CYS B 430 -18.85 25.51 44.03
C CYS B 430 -17.49 25.20 43.42
N GLU B 431 -17.45 24.79 42.15
CA GLU B 431 -16.21 24.48 41.44
C GLU B 431 -15.46 23.30 42.06
N ASP B 432 -16.18 22.25 42.42
CA ASP B 432 -15.55 21.05 42.97
C ASP B 432 -15.46 20.03 41.84
N PRO B 433 -14.27 19.46 41.58
CA PRO B 433 -14.18 18.48 40.47
C PRO B 433 -15.19 17.34 40.51
N GLU B 434 -15.41 16.71 41.67
CA GLU B 434 -16.34 15.59 41.75
C GLU B 434 -17.74 16.02 41.32
N SER B 435 -18.12 17.25 41.65
CA SER B 435 -19.47 17.72 41.36
C SER B 435 -19.76 17.70 39.87
N GLU B 436 -18.80 18.11 39.03
CA GLU B 436 -19.10 18.21 37.60
C GLU B 436 -19.33 16.83 36.99
N GLU B 437 -18.52 15.84 37.35
CA GLU B 437 -18.73 14.50 36.84
C GLU B 437 -20.05 13.92 37.37
N GLN B 438 -20.37 14.20 38.64
CA GLN B 438 -21.69 13.84 39.15
C GLN B 438 -22.80 14.40 38.28
N ILE B 439 -22.71 15.70 37.97
CA ILE B 439 -23.76 16.38 37.23
C ILE B 439 -23.86 15.82 35.82
N LYS B 440 -22.71 15.54 35.18
CA LYS B 440 -22.76 15.05 33.81
C LYS B 440 -23.34 13.64 33.76
N LYS B 441 -22.98 12.78 34.72
CA LYS B 441 -23.56 11.43 34.73
C LYS B 441 -25.06 11.48 35.02
N GLU B 442 -25.50 12.38 35.91
CA GLU B 442 -26.92 12.49 36.23
C GLU B 442 -27.71 13.01 35.03
N THR B 443 -27.29 14.16 34.48
CA THR B 443 -27.91 14.69 33.28
C THR B 443 -27.95 13.65 32.17
N GLN B 444 -26.89 12.85 32.06
CA GLN B 444 -26.87 11.74 31.11
C GLN B 444 -28.02 10.77 31.38
N LYS B 445 -28.14 10.33 32.63
CA LYS B 445 -29.14 9.31 32.94
C LYS B 445 -30.55 9.85 32.69
N LEU B 446 -30.80 11.12 33.02
CA LEU B 446 -32.16 11.65 32.85
C LEU B 446 -32.48 11.90 31.38
N SER B 447 -31.48 12.37 30.62
CA SER B 447 -31.67 12.49 29.18
C SER B 447 -31.99 11.15 28.55
N GLU B 448 -31.31 10.09 29.00
CA GLU B 448 -31.64 8.75 28.51
C GLU B 448 -33.04 8.34 28.94
N ILE B 449 -33.43 8.67 30.18
CA ILE B 449 -34.74 8.29 30.69
C ILE B 449 -35.85 8.93 29.86
N GLN B 450 -35.63 10.15 29.39
CA GLN B 450 -36.66 10.82 28.61
C GLN B 450 -36.96 10.13 27.29
N ALA B 451 -36.04 9.29 26.80
CA ALA B 451 -36.25 8.56 25.55
C ALA B 451 -36.94 7.22 25.82
N THR B 462 -30.71 13.57 25.13
CA THR B 462 -29.94 13.92 23.93
C THR B 462 -28.50 14.25 24.27
N GLY B 463 -28.01 13.70 25.38
CA GLY B 463 -26.62 13.89 25.79
C GLY B 463 -26.44 14.50 27.16
N ALA B 464 -25.25 14.36 27.72
CA ALA B 464 -24.97 14.86 29.05
C ALA B 464 -24.78 16.38 29.04
N MET B 465 -24.63 16.94 30.23
CA MET B 465 -24.41 18.38 30.40
C MET B 465 -23.08 18.58 31.11
N LYS B 466 -22.24 19.44 30.53
CA LYS B 466 -20.93 19.74 31.07
C LYS B 466 -20.81 21.25 31.27
N THR B 467 -19.76 21.64 32.00
CA THR B 467 -19.43 23.06 32.10
C THR B 467 -18.93 23.55 30.76
N LEU B 468 -19.61 24.55 30.20
CA LEU B 468 -19.06 25.22 29.03
C LEU B 468 -17.90 26.11 29.42
N CYS B 469 -18.10 26.98 30.41
CA CYS B 469 -16.99 27.78 30.92
C CYS B 469 -17.40 28.46 32.21
N ILE B 470 -16.50 29.28 32.74
CA ILE B 470 -16.78 30.18 33.85
C ILE B 470 -16.50 31.60 33.35
N PRO B 471 -17.54 32.34 32.97
CA PRO B 471 -17.33 33.60 32.25
C PRO B 471 -16.50 34.61 33.03
N PHE B 472 -15.76 35.43 32.28
CA PHE B 472 -15.02 36.53 32.89
C PHE B 472 -15.95 37.57 33.47
N ASP B 473 -17.02 37.90 32.76
CA ASP B 473 -18.02 38.86 33.23
C ASP B 473 -18.97 38.11 34.17
N GLN B 474 -18.67 38.18 35.46
CA GLN B 474 -19.48 37.51 36.47
C GLN B 474 -20.66 38.40 36.88
N PRO B 475 -21.87 37.87 36.92
CA PRO B 475 -22.98 38.60 37.53
C PRO B 475 -22.76 38.72 39.03
N PRO B 476 -23.45 39.65 39.69
CA PRO B 476 -23.30 39.78 41.15
C PRO B 476 -23.68 38.49 41.86
N MET B 477 -22.83 38.09 42.81
CA MET B 477 -23.05 36.88 43.60
C MET B 477 -23.41 37.29 45.03
N PRO B 478 -24.70 37.29 45.39
CA PRO B 478 -25.06 37.64 46.77
C PRO B 478 -24.51 36.65 47.77
N GLU B 479 -23.99 37.18 48.87
CA GLU B 479 -23.40 36.35 49.92
C GLU B 479 -24.41 35.32 50.41
N GLY B 480 -23.91 34.12 50.70
CA GLY B 480 -24.77 33.05 51.15
C GLY B 480 -25.48 32.28 50.07
N THR B 481 -25.20 32.58 48.80
CA THR B 481 -25.78 31.81 47.70
C THR B 481 -25.21 30.40 47.70
N LYS B 482 -26.08 29.41 47.49
CA LYS B 482 -25.69 28.01 47.54
C LYS B 482 -25.49 27.46 46.13
N CYS B 483 -24.54 26.53 46.00
CA CYS B 483 -24.32 25.85 44.74
C CYS B 483 -25.57 25.10 44.31
N PHE B 484 -25.91 25.22 43.02
CA PHE B 484 -27.16 24.68 42.50
C PHE B 484 -27.24 23.17 42.51
N TYR B 485 -26.20 22.46 42.97
CA TYR B 485 -26.23 21.01 42.96
C TYR B 485 -25.79 20.42 44.29
N THR B 486 -24.67 20.91 44.84
CA THR B 486 -24.16 20.36 46.08
C THR B 486 -24.76 21.03 47.31
N GLY B 487 -24.89 22.34 47.29
CA GLY B 487 -25.42 23.08 48.41
C GLY B 487 -24.37 23.75 49.28
N LYS B 488 -23.08 23.57 48.98
CA LYS B 488 -22.04 24.31 49.67
C LYS B 488 -22.03 25.75 49.14
N PRO B 489 -21.34 26.66 49.83
CA PRO B 489 -21.26 28.04 49.33
C PRO B 489 -20.81 28.10 47.87
N ALA B 490 -21.58 28.83 47.07
CA ALA B 490 -21.30 28.92 45.65
C ALA B 490 -20.15 29.89 45.39
N LYS B 491 -19.16 29.43 44.61
CA LYS B 491 -18.02 30.28 44.28
C LYS B 491 -18.39 31.27 43.18
N ARG B 492 -18.76 30.77 42.00
CA ARG B 492 -18.92 31.66 40.85
C ARG B 492 -20.05 31.17 39.96
N TRP B 493 -20.44 32.02 39.01
CA TRP B 493 -21.43 31.66 38.01
C TRP B 493 -20.75 30.85 36.91
N THR B 494 -21.26 29.64 36.65
CA THR B 494 -20.70 28.75 35.65
C THR B 494 -21.74 28.50 34.56
N LEU B 495 -21.28 28.54 33.32
CA LEU B 495 -22.12 28.30 32.15
C LEU B 495 -22.00 26.83 31.75
N TRP B 496 -23.13 26.11 31.85
CA TRP B 496 -23.26 24.71 31.51
C TRP B 496 -24.23 24.54 30.35
N GLY B 497 -24.16 23.37 29.73
CA GLY B 497 -25.08 23.00 28.68
C GLY B 497 -24.60 21.75 27.96
N ARG B 498 -25.37 21.36 26.95
CA ARG B 498 -24.93 20.32 26.05
C ARG B 498 -23.93 20.90 25.06
N SER B 499 -22.95 20.08 24.66
CA SER B 499 -21.80 20.58 23.93
C SER B 499 -21.56 19.77 22.69
N TYR B 500 -20.90 20.39 21.72
CA TYR B 500 -20.32 19.68 20.58
C TYR B 500 -19.05 19.00 21.04
N MET C 3 30.21 -30.15 8.69
CA MET C 3 29.68 -30.74 9.91
C MET C 3 29.29 -32.19 9.64
N VAL C 4 29.48 -32.58 8.38
CA VAL C 4 29.35 -33.96 7.95
C VAL C 4 30.55 -34.74 8.45
N THR C 5 30.30 -35.87 9.13
CA THR C 5 31.40 -36.70 9.60
C THR C 5 31.63 -37.93 8.73
N ALA C 6 30.59 -38.71 8.45
CA ALA C 6 30.75 -39.89 7.62
C ALA C 6 31.10 -39.49 6.18
N LYS C 7 31.91 -40.31 5.54
CA LYS C 7 32.34 -40.07 4.17
C LYS C 7 31.52 -40.92 3.21
N LYS C 8 31.35 -40.40 1.98
CA LYS C 8 30.33 -40.93 1.08
C LYS C 8 30.65 -42.37 0.66
N ASP C 9 31.90 -42.63 0.26
CA ASP C 9 32.24 -43.89 -0.39
C ASP C 9 32.65 -44.98 0.60
N GLU C 10 32.42 -44.79 1.90
CA GLU C 10 32.74 -45.84 2.86
C GLU C 10 31.70 -46.04 3.96
N ASN C 11 30.71 -45.15 4.08
CA ASN C 11 29.56 -45.36 4.96
C ASN C 11 28.40 -44.58 4.33
N PHE C 12 27.93 -45.09 3.18
CA PHE C 12 27.02 -44.33 2.34
C PHE C 12 25.74 -43.96 3.06
N SER C 13 25.21 -44.86 3.88
CA SER C 13 23.93 -44.62 4.52
C SER C 13 24.04 -43.63 5.67
N GLU C 14 25.09 -43.76 6.47
CA GLU C 14 25.36 -42.73 7.47
C GLU C 14 25.59 -41.37 6.82
N TRP C 15 26.33 -41.36 5.71
CA TRP C 15 26.51 -40.13 4.96
C TRP C 15 25.18 -39.56 4.51
N TYR C 16 24.29 -40.40 3.98
CA TYR C 16 23.00 -39.93 3.47
C TYR C 16 22.16 -39.33 4.58
N THR C 17 22.06 -40.04 5.71
CA THR C 17 21.26 -39.56 6.83
C THR C 17 21.79 -38.23 7.35
N GLN C 18 23.10 -38.17 7.62
CA GLN C 18 23.70 -36.92 8.09
C GLN C 18 23.50 -35.79 7.08
N ALA C 19 23.64 -36.10 5.79
CA ALA C 19 23.54 -35.07 4.76
C ALA C 19 22.13 -34.49 4.70
N ILE C 20 21.11 -35.34 4.73
CA ILE C 20 19.76 -34.81 4.60
C ILE C 20 19.31 -34.12 5.89
N VAL C 21 19.84 -34.52 7.06
CA VAL C 21 19.40 -33.88 8.29
C VAL C 21 20.14 -32.56 8.51
N ARG C 22 21.48 -32.58 8.39
CA ARG C 22 22.26 -31.40 8.72
C ARG C 22 22.05 -30.28 7.71
N SER C 23 21.69 -30.60 6.47
CA SER C 23 21.36 -29.58 5.49
C SER C 23 19.96 -28.99 5.69
N GLU C 24 19.22 -29.46 6.70
CA GLU C 24 17.87 -28.99 6.99
C GLU C 24 16.92 -29.30 5.84
N MET C 25 17.12 -30.46 5.20
CA MET C 25 16.24 -30.89 4.13
C MET C 25 15.04 -31.67 4.66
N ILE C 26 15.28 -32.63 5.55
CA ILE C 26 14.21 -33.43 6.13
C ILE C 26 14.35 -33.43 7.65
N GLU C 27 13.24 -33.68 8.31
CA GLU C 27 13.21 -33.94 9.74
C GLU C 27 12.52 -35.28 9.96
N TYR C 28 13.12 -36.13 10.80
CA TYR C 28 12.52 -37.43 11.03
C TYR C 28 11.21 -37.29 11.81
N TYR C 29 10.39 -38.33 11.73
CA TYR C 29 9.03 -38.29 12.22
C TYR C 29 8.78 -39.54 13.06
N ASP C 30 7.86 -39.42 14.02
CA ASP C 30 7.63 -40.53 14.95
C ASP C 30 7.02 -41.75 14.26
N ILE C 31 6.39 -41.58 13.10
CA ILE C 31 5.89 -42.70 12.32
C ILE C 31 6.98 -43.15 11.35
N SER C 32 7.30 -44.44 11.36
CA SER C 32 8.39 -44.97 10.56
C SER C 32 8.11 -44.77 9.08
N GLY C 33 9.15 -44.43 8.31
CA GLY C 33 8.98 -44.29 6.88
C GLY C 33 8.28 -43.04 6.42
N CYS C 34 8.00 -42.09 7.32
CA CYS C 34 7.45 -40.80 6.96
C CYS C 34 8.38 -39.71 7.46
N TYR C 35 8.50 -38.64 6.69
CA TYR C 35 9.51 -37.62 6.94
C TYR C 35 8.94 -36.25 6.65
N ILE C 36 9.32 -35.27 7.46
CA ILE C 36 8.95 -33.88 7.23
C ILE C 36 9.88 -33.30 6.18
N MET C 37 9.29 -32.72 5.13
CA MET C 37 10.04 -32.01 4.10
C MET C 37 10.18 -30.55 4.50
N ARG C 38 11.39 -30.12 4.75
CA ARG C 38 11.63 -28.74 5.12
C ARG C 38 11.82 -27.87 3.87
N PRO C 39 11.65 -26.54 3.99
CA PRO C 39 11.68 -25.68 2.79
C PRO C 39 12.84 -25.94 1.84
N TRP C 40 14.02 -26.28 2.37
CA TRP C 40 15.18 -26.45 1.52
C TRP C 40 14.99 -27.56 0.49
N ALA C 41 14.19 -28.58 0.82
CA ALA C 41 13.89 -29.65 -0.13
C ALA C 41 12.58 -29.41 -0.87
N PHE C 42 11.59 -28.83 -0.19
CA PHE C 42 10.32 -28.60 -0.85
C PHE C 42 10.44 -27.59 -1.97
N HIS C 43 11.42 -26.68 -1.88
CA HIS C 43 11.64 -25.76 -3.00
C HIS C 43 12.09 -26.52 -4.25
N ILE C 44 12.96 -27.52 -4.08
CA ILE C 44 13.34 -28.37 -5.20
C ILE C 44 12.12 -29.04 -5.80
N TRP C 45 11.25 -29.58 -4.92
CA TRP C 45 10.03 -30.20 -5.42
C TRP C 45 9.18 -29.20 -6.20
N GLU C 46 9.08 -27.97 -5.70
CA GLU C 46 8.29 -26.95 -6.39
C GLU C 46 8.86 -26.62 -7.76
N LYS C 47 10.19 -26.54 -7.86
CA LYS C 47 10.82 -26.23 -9.13
C LYS C 47 10.55 -27.32 -10.17
N VAL C 48 10.80 -28.58 -9.79
CA VAL C 48 10.57 -29.65 -10.76
C VAL C 48 9.09 -29.77 -11.09
N GLN C 49 8.21 -29.50 -10.12
CA GLN C 49 6.78 -29.54 -10.37
C GLN C 49 6.37 -28.46 -11.37
N ARG C 50 6.90 -27.25 -11.22
CA ARG C 50 6.61 -26.18 -12.17
C ARG C 50 7.05 -26.56 -13.57
N PHE C 51 8.28 -27.07 -13.69
CA PHE C 51 8.79 -27.46 -15.00
C PHE C 51 7.88 -28.50 -15.66
N PHE C 52 7.62 -29.60 -14.95
CA PHE C 52 6.83 -30.69 -15.52
C PHE C 52 5.40 -30.25 -15.82
N ASP C 53 4.82 -29.40 -14.96
CA ASP C 53 3.46 -28.95 -15.18
C ASP C 53 3.36 -28.08 -16.43
N ASP C 54 4.30 -27.15 -16.60
CA ASP C 54 4.32 -26.35 -17.82
C ASP C 54 4.44 -27.26 -19.05
N GLU C 55 5.36 -28.22 -19.00
CA GLU C 55 5.58 -29.08 -20.16
C GLU C 55 4.33 -29.89 -20.51
N ILE C 56 3.66 -30.47 -19.51
CA ILE C 56 2.49 -31.29 -19.83
C ILE C 56 1.31 -30.43 -20.23
N LYS C 57 1.20 -29.20 -19.71
CA LYS C 57 0.16 -28.30 -20.20
C LYS C 57 0.40 -27.97 -21.66
N LYS C 58 1.65 -27.92 -22.11
CA LYS C 58 1.90 -27.72 -23.53
C LYS C 58 1.34 -28.87 -24.37
N MET C 59 1.24 -30.07 -23.80
CA MET C 59 0.65 -31.20 -24.51
C MET C 59 -0.87 -31.26 -24.39
N GLY C 60 -1.49 -30.27 -23.76
CA GLY C 60 -2.93 -30.30 -23.57
C GLY C 60 -3.41 -31.14 -22.41
N VAL C 61 -2.52 -31.60 -21.53
CA VAL C 61 -2.92 -32.34 -20.35
C VAL C 61 -3.40 -31.35 -19.30
N GLU C 62 -4.52 -31.69 -18.65
CA GLU C 62 -5.15 -30.81 -17.68
C GLU C 62 -5.07 -31.42 -16.29
N ASN C 63 -5.02 -30.55 -15.28
CA ASN C 63 -4.92 -30.98 -13.90
C ASN C 63 -6.29 -31.12 -13.27
N SER C 64 -6.36 -31.97 -12.25
CA SER C 64 -7.62 -32.26 -11.57
C SER C 64 -7.27 -32.75 -10.17
N TYR C 65 -8.30 -32.88 -9.33
CA TYR C 65 -8.10 -33.46 -8.01
C TYR C 65 -9.27 -34.39 -7.68
N PHE C 66 -8.98 -35.65 -7.59
CA PHE C 66 -9.84 -36.73 -7.15
C PHE C 66 -9.65 -36.98 -5.66
N PRO C 67 -10.67 -37.49 -4.98
CA PRO C 67 -10.56 -37.65 -3.52
C PRO C 67 -9.50 -38.68 -3.14
N MET C 68 -9.04 -38.57 -1.90
CA MET C 68 -8.04 -39.51 -1.37
C MET C 68 -8.67 -40.78 -0.82
N PHE C 69 -9.99 -40.84 -0.71
CA PHE C 69 -10.68 -41.97 -0.10
C PHE C 69 -11.28 -42.87 -1.17
N VAL C 70 -11.14 -44.18 -0.97
CA VAL C 70 -11.71 -45.19 -1.87
C VAL C 70 -12.59 -46.11 -1.06
N SER C 71 -13.79 -46.38 -1.56
CA SER C 71 -14.63 -47.40 -0.97
C SER C 71 -13.96 -48.77 -1.09
N ARG C 72 -14.24 -49.64 -0.12
CA ARG C 72 -13.67 -50.98 -0.14
CA ARG C 72 -13.66 -50.98 -0.14
C ARG C 72 -14.02 -51.72 -1.42
N HIS C 73 -15.31 -51.67 -1.81
CA HIS C 73 -15.76 -52.41 -2.98
C HIS C 73 -15.23 -51.83 -4.29
N LYS C 74 -14.88 -50.54 -4.32
CA LYS C 74 -14.30 -49.98 -5.54
C LYS C 74 -12.80 -50.25 -5.63
N LEU C 75 -12.12 -50.32 -4.49
CA LEU C 75 -10.69 -50.64 -4.51
C LEU C 75 -10.46 -52.10 -4.87
N GLU C 76 -11.31 -53.00 -4.39
CA GLU C 76 -11.15 -54.44 -4.62
C GLU C 76 -12.07 -54.93 -5.72
N LYS C 77 -12.11 -54.23 -6.85
CA LYS C 77 -12.97 -54.62 -7.96
C LYS C 77 -12.57 -55.97 -8.54
N PHE C 85 -0.10 -56.25 -3.05
CA PHE C 85 -0.55 -54.86 -3.02
C PHE C 85 -1.44 -54.61 -1.80
N SER C 86 -2.37 -55.53 -1.55
CA SER C 86 -3.29 -55.36 -0.44
C SER C 86 -2.64 -55.15 0.93
N PRO C 87 -1.47 -55.72 1.26
CA PRO C 87 -0.88 -55.42 2.57
C PRO C 87 -0.48 -53.97 2.77
N GLU C 88 -0.29 -53.20 1.69
CA GLU C 88 0.22 -51.84 1.78
C GLU C 88 -0.88 -50.80 1.93
N VAL C 89 -2.14 -51.20 1.88
CA VAL C 89 -3.25 -50.25 1.90
C VAL C 89 -3.58 -49.88 3.34
N ALA C 90 -3.67 -48.57 3.61
CA ALA C 90 -4.08 -48.08 4.91
C ALA C 90 -5.60 -47.89 4.93
N TRP C 91 -6.22 -48.33 6.02
CA TRP C 91 -7.68 -48.38 6.10
C TRP C 91 -8.18 -47.45 7.20
N VAL C 92 -9.10 -46.56 6.82
CA VAL C 92 -9.82 -45.71 7.76
C VAL C 92 -11.02 -46.49 8.27
N THR C 93 -11.13 -46.62 9.59
CA THR C 93 -12.18 -47.42 10.20
C THR C 93 -13.10 -46.64 11.14
N HIS C 94 -12.65 -45.53 11.69
CA HIS C 94 -13.45 -44.77 12.65
C HIS C 94 -13.39 -43.29 12.33
N TYR C 95 -14.48 -42.59 12.63
CA TYR C 95 -14.48 -41.13 12.72
C TYR C 95 -14.80 -40.77 14.17
N GLY C 96 -13.83 -40.16 14.84
CA GLY C 96 -13.96 -40.00 16.29
C GLY C 96 -13.89 -41.36 16.95
N ASP C 97 -14.86 -41.65 17.81
CA ASP C 97 -14.99 -42.96 18.43
C ASP C 97 -15.97 -43.87 17.70
N SER C 98 -16.66 -43.36 16.68
CA SER C 98 -17.70 -44.13 15.99
C SER C 98 -17.09 -44.89 14.82
N PRO C 99 -17.32 -46.20 14.72
CA PRO C 99 -16.82 -46.95 13.56
C PRO C 99 -17.64 -46.63 12.31
N LEU C 100 -16.95 -46.59 11.18
CA LEU C 100 -17.64 -46.40 9.91
C LEU C 100 -18.43 -47.66 9.57
N PRO C 101 -19.57 -47.52 8.88
CA PRO C 101 -20.31 -48.72 8.46
C PRO C 101 -19.47 -49.67 7.63
N GLU C 102 -18.64 -49.15 6.73
CA GLU C 102 -17.64 -49.94 6.04
C GLU C 102 -16.35 -49.15 5.96
N LYS C 103 -15.23 -49.84 6.16
CA LYS C 103 -13.93 -49.18 6.17
C LYS C 103 -13.64 -48.56 4.80
N ILE C 104 -12.76 -47.55 4.83
CA ILE C 104 -12.44 -46.74 3.66
C ILE C 104 -10.92 -46.70 3.53
N ALA C 105 -10.43 -46.93 2.32
CA ALA C 105 -8.99 -46.97 2.09
C ALA C 105 -8.46 -45.60 1.69
N ILE C 106 -7.22 -45.33 2.08
CA ILE C 106 -6.50 -44.15 1.64
C ILE C 106 -5.79 -44.49 0.33
N ARG C 107 -5.94 -43.61 -0.66
CA ARG C 107 -5.36 -43.67 -1.99
C ARG C 107 -3.95 -44.24 -2.01
N PRO C 108 -3.77 -45.47 -2.51
CA PRO C 108 -2.41 -45.94 -2.87
C PRO C 108 -2.04 -45.57 -4.30
N THR C 109 -3.04 -45.13 -5.07
CA THR C 109 -3.00 -44.69 -6.46
C THR C 109 -4.46 -44.65 -6.88
N SER C 110 -4.80 -43.97 -7.98
CA SER C 110 -6.17 -43.52 -8.18
C SER C 110 -6.87 -44.13 -9.39
N GLU C 111 -6.40 -45.27 -9.90
CA GLU C 111 -7.08 -45.89 -11.03
C GLU C 111 -8.51 -46.28 -10.67
N THR C 112 -8.70 -46.92 -9.51
CA THR C 112 -10.04 -47.26 -9.07
C THR C 112 -10.88 -46.02 -8.76
N ILE C 113 -10.24 -44.87 -8.53
CA ILE C 113 -10.99 -43.63 -8.32
C ILE C 113 -11.31 -42.95 -9.64
N MET C 114 -10.38 -42.97 -10.58
CA MET C 114 -10.51 -42.15 -11.78
C MET C 114 -11.24 -42.87 -12.92
N TYR C 115 -11.02 -44.17 -13.09
CA TYR C 115 -11.50 -44.84 -14.30
C TYR C 115 -13.01 -45.03 -14.35
N PRO C 116 -13.72 -45.20 -13.23
CA PRO C 116 -15.20 -45.11 -13.31
C PRO C 116 -15.69 -43.77 -13.83
N ALA C 117 -15.07 -42.68 -13.37
CA ALA C 117 -15.38 -41.36 -13.94
C ALA C 117 -15.03 -41.31 -15.42
N TYR C 118 -13.96 -41.99 -15.83
CA TYR C 118 -13.62 -42.05 -17.25
C TYR C 118 -14.70 -42.77 -18.04
N ALA C 119 -15.21 -43.88 -17.51
CA ALA C 119 -16.30 -44.59 -18.17
C ALA C 119 -17.52 -43.70 -18.31
N LYS C 120 -17.80 -42.87 -17.31
CA LYS C 120 -18.92 -41.94 -17.43
C LYS C 120 -18.65 -40.87 -18.48
N TRP C 121 -17.44 -40.31 -18.50
CA TRP C 121 -17.15 -39.14 -19.32
C TRP C 121 -16.91 -39.46 -20.78
N ILE C 122 -16.53 -40.70 -21.11
CA ILE C 122 -16.16 -41.07 -22.47
C ILE C 122 -17.32 -41.84 -23.08
N ARG C 123 -17.98 -41.21 -24.05
CA ARG C 123 -19.11 -41.81 -24.76
C ARG C 123 -18.90 -41.93 -26.26
N SER C 124 -18.20 -40.98 -26.88
CA SER C 124 -17.99 -40.96 -28.31
C SER C 124 -16.56 -40.57 -28.63
N HIS C 125 -16.21 -40.70 -29.91
CA HIS C 125 -14.86 -40.36 -30.35
C HIS C 125 -14.55 -38.88 -30.16
N ARG C 126 -15.57 -38.02 -30.07
CA ARG C 126 -15.30 -36.60 -29.90
C ARG C 126 -14.87 -36.26 -28.48
N ASP C 127 -15.06 -37.17 -27.52
CA ASP C 127 -14.58 -36.97 -26.16
C ASP C 127 -13.12 -37.37 -25.98
N LEU C 128 -12.48 -37.88 -27.04
CA LEU C 128 -11.11 -38.35 -26.99
C LEU C 128 -10.19 -37.44 -27.80
N PRO C 129 -8.91 -37.32 -27.41
CA PRO C 129 -8.35 -37.98 -26.22
C PRO C 129 -8.69 -37.24 -24.93
N LEU C 130 -8.70 -37.97 -23.82
CA LEU C 130 -8.86 -37.40 -22.50
C LEU C 130 -7.53 -37.52 -21.77
N LYS C 131 -6.99 -36.41 -21.31
CA LYS C 131 -5.67 -36.38 -20.68
C LYS C 131 -5.79 -35.65 -19.35
N LEU C 132 -5.69 -36.39 -18.24
CA LEU C 132 -5.77 -35.81 -16.92
C LEU C 132 -4.49 -36.10 -16.16
N ASN C 133 -4.17 -35.22 -15.22
CA ASN C 133 -3.04 -35.40 -14.33
C ASN C 133 -3.43 -34.87 -12.97
N GLN C 134 -2.84 -35.42 -11.92
CA GLN C 134 -3.03 -34.83 -10.60
C GLN C 134 -1.74 -34.91 -9.80
N TRP C 135 -1.43 -33.79 -9.15
CA TRP C 135 -0.39 -33.70 -8.13
C TRP C 135 -1.03 -33.98 -6.78
N CYS C 136 -0.57 -35.04 -6.12
CA CYS C 136 -1.20 -35.45 -4.87
C CYS C 136 -0.18 -36.19 -4.02
N SER C 137 -0.60 -36.53 -2.81
CA SER C 137 0.18 -37.40 -1.94
C SER C 137 -0.41 -38.80 -1.96
N VAL C 138 0.44 -39.77 -1.65
CA VAL C 138 0.10 -41.18 -1.73
C VAL C 138 0.61 -41.88 -0.49
N VAL C 139 -0.20 -42.78 0.05
CA VAL C 139 0.11 -43.55 1.25
C VAL C 139 0.19 -45.01 0.86
N ARG C 140 1.34 -45.63 1.12
CA ARG C 140 1.50 -47.08 1.01
C ARG C 140 2.25 -47.55 2.24
N TRP C 141 1.64 -48.46 3.01
CA TRP C 141 2.31 -48.98 4.20
C TRP C 141 3.35 -50.00 3.75
N GLU C 142 4.49 -49.47 3.30
CA GLU C 142 5.55 -50.31 2.76
C GLU C 142 6.11 -51.23 3.83
N PHE C 143 6.27 -52.50 3.48
CA PHE C 143 7.01 -53.43 4.32
C PHE C 143 8.49 -53.50 3.92
N LYS C 144 8.84 -52.99 2.74
CA LYS C 144 10.23 -52.88 2.35
C LYS C 144 10.92 -51.80 3.18
N GLN C 145 12.24 -51.73 3.03
CA GLN C 145 13.05 -50.81 3.81
C GLN C 145 12.76 -49.36 3.43
N PRO C 146 12.21 -48.54 4.33
CA PRO C 146 11.96 -47.13 3.98
C PRO C 146 13.26 -46.33 3.95
N THR C 147 13.34 -45.42 2.97
CA THR C 147 14.49 -44.54 2.78
C THR C 147 13.94 -43.14 2.50
N PRO C 148 14.42 -42.12 3.20
CA PRO C 148 13.98 -40.75 2.91
C PRO C 148 14.09 -40.45 1.42
N PHE C 149 12.97 -39.97 0.86
CA PHE C 149 12.77 -39.69 -0.55
C PHE C 149 12.60 -40.96 -1.38
N LEU C 150 13.57 -41.87 -1.31
CA LEU C 150 13.59 -43.01 -2.24
C LEU C 150 12.39 -43.92 -2.04
N ARG C 151 12.07 -44.28 -0.80
CA ARG C 151 10.95 -45.16 -0.52
C ARG C 151 10.34 -44.71 0.81
N THR C 152 9.25 -43.96 0.74
CA THR C 152 8.58 -43.46 1.93
C THR C 152 7.15 -43.97 1.96
N ARG C 153 6.60 -44.06 3.17
CA ARG C 153 5.23 -44.52 3.34
C ARG C 153 4.20 -43.48 2.88
N GLU C 154 4.56 -42.21 2.89
CA GLU C 154 3.74 -41.14 2.35
C GLU C 154 4.63 -40.30 1.45
N PHE C 155 4.37 -40.33 0.15
CA PHE C 155 5.21 -39.59 -0.79
C PHE C 155 4.35 -38.69 -1.66
N LEU C 156 4.97 -37.65 -2.20
CA LEU C 156 4.32 -36.75 -3.14
C LEU C 156 4.61 -37.22 -4.55
N TRP C 157 3.61 -37.11 -5.43
CA TRP C 157 3.85 -37.48 -6.81
C TRP C 157 2.90 -36.72 -7.72
N GLN C 158 3.13 -36.87 -9.01
CA GLN C 158 2.10 -36.66 -10.01
C GLN C 158 1.78 -38.01 -10.65
N GLU C 159 0.50 -38.21 -10.95
CA GLU C 159 0.02 -39.33 -11.75
C GLU C 159 -0.81 -38.78 -12.89
N GLY C 160 -0.43 -39.14 -14.11
CA GLY C 160 -1.17 -38.79 -15.31
C GLY C 160 -1.84 -40.02 -15.89
N HIS C 161 -3.07 -39.83 -16.38
CA HIS C 161 -3.90 -40.88 -16.94
C HIS C 161 -4.55 -40.35 -18.20
N THR C 162 -4.36 -41.05 -19.33
CA THR C 162 -4.91 -40.62 -20.60
C THR C 162 -5.63 -41.78 -21.29
N ALA C 163 -6.60 -41.42 -22.12
CA ALA C 163 -7.37 -42.35 -22.93
C ALA C 163 -7.44 -41.82 -24.36
N HIS C 164 -7.18 -42.71 -25.32
CA HIS C 164 -7.07 -42.35 -26.73
C HIS C 164 -7.90 -43.30 -27.58
N ALA C 165 -8.17 -42.88 -28.81
CA ALA C 165 -8.93 -43.72 -29.74
C ALA C 165 -8.08 -44.84 -30.32
N THR C 166 -6.79 -44.61 -30.51
CA THR C 166 -5.91 -45.57 -31.17
C THR C 166 -4.67 -45.82 -30.32
N GLU C 167 -4.09 -47.01 -30.50
CA GLU C 167 -2.84 -47.35 -29.81
C GLU C 167 -1.70 -46.44 -30.24
N GLU C 168 -1.73 -45.96 -31.49
CA GLU C 168 -0.66 -45.11 -32.00
C GLU C 168 -0.51 -43.84 -31.17
N GLU C 169 -1.62 -43.11 -30.99
CA GLU C 169 -1.59 -41.88 -30.20
C GLU C 169 -1.20 -42.15 -28.76
N ALA C 170 -1.70 -43.25 -28.19
CA ALA C 170 -1.34 -43.59 -26.81
C ALA C 170 0.16 -43.80 -26.69
N TRP C 171 0.76 -44.57 -27.61
CA TRP C 171 2.18 -44.86 -27.56
C TRP C 171 3.03 -43.60 -27.75
N GLU C 172 2.61 -42.71 -28.65
CA GLU C 172 3.38 -41.48 -28.85
C GLU C 172 3.31 -40.59 -27.60
N LEU C 173 2.16 -40.59 -26.90
CA LEU C 173 2.11 -39.86 -25.64
C LEU C 173 2.99 -40.50 -24.56
N VAL C 174 3.01 -41.84 -24.50
CA VAL C 174 3.86 -42.53 -23.53
C VAL C 174 5.32 -42.13 -23.72
N LEU C 175 5.77 -42.12 -24.97
CA LEU C 175 7.18 -41.77 -25.22
C LEU C 175 7.43 -40.27 -25.02
N ASP C 176 6.45 -39.42 -25.31
CA ASP C 176 6.62 -37.99 -25.01
C ASP C 176 6.75 -37.75 -23.50
N ILE C 177 5.95 -38.46 -22.71
CA ILE C 177 6.04 -38.32 -21.26
C ILE C 177 7.38 -38.85 -20.75
N LEU C 178 7.86 -39.96 -21.32
CA LEU C 178 9.17 -40.47 -20.93
C LEU C 178 10.28 -39.47 -21.25
N GLU C 179 10.15 -38.76 -22.39
CA GLU C 179 11.12 -37.72 -22.70
C GLU C 179 11.03 -36.56 -21.70
N LEU C 180 9.80 -36.21 -21.29
CA LEU C 180 9.66 -35.18 -20.26
C LEU C 180 10.29 -35.61 -18.94
N TYR C 181 10.25 -36.91 -18.62
CA TYR C 181 10.90 -37.40 -17.41
C TYR C 181 12.42 -37.33 -17.54
N ARG C 182 12.94 -37.71 -18.72
CA ARG C 182 14.38 -37.56 -18.95
C ARG C 182 14.82 -36.12 -18.75
N ARG C 183 14.01 -35.17 -19.24
CA ARG C 183 14.36 -33.76 -19.05
C ARG C 183 14.21 -33.34 -17.59
N TRP C 184 13.19 -33.85 -16.90
CA TRP C 184 13.04 -33.62 -15.47
C TRP C 184 14.32 -33.98 -14.73
N TYR C 185 14.90 -35.14 -15.06
CA TYR C 185 16.07 -35.57 -14.31
C TYR C 185 17.36 -34.93 -14.79
N GLU C 186 17.51 -34.72 -16.10
CA GLU C 186 18.79 -34.28 -16.65
C GLU C 186 18.92 -32.77 -16.76
N GLU C 187 17.84 -32.06 -17.07
CA GLU C 187 17.91 -30.62 -17.29
C GLU C 187 17.69 -29.80 -16.02
N CYS C 188 16.99 -30.33 -15.02
CA CYS C 188 16.81 -29.64 -13.74
C CYS C 188 17.68 -30.22 -12.63
N LEU C 189 17.57 -31.52 -12.39
CA LEU C 189 18.32 -32.15 -11.32
C LEU C 189 19.71 -32.59 -11.75
N ALA C 190 20.07 -32.42 -13.02
CA ALA C 190 21.39 -32.76 -13.54
C ALA C 190 21.76 -34.21 -13.27
N VAL C 191 20.77 -35.09 -13.27
CA VAL C 191 20.96 -36.52 -13.03
C VAL C 191 20.82 -37.25 -14.34
N PRO C 192 21.82 -38.01 -14.78
CA PRO C 192 21.70 -38.76 -16.03
C PRO C 192 20.89 -40.04 -15.83
N VAL C 193 20.02 -40.33 -16.80
CA VAL C 193 19.12 -41.48 -16.74
C VAL C 193 19.20 -42.25 -18.05
N ILE C 194 18.74 -43.50 -18.00
CA ILE C 194 18.72 -44.39 -19.16
C ILE C 194 17.27 -44.71 -19.48
N LYS C 195 16.85 -44.37 -20.70
CA LYS C 195 15.54 -44.78 -21.18
C LYS C 195 15.54 -46.26 -21.50
N GLY C 196 14.45 -46.94 -21.16
CA GLY C 196 14.39 -48.36 -21.46
C GLY C 196 12.97 -48.88 -21.30
N GLU C 197 12.83 -50.16 -21.58
CA GLU C 197 11.58 -50.89 -21.40
C GLU C 197 11.79 -51.94 -20.31
N LYS C 198 10.78 -52.10 -19.45
CA LYS C 198 10.90 -53.03 -18.36
C LYS C 198 10.62 -54.46 -18.83
N SER C 199 11.16 -55.42 -18.08
CA SER C 199 10.90 -56.82 -18.35
C SER C 199 9.40 -57.12 -18.25
N GLU C 200 9.01 -58.30 -18.72
CA GLU C 200 7.62 -58.71 -18.54
C GLU C 200 7.34 -59.07 -17.10
N GLY C 201 8.33 -59.59 -16.38
CA GLY C 201 8.21 -59.88 -14.97
C GLY C 201 8.41 -58.70 -14.06
N GLU C 202 8.70 -57.52 -14.61
CA GLU C 202 8.88 -56.31 -13.81
C GLU C 202 7.98 -55.15 -14.22
N LYS C 203 7.20 -55.30 -15.29
CA LYS C 203 6.33 -54.23 -15.75
C LYS C 203 5.02 -54.22 -14.96
N PHE C 204 4.26 -53.14 -15.15
CA PHE C 204 2.96 -53.02 -14.52
C PHE C 204 2.03 -54.14 -14.99
N ALA C 205 1.50 -54.91 -14.03
CA ALA C 205 0.74 -56.10 -14.38
C ALA C 205 -0.57 -55.77 -15.08
N GLY C 206 -1.14 -54.60 -14.80
CA GLY C 206 -2.41 -54.22 -15.41
C GLY C 206 -2.24 -53.48 -16.73
N GLY C 207 -1.08 -53.62 -17.37
CA GLY C 207 -0.80 -52.91 -18.59
C GLY C 207 -0.09 -53.79 -19.60
N LYS C 208 0.08 -53.23 -20.81
CA LYS C 208 0.71 -53.93 -21.92
C LYS C 208 2.23 -53.77 -21.90
N LYS C 209 2.70 -52.53 -21.95
CA LYS C 209 4.13 -52.24 -21.99
C LYS C 209 4.45 -51.09 -21.05
N THR C 210 5.51 -51.24 -20.26
CA THR C 210 5.96 -50.22 -19.32
C THR C 210 7.35 -49.75 -19.72
N THR C 211 7.48 -48.45 -19.97
CA THR C 211 8.77 -47.82 -20.19
C THR C 211 9.26 -47.16 -18.90
N THR C 212 10.54 -46.84 -18.86
CA THR C 212 11.16 -46.40 -17.62
C THR C 212 12.39 -45.56 -17.93
N VAL C 213 12.74 -44.72 -16.96
CA VAL C 213 14.06 -44.11 -16.89
C VAL C 213 14.72 -44.65 -15.63
N GLU C 214 15.92 -45.19 -15.77
CA GLU C 214 16.64 -45.76 -14.64
C GLU C 214 17.86 -44.92 -14.33
N ALA C 215 18.19 -44.82 -13.05
CA ALA C 215 19.36 -44.10 -12.57
C ALA C 215 20.25 -45.05 -11.79
N PHE C 216 21.51 -44.66 -11.64
CA PHE C 216 22.53 -45.48 -11.03
C PHE C 216 23.14 -44.76 -9.83
N ILE C 217 23.44 -45.51 -8.78
CA ILE C 217 24.07 -44.98 -7.58
C ILE C 217 25.39 -45.74 -7.41
N PRO C 218 26.52 -45.09 -7.66
CA PRO C 218 27.81 -45.80 -7.64
C PRO C 218 28.26 -46.20 -6.26
N GLU C 219 27.85 -45.46 -5.21
CA GLU C 219 28.37 -45.71 -3.88
C GLU C 219 27.98 -47.09 -3.37
N ASN C 220 26.77 -47.55 -3.71
CA ASN C 220 26.37 -48.93 -3.45
C ASN C 220 26.11 -49.69 -4.73
N GLY C 221 26.45 -49.11 -5.88
CA GLY C 221 26.31 -49.83 -7.15
C GLY C 221 24.90 -50.31 -7.42
N ARG C 222 23.90 -49.51 -7.08
CA ARG C 222 22.51 -49.94 -7.15
C ARG C 222 21.74 -49.13 -8.19
N GLY C 223 20.87 -49.80 -8.92
CA GLY C 223 19.99 -49.12 -9.85
C GLY C 223 18.64 -48.80 -9.21
N ILE C 224 18.06 -47.67 -9.63
CA ILE C 224 16.77 -47.24 -9.08
C ILE C 224 15.91 -46.71 -10.22
N GLN C 225 14.63 -47.08 -10.20
CA GLN C 225 13.66 -46.60 -11.19
C GLN C 225 13.28 -45.17 -10.85
N ALA C 226 13.63 -44.23 -11.74
CA ALA C 226 13.45 -42.82 -11.46
C ALA C 226 12.05 -42.33 -11.83
N ALA C 227 11.40 -42.98 -12.78
CA ALA C 227 10.07 -42.62 -13.23
C ALA C 227 9.56 -43.72 -14.15
N THR C 228 8.25 -43.72 -14.40
CA THR C 228 7.63 -44.79 -15.15
C THR C 228 6.51 -44.24 -16.00
N SER C 229 6.24 -44.90 -17.12
CA SER C 229 5.22 -44.44 -18.06
C SER C 229 4.71 -45.66 -18.81
N HIS C 230 3.47 -46.07 -18.51
CA HIS C 230 2.93 -47.32 -19.01
C HIS C 230 2.03 -47.10 -20.21
N LEU C 231 2.19 -47.96 -21.22
CA LEU C 231 1.15 -48.16 -22.23
C LEU C 231 0.21 -49.22 -21.66
N LEU C 232 -0.93 -48.79 -21.11
CA LEU C 232 -1.85 -49.73 -20.50
C LEU C 232 -2.64 -50.52 -21.53
N GLY C 233 -2.99 -49.89 -22.65
CA GLY C 233 -3.74 -50.61 -23.65
C GLY C 233 -5.23 -50.57 -23.36
N THR C 234 -5.93 -51.69 -23.53
CA THR C 234 -7.38 -51.69 -23.36
C THR C 234 -7.89 -52.59 -22.25
N ASN C 235 -7.00 -53.30 -21.53
CA ASN C 235 -7.47 -54.19 -20.48
C ASN C 235 -8.19 -53.43 -19.38
N PHE C 236 -7.66 -52.26 -18.99
CA PHE C 236 -8.34 -51.45 -18.00
C PHE C 236 -9.67 -50.95 -18.52
N ALA C 237 -9.73 -50.60 -19.81
CA ALA C 237 -10.98 -50.17 -20.41
C ALA C 237 -12.03 -51.28 -20.38
N LYS C 238 -11.61 -52.52 -20.61
CA LYS C 238 -12.55 -53.64 -20.52
C LYS C 238 -13.00 -53.85 -19.08
N MET C 239 -12.06 -53.76 -18.14
CA MET C 239 -12.39 -54.00 -16.72
C MET C 239 -13.37 -52.95 -16.21
N PHE C 240 -13.19 -51.69 -16.60
CA PHE C 240 -14.04 -50.60 -16.13
C PHE C 240 -15.11 -50.20 -17.14
N GLU C 241 -15.16 -50.86 -18.30
CA GLU C 241 -16.15 -50.59 -19.34
C GLU C 241 -16.06 -49.14 -19.82
N ILE C 242 -14.86 -48.76 -20.25
CA ILE C 242 -14.64 -47.44 -20.84
C ILE C 242 -14.63 -47.60 -22.36
N GLU C 243 -15.83 -47.61 -22.95
CA GLU C 243 -16.00 -47.77 -24.38
C GLU C 243 -16.41 -46.44 -25.01
N PHE C 244 -16.29 -46.38 -26.34
CA PHE C 244 -16.68 -45.18 -27.08
C PHE C 244 -17.17 -45.58 -28.46
N GLU C 245 -18.02 -44.72 -29.03
CA GLU C 245 -18.50 -44.92 -30.38
C GLU C 245 -17.61 -44.17 -31.36
N ASP C 246 -17.12 -44.89 -32.38
CA ASP C 246 -16.32 -44.25 -33.41
C ASP C 246 -17.21 -43.56 -34.43
N GLU C 247 -16.65 -43.20 -35.58
CA GLU C 247 -17.44 -42.52 -36.60
C GLU C 247 -18.44 -43.46 -37.27
N GLU C 248 -18.09 -44.73 -37.41
CA GLU C 248 -18.98 -45.71 -38.04
C GLU C 248 -20.09 -46.18 -37.12
N GLY C 249 -20.08 -45.79 -35.85
CA GLY C 249 -21.09 -46.22 -34.91
C GLY C 249 -20.76 -47.47 -34.14
N HIS C 250 -19.58 -48.06 -34.36
CA HIS C 250 -19.16 -49.22 -33.59
C HIS C 250 -18.53 -48.79 -32.27
N LYS C 251 -18.74 -49.61 -31.25
CA LYS C 251 -18.24 -49.32 -29.91
C LYS C 251 -16.92 -50.06 -29.69
N ARG C 252 -15.86 -49.30 -29.39
CA ARG C 252 -14.52 -49.82 -29.23
C ARG C 252 -13.98 -49.39 -27.86
N LEU C 253 -12.97 -50.13 -27.39
CA LEU C 253 -12.34 -49.80 -26.13
C LEU C 253 -11.29 -48.70 -26.32
N VAL C 254 -11.13 -47.87 -25.30
CA VAL C 254 -10.13 -46.82 -25.32
C VAL C 254 -8.76 -47.43 -25.06
N HIS C 255 -7.72 -46.78 -25.58
CA HIS C 255 -6.34 -47.16 -25.32
C HIS C 255 -5.76 -46.19 -24.30
N GLN C 256 -5.43 -46.71 -23.13
CA GLN C 256 -5.07 -45.89 -21.98
C GLN C 256 -3.57 -45.93 -21.73
N THR C 257 -3.08 -44.81 -21.22
CA THR C 257 -1.73 -44.66 -20.70
C THR C 257 -1.80 -44.13 -19.27
N SER C 258 -0.76 -44.40 -18.51
CA SER C 258 -0.60 -43.82 -17.17
C SER C 258 0.88 -43.68 -16.88
N TRP C 259 1.22 -42.65 -16.12
CA TRP C 259 2.60 -42.30 -15.85
C TRP C 259 2.67 -41.60 -14.49
N GLY C 260 3.83 -41.68 -13.85
CA GLY C 260 3.93 -41.11 -12.53
C GLY C 260 5.37 -40.85 -12.13
N CYS C 261 5.56 -39.86 -11.27
CA CYS C 261 6.89 -39.62 -10.74
C CYS C 261 6.75 -38.90 -9.41
N THR C 262 7.67 -39.21 -8.49
CA THR C 262 7.51 -38.91 -7.07
C THR C 262 8.71 -38.11 -6.55
N THR C 263 8.63 -37.77 -5.26
CA THR C 263 9.72 -37.11 -4.55
C THR C 263 10.99 -37.95 -4.49
N ARG C 264 10.92 -39.23 -4.86
CA ARG C 264 12.13 -40.04 -4.98
C ARG C 264 13.20 -39.34 -5.81
N SER C 265 12.77 -38.61 -6.85
CA SER C 265 13.72 -37.87 -7.68
C SER C 265 14.68 -37.05 -6.83
N LEU C 266 14.16 -36.35 -5.82
CA LEU C 266 15.02 -35.53 -4.96
C LEU C 266 16.14 -36.36 -4.37
N GLY C 267 15.80 -37.53 -3.81
CA GLY C 267 16.83 -38.41 -3.29
C GLY C 267 17.86 -38.77 -4.35
N VAL C 268 17.40 -39.13 -5.55
CA VAL C 268 18.33 -39.49 -6.61
C VAL C 268 19.27 -38.33 -6.90
N MET C 269 18.78 -37.11 -6.76
CA MET C 269 19.65 -35.95 -6.94
C MET C 269 20.65 -35.86 -5.79
N ILE C 270 20.16 -35.99 -4.55
CA ILE C 270 21.03 -35.85 -3.38
C ILE C 270 22.20 -36.83 -3.48
N MET C 271 21.90 -38.10 -3.70
CA MET C 271 22.94 -39.12 -3.79
C MET C 271 23.84 -38.92 -5.00
N THR C 272 23.39 -38.22 -6.03
CA THR C 272 24.20 -38.11 -7.24
C THR C 272 25.31 -37.09 -7.08
N HIS C 273 24.97 -35.89 -6.59
CA HIS C 273 25.91 -34.78 -6.54
C HIS C 273 26.55 -34.57 -5.19
N GLY C 274 26.12 -35.30 -4.15
CA GLY C 274 26.69 -35.10 -2.83
C GLY C 274 28.15 -35.51 -2.78
N ASP C 275 28.90 -34.84 -1.90
CA ASP C 275 30.29 -35.21 -1.67
C ASP C 275 30.58 -35.31 -0.18
N ASP C 276 31.86 -35.43 0.18
CA ASP C 276 32.23 -35.66 1.58
C ASP C 276 31.79 -34.51 2.47
N LYS C 277 31.73 -33.29 1.94
CA LYS C 277 31.37 -32.12 2.73
C LYS C 277 29.86 -31.88 2.77
N GLY C 278 29.07 -32.69 2.07
CA GLY C 278 27.63 -32.56 2.14
C GLY C 278 26.95 -32.48 0.80
N LEU C 279 25.83 -31.76 0.74
CA LEU C 279 25.05 -31.70 -0.48
C LEU C 279 25.66 -30.72 -1.47
N VAL C 280 25.36 -30.95 -2.75
CA VAL C 280 25.57 -29.98 -3.82
C VAL C 280 24.28 -29.95 -4.63
N ILE C 281 23.63 -28.79 -4.66
CA ILE C 281 22.33 -28.63 -5.30
C ILE C 281 22.55 -27.99 -6.67
N PRO C 282 22.08 -28.57 -7.76
CA PRO C 282 22.18 -27.94 -9.07
C PRO C 282 21.51 -26.57 -9.06
N PRO C 283 22.15 -25.56 -9.67
CA PRO C 283 21.63 -24.19 -9.54
C PRO C 283 20.23 -23.99 -10.10
N ARG C 284 19.77 -24.83 -11.02
CA ARG C 284 18.46 -24.61 -11.63
C ARG C 284 17.33 -24.84 -10.64
N VAL C 285 17.53 -25.70 -9.65
CA VAL C 285 16.50 -26.01 -8.67
C VAL C 285 16.81 -25.48 -7.27
N ALA C 286 18.00 -24.94 -7.05
CA ALA C 286 18.40 -24.51 -5.71
C ALA C 286 17.52 -23.36 -5.23
N SER C 287 17.10 -23.45 -3.96
CA SER C 287 16.30 -22.39 -3.36
C SER C 287 17.09 -21.10 -3.25
N VAL C 288 18.27 -21.16 -2.64
CA VAL C 288 19.26 -20.09 -2.68
C VAL C 288 20.34 -20.48 -3.68
N GLN C 289 20.61 -19.61 -4.64
CA GLN C 289 21.69 -19.84 -5.59
C GLN C 289 23.00 -19.17 -5.17
N VAL C 290 22.92 -17.98 -4.59
CA VAL C 290 24.09 -17.24 -4.13
C VAL C 290 23.82 -16.80 -2.70
N VAL C 291 24.63 -17.27 -1.77
CA VAL C 291 24.55 -16.85 -0.37
C VAL C 291 25.61 -15.78 -0.14
N ILE C 292 25.18 -14.61 0.31
CA ILE C 292 26.09 -13.51 0.61
C ILE C 292 26.44 -13.58 2.09
N ILE C 293 27.73 -13.78 2.38
CA ILE C 293 28.19 -13.92 3.76
C ILE C 293 29.07 -12.72 4.08
N PRO C 294 28.63 -11.82 4.97
CA PRO C 294 29.50 -10.72 5.41
C PRO C 294 30.53 -11.24 6.40
N ILE C 295 31.79 -10.87 6.19
CA ILE C 295 32.87 -11.34 7.04
C ILE C 295 32.97 -10.36 8.21
N LEU C 296 32.20 -10.65 9.26
CA LEU C 296 32.20 -9.86 10.49
C LEU C 296 32.36 -10.80 11.68
N PHE C 297 33.31 -10.49 12.55
CA PHE C 297 33.40 -11.15 13.84
C PHE C 297 32.73 -10.28 14.89
N LYS C 298 32.62 -10.79 16.11
CA LYS C 298 31.67 -10.25 17.08
C LYS C 298 31.86 -8.75 17.29
N ASP C 299 30.73 -8.04 17.34
CA ASP C 299 30.66 -6.61 17.60
C ASP C 299 31.55 -5.83 16.63
N GLU C 300 31.34 -6.11 15.35
CA GLU C 300 32.01 -5.37 14.29
C GLU C 300 31.07 -4.81 13.25
N ASN C 301 29.78 -5.16 13.27
CA ASN C 301 28.83 -4.65 12.30
C ASN C 301 28.76 -3.14 12.42
N THR C 302 29.52 -2.46 11.57
CA THR C 302 29.49 -1.01 11.42
C THR C 302 28.30 -0.54 10.61
N GLY C 303 27.60 -1.47 9.96
CA GLY C 303 26.55 -1.14 9.03
C GLY C 303 27.02 -0.95 7.60
N GLU C 304 28.30 -0.64 7.41
CA GLU C 304 28.83 -0.45 6.06
C GLU C 304 28.77 -1.74 5.26
N ILE C 305 29.28 -2.84 5.83
CA ILE C 305 29.39 -4.07 5.06
C ILE C 305 28.02 -4.66 4.79
N LEU C 306 27.17 -4.78 5.82
CA LEU C 306 25.83 -5.31 5.62
C LEU C 306 25.03 -4.42 4.66
N GLY C 307 25.24 -3.11 4.73
CA GLY C 307 24.59 -2.22 3.77
C GLY C 307 25.00 -2.53 2.35
N LYS C 308 26.31 -2.63 2.10
CA LYS C 308 26.78 -2.99 0.78
C LYS C 308 26.26 -4.36 0.34
N CYS C 309 26.11 -5.29 1.29
CA CYS C 309 25.52 -6.59 0.95
C CYS C 309 24.08 -6.46 0.50
N ARG C 310 23.32 -5.56 1.14
CA ARG C 310 21.95 -5.33 0.69
C ARG C 310 21.92 -4.71 -0.70
N GLU C 311 22.83 -3.76 -0.97
CA GLU C 311 22.93 -3.21 -2.31
C GLU C 311 23.24 -4.29 -3.34
N LEU C 312 24.15 -5.22 -2.99
CA LEU C 312 24.49 -6.30 -3.91
C LEU C 312 23.32 -7.26 -4.10
N LYS C 313 22.58 -7.54 -3.04
CA LYS C 313 21.42 -8.43 -3.14
C LYS C 313 20.36 -7.83 -4.06
N THR C 314 20.10 -6.53 -3.92
CA THR C 314 19.20 -5.85 -4.85
C THR C 314 19.71 -5.96 -6.28
N MET C 315 20.99 -5.61 -6.49
CA MET C 315 21.57 -5.62 -7.82
C MET C 315 21.51 -7.01 -8.46
N LEU C 316 21.63 -8.07 -7.67
CA LEU C 316 21.63 -9.43 -8.21
C LEU C 316 20.22 -9.98 -8.40
N GLU C 317 19.29 -9.65 -7.50
CA GLU C 317 17.90 -10.05 -7.70
C GLU C 317 17.31 -9.36 -8.91
N LYS C 318 17.83 -8.20 -9.29
CA LYS C 318 17.49 -7.61 -10.58
C LYS C 318 17.76 -8.58 -11.73
N ALA C 319 18.67 -9.54 -11.55
CA ALA C 319 19.12 -10.42 -12.63
C ALA C 319 18.66 -11.87 -12.43
N ASP C 320 17.46 -12.06 -11.88
CA ASP C 320 16.78 -13.35 -11.76
C ASP C 320 17.45 -14.31 -10.78
N ILE C 321 18.42 -13.85 -9.99
CA ILE C 321 19.20 -14.73 -9.11
C ILE C 321 18.59 -14.74 -7.72
N ARG C 322 18.46 -15.94 -7.15
CA ARG C 322 17.92 -16.11 -5.81
C ARG C 322 19.06 -15.97 -4.79
N VAL C 323 18.95 -14.97 -3.93
CA VAL C 323 20.03 -14.57 -3.04
C VAL C 323 19.52 -14.50 -1.61
N ARG C 324 20.31 -15.03 -0.67
CA ARG C 324 20.11 -14.79 0.75
C ARG C 324 21.38 -14.22 1.35
N ILE C 325 21.22 -13.23 2.22
CA ILE C 325 22.31 -12.71 3.04
C ILE C 325 22.22 -13.37 4.41
N ASP C 326 23.25 -14.09 4.80
CA ASP C 326 23.31 -14.68 6.13
C ASP C 326 23.85 -13.61 7.08
N ASP C 327 22.93 -12.89 7.72
CA ASP C 327 23.26 -11.77 8.59
C ASP C 327 23.19 -12.15 10.07
N ARG C 328 23.26 -13.45 10.38
CA ARG C 328 23.03 -13.90 11.74
C ARG C 328 24.18 -13.53 12.66
N SER C 329 23.84 -13.07 13.87
CA SER C 329 24.83 -12.74 14.87
C SER C 329 25.47 -14.01 15.45
N ASN C 330 26.56 -13.81 16.18
CA ASN C 330 27.19 -14.85 17.00
C ASN C 330 27.67 -16.04 16.18
N TYR C 331 27.90 -15.85 14.88
CA TYR C 331 28.39 -16.92 14.02
C TYR C 331 29.63 -16.45 13.28
N THR C 332 30.71 -17.20 13.40
CA THR C 332 31.92 -16.89 12.66
C THR C 332 31.68 -17.05 11.16
N PRO C 333 32.42 -16.33 10.33
CA PRO C 333 32.30 -16.55 8.87
C PRO C 333 32.61 -17.97 8.45
N GLY C 334 33.56 -18.64 9.11
CA GLY C 334 33.86 -20.02 8.76
C GLY C 334 32.70 -20.96 9.08
N TRP C 335 32.04 -20.73 10.21
CA TRP C 335 30.84 -21.50 10.54
C TRP C 335 29.80 -21.37 9.45
N LYS C 336 29.57 -20.14 8.96
CA LYS C 336 28.59 -19.91 7.90
C LYS C 336 29.04 -20.55 6.59
N TYR C 337 30.34 -20.47 6.30
CA TYR C 337 30.88 -21.14 5.11
C TYR C 337 30.52 -22.62 5.13
N ASN C 338 30.80 -23.29 6.25
CA ASN C 338 30.50 -24.72 6.32
C ASN C 338 29.00 -24.99 6.33
N HIS C 339 28.23 -24.11 6.97
CA HIS C 339 26.78 -24.25 7.02
C HIS C 339 26.19 -24.28 5.60
N TRP C 340 26.50 -23.26 4.81
CA TRP C 340 25.96 -23.20 3.45
C TRP C 340 26.66 -24.15 2.49
N GLU C 341 27.85 -24.66 2.83
CA GLU C 341 28.42 -25.74 2.04
C GLU C 341 27.70 -27.05 2.31
N VAL C 342 27.28 -27.27 3.55
CA VAL C 342 26.53 -28.48 3.89
C VAL C 342 25.16 -28.45 3.24
N LYS C 343 24.52 -27.27 3.22
CA LYS C 343 23.24 -27.17 2.52
C LYS C 343 23.38 -27.32 1.01
N GLY C 344 24.56 -27.03 0.45
CA GLY C 344 24.80 -27.27 -0.95
C GLY C 344 24.53 -26.10 -1.88
N VAL C 345 24.55 -24.87 -1.38
CA VAL C 345 24.31 -23.71 -2.24
C VAL C 345 25.40 -23.65 -3.30
N PRO C 346 25.05 -23.45 -4.59
CA PRO C 346 26.09 -23.54 -5.64
C PRO C 346 27.17 -22.48 -5.53
N LEU C 347 26.86 -21.28 -5.04
CA LEU C 347 27.81 -20.18 -5.07
C LEU C 347 27.81 -19.45 -3.74
N ARG C 348 29.01 -19.15 -3.24
CA ARG C 348 29.18 -18.34 -2.03
C ARG C 348 29.86 -17.03 -2.39
N LEU C 349 29.35 -15.93 -1.83
CA LEU C 349 29.91 -14.60 -2.05
C LEU C 349 30.39 -14.06 -0.71
N GLU C 350 31.71 -13.98 -0.56
CA GLU C 350 32.35 -13.41 0.62
C GLU C 350 32.70 -11.94 0.34
N LEU C 351 32.34 -11.08 1.30
CA LEU C 351 32.59 -9.65 1.20
C LEU C 351 33.00 -9.14 2.57
N GLY C 352 34.24 -8.66 2.68
CA GLY C 352 34.75 -8.11 3.91
C GLY C 352 35.21 -6.68 3.75
N PRO C 353 35.97 -6.17 4.73
CA PRO C 353 36.46 -4.78 4.63
C PRO C 353 37.35 -4.54 3.43
N LYS C 354 38.24 -5.49 3.12
CA LYS C 354 39.07 -5.40 1.93
C LYS C 354 38.22 -5.33 0.68
N ASP C 355 37.31 -6.29 0.51
CA ASP C 355 36.38 -6.30 -0.61
C ASP C 355 35.61 -4.98 -0.70
N LEU C 356 35.26 -4.41 0.46
CA LEU C 356 34.60 -3.11 0.48
C LEU C 356 35.50 -2.03 -0.10
N ALA C 357 36.78 -2.02 0.27
CA ALA C 357 37.69 -0.97 -0.16
C ALA C 357 38.19 -1.16 -1.59
N LYS C 358 38.07 -2.37 -2.13
CA LYS C 358 38.57 -2.67 -3.48
C LYS C 358 37.46 -2.69 -4.53
N GLY C 359 36.20 -2.70 -4.13
CA GLY C 359 35.13 -2.81 -5.10
C GLY C 359 34.98 -4.17 -5.72
N THR C 360 35.44 -5.21 -5.04
CA THR C 360 35.32 -6.58 -5.54
C THR C 360 34.60 -7.44 -4.51
N ALA C 361 34.55 -8.73 -4.80
CA ALA C 361 34.03 -9.73 -3.88
C ALA C 361 34.62 -11.08 -4.27
N ARG C 362 34.77 -11.96 -3.29
CA ARG C 362 35.26 -13.29 -3.54
C ARG C 362 34.07 -14.22 -3.74
N VAL C 363 34.15 -15.08 -4.75
CA VAL C 363 33.06 -16.00 -5.07
C VAL C 363 33.64 -17.40 -5.16
N VAL C 364 33.10 -18.32 -4.36
CA VAL C 364 33.56 -19.70 -4.31
C VAL C 364 32.48 -20.61 -4.88
N ARG C 365 32.90 -21.55 -5.72
CA ARG C 365 32.01 -22.57 -6.27
C ARG C 365 31.90 -23.73 -5.31
N ARG C 366 30.68 -24.21 -5.09
CA ARG C 366 30.48 -25.33 -4.18
C ARG C 366 30.95 -26.65 -4.79
N ASP C 367 30.85 -26.81 -6.11
CA ASP C 367 31.12 -28.10 -6.71
C ASP C 367 32.62 -28.40 -6.77
N THR C 368 33.45 -27.42 -7.14
CA THR C 368 34.88 -27.63 -7.24
C THR C 368 35.69 -26.90 -6.17
N GLY C 369 35.13 -25.89 -5.53
CA GLY C 369 35.86 -25.12 -4.54
C GLY C 369 36.67 -23.97 -5.10
N GLU C 370 36.70 -23.79 -6.42
CA GLU C 370 37.50 -22.74 -7.02
C GLU C 370 36.95 -21.36 -6.65
N ALA C 371 37.86 -20.42 -6.43
CA ALA C 371 37.51 -19.06 -6.06
C ALA C 371 37.74 -18.11 -7.24
N TYR C 372 37.04 -16.98 -7.17
CA TYR C 372 37.10 -15.94 -8.20
C TYR C 372 37.04 -14.58 -7.53
N GLN C 373 37.89 -13.66 -7.98
CA GLN C 373 37.76 -12.26 -7.61
C GLN C 373 36.93 -11.57 -8.69
N ILE C 374 35.75 -11.08 -8.30
CA ILE C 374 34.83 -10.48 -9.26
C ILE C 374 34.50 -9.07 -8.79
N SER C 375 34.67 -8.10 -9.68
CA SER C 375 34.28 -6.73 -9.35
C SER C 375 32.77 -6.64 -9.16
N TRP C 376 32.34 -5.54 -8.54
CA TRP C 376 30.92 -5.35 -8.27
C TRP C 376 30.12 -5.20 -9.56
N ALA C 377 30.75 -4.72 -10.63
CA ALA C 377 30.04 -4.58 -11.90
C ALA C 377 29.89 -5.91 -12.63
N ASP C 378 30.93 -6.75 -12.61
CA ASP C 378 30.89 -8.03 -13.29
C ASP C 378 30.04 -9.07 -12.57
N LEU C 379 29.39 -8.73 -11.46
CA LEU C 379 28.84 -9.74 -10.57
C LEU C 379 27.74 -10.55 -11.24
N ALA C 380 26.70 -9.89 -11.75
CA ALA C 380 25.57 -10.63 -12.33
C ALA C 380 25.96 -11.47 -13.54
N PRO C 381 26.65 -10.93 -14.56
CA PRO C 381 27.00 -11.80 -15.72
C PRO C 381 27.91 -12.96 -15.34
N LYS C 382 28.95 -12.68 -14.55
CA LYS C 382 29.87 -13.73 -14.14
C LYS C 382 29.16 -14.80 -13.31
N LEU C 383 28.24 -14.38 -12.44
CA LEU C 383 27.52 -15.36 -11.62
C LEU C 383 26.58 -16.20 -12.45
N LEU C 384 25.90 -15.61 -13.44
CA LEU C 384 25.02 -16.41 -14.29
C LEU C 384 25.80 -17.42 -15.11
N GLU C 385 26.93 -17.00 -15.70
CA GLU C 385 27.75 -17.95 -16.44
C GLU C 385 28.30 -19.04 -15.51
N LEU C 386 28.74 -18.65 -14.31
CA LEU C 386 29.22 -19.64 -13.35
C LEU C 386 28.14 -20.65 -13.01
N MET C 387 26.90 -20.19 -12.85
CA MET C 387 25.82 -21.11 -12.48
C MET C 387 25.53 -22.11 -13.59
N GLU C 388 25.45 -21.64 -14.83
CA GLU C 388 25.19 -22.61 -15.90
C GLU C 388 26.37 -23.54 -16.11
N GLY C 389 27.60 -23.06 -15.86
CA GLY C 389 28.75 -23.95 -15.90
C GLY C 389 28.71 -25.01 -14.81
N ILE C 390 28.30 -24.61 -13.60
CA ILE C 390 28.15 -25.57 -12.50
C ILE C 390 27.13 -26.64 -12.87
N GLN C 391 25.99 -26.21 -13.39
CA GLN C 391 24.94 -27.17 -13.76
C GLN C 391 25.45 -28.16 -14.80
N ARG C 392 26.05 -27.65 -15.88
CA ARG C 392 26.53 -28.55 -16.93
C ARG C 392 27.61 -29.49 -16.41
N SER C 393 28.54 -28.98 -15.61
CA SER C 393 29.63 -29.83 -15.12
C SER C 393 29.11 -30.92 -14.21
N LEU C 394 28.21 -30.57 -13.29
CA LEU C 394 27.55 -31.58 -12.46
C LEU C 394 26.96 -32.68 -13.33
N PHE C 395 26.17 -32.29 -14.34
CA PHE C 395 25.53 -33.30 -15.18
C PHE C 395 26.56 -34.18 -15.89
N GLU C 396 27.56 -33.56 -16.52
CA GLU C 396 28.46 -34.33 -17.38
C GLU C 396 29.32 -35.30 -16.56
N LYS C 397 29.76 -34.87 -15.37
CA LYS C 397 30.55 -35.80 -14.56
C LYS C 397 29.68 -36.89 -13.93
N ALA C 398 28.43 -36.58 -13.56
CA ALA C 398 27.53 -37.65 -13.15
C ALA C 398 27.29 -38.64 -14.29
N LYS C 399 27.23 -38.14 -15.53
CA LYS C 399 27.07 -39.02 -16.68
C LYS C 399 28.29 -39.91 -16.89
N ALA C 400 29.49 -39.33 -16.75
CA ALA C 400 30.71 -40.13 -16.80
C ALA C 400 30.70 -41.22 -15.74
N ARG C 401 30.25 -40.86 -14.54
CA ARG C 401 30.17 -41.83 -13.45
C ARG C 401 29.22 -42.97 -13.81
N LEU C 402 28.07 -42.61 -14.38
CA LEU C 402 27.08 -43.60 -14.80
C LEU C 402 27.66 -44.56 -15.84
N HIS C 403 28.34 -44.03 -16.85
CA HIS C 403 28.92 -44.89 -17.86
C HIS C 403 30.05 -45.75 -17.27
N GLU C 404 30.80 -45.21 -16.32
CA GLU C 404 31.81 -46.00 -15.61
C GLU C 404 31.19 -47.13 -14.81
N GLY C 405 29.92 -47.02 -14.41
CA GLY C 405 29.31 -48.07 -13.64
C GLY C 405 28.68 -49.24 -14.40
N ILE C 406 28.77 -49.29 -15.72
CA ILE C 406 28.10 -50.33 -16.52
C ILE C 406 29.15 -51.13 -17.28
N GLU C 407 29.09 -52.46 -17.15
CA GLU C 407 30.02 -53.36 -17.81
C GLU C 407 29.27 -54.27 -18.76
N LYS C 408 29.63 -54.21 -20.04
CA LYS C 408 29.12 -55.19 -21.00
C LYS C 408 29.78 -56.54 -20.71
N ILE C 409 28.96 -57.58 -20.63
CA ILE C 409 29.43 -58.94 -20.38
C ILE C 409 28.86 -59.85 -21.45
N SER C 410 29.19 -61.14 -21.34
CA SER C 410 28.71 -62.11 -22.32
C SER C 410 28.18 -63.41 -21.74
N THR C 411 28.66 -63.87 -20.58
CA THR C 411 28.03 -65.00 -19.91
C THR C 411 28.04 -64.75 -18.40
N PHE C 412 27.55 -65.74 -17.66
CA PHE C 412 27.01 -65.50 -16.34
C PHE C 412 28.06 -65.45 -15.23
N ASP C 413 29.14 -66.23 -15.34
CA ASP C 413 30.08 -66.23 -14.24
C ASP C 413 30.88 -64.93 -14.12
N GLU C 414 30.66 -63.97 -15.01
CA GLU C 414 31.23 -62.64 -14.87
C GLU C 414 30.28 -61.65 -14.21
N VAL C 415 29.13 -62.10 -13.70
CA VAL C 415 28.20 -61.13 -13.12
C VAL C 415 28.56 -60.82 -11.66
N MET C 416 28.75 -61.86 -10.84
CA MET C 416 29.08 -61.74 -9.41
C MET C 416 30.40 -61.03 -9.18
N PRO C 417 31.41 -61.23 -10.02
CA PRO C 417 32.54 -60.30 -9.98
C PRO C 417 32.08 -58.87 -10.21
N ALA C 418 31.52 -58.61 -11.39
CA ALA C 418 31.04 -57.28 -11.75
C ALA C 418 30.14 -56.70 -10.67
N LEU C 419 29.35 -57.55 -10.01
CA LEU C 419 28.45 -57.07 -8.98
C LEU C 419 29.22 -56.53 -7.77
N ASN C 420 30.21 -57.28 -7.29
CA ASN C 420 30.95 -56.83 -6.12
C ASN C 420 31.87 -55.66 -6.44
N ARG C 421 32.14 -55.44 -7.73
CA ARG C 421 32.68 -54.15 -8.19
C ARG C 421 31.68 -53.02 -8.05
N LYS C 422 30.46 -53.31 -7.59
CA LYS C 422 29.39 -52.32 -7.47
C LYS C 422 29.09 -51.68 -8.83
N HIS C 423 28.83 -52.53 -9.81
CA HIS C 423 28.58 -52.12 -11.18
C HIS C 423 27.25 -52.70 -11.67
N LEU C 424 26.80 -52.22 -12.81
CA LEU C 424 25.68 -52.79 -13.54
C LEU C 424 26.20 -53.62 -14.71
N VAL C 425 25.34 -54.50 -15.21
CA VAL C 425 25.73 -55.41 -16.29
C VAL C 425 24.77 -55.22 -17.47
N LEU C 426 25.33 -55.03 -18.66
CA LEU C 426 24.55 -54.98 -19.90
C LEU C 426 24.85 -56.26 -20.66
N ALA C 427 23.90 -57.20 -20.63
CA ALA C 427 24.13 -58.54 -21.14
C ALA C 427 23.07 -58.92 -22.16
N PRO C 428 23.42 -59.75 -23.15
CA PRO C 428 22.42 -60.22 -24.11
C PRO C 428 21.48 -61.22 -23.45
N TRP C 429 20.18 -61.06 -23.67
CA TRP C 429 19.21 -61.77 -22.85
C TRP C 429 18.14 -62.48 -23.67
N CYS C 430 17.64 -63.57 -23.08
CA CYS C 430 16.56 -64.39 -23.61
C CYS C 430 15.21 -63.67 -23.64
N GLU C 431 15.00 -62.69 -22.77
CA GLU C 431 13.71 -62.02 -22.60
C GLU C 431 12.59 -63.01 -22.31
N ASP C 432 12.93 -64.14 -21.70
CA ASP C 432 11.91 -65.04 -21.23
C ASP C 432 11.62 -64.79 -19.75
N PRO C 433 10.35 -64.83 -19.33
CA PRO C 433 10.02 -64.43 -17.96
C PRO C 433 10.72 -65.24 -16.88
N GLU C 434 10.59 -66.57 -16.92
CA GLU C 434 11.11 -67.38 -15.83
C GLU C 434 12.62 -67.33 -15.75
N SER C 435 13.30 -66.99 -16.85
CA SER C 435 14.73 -66.80 -16.81
C SER C 435 15.09 -65.81 -15.69
N GLU C 436 14.45 -64.64 -15.69
CA GLU C 436 14.77 -63.60 -14.73
C GLU C 436 14.63 -64.09 -13.29
N GLU C 437 13.55 -64.82 -13.01
CA GLU C 437 13.36 -65.32 -11.65
C GLU C 437 14.45 -66.33 -11.30
N GLN C 438 14.80 -67.20 -12.25
CA GLN C 438 15.98 -68.06 -12.08
C GLN C 438 17.18 -67.24 -11.66
N ILE C 439 17.48 -66.19 -12.44
CA ILE C 439 18.72 -65.44 -12.27
C ILE C 439 18.76 -64.78 -10.89
N LYS C 440 17.64 -64.15 -10.50
CA LYS C 440 17.60 -63.41 -9.24
C LYS C 440 17.63 -64.34 -8.05
N LYS C 441 16.74 -65.33 -8.02
CA LYS C 441 16.80 -66.31 -6.95
C LYS C 441 18.19 -66.93 -6.86
N GLU C 442 18.82 -67.22 -8.01
CA GLU C 442 20.19 -67.67 -8.05
C GLU C 442 21.11 -66.74 -7.28
N THR C 443 21.31 -65.52 -7.79
CA THR C 443 22.36 -64.65 -7.26
C THR C 443 22.02 -64.11 -5.88
N GLN C 444 20.79 -64.31 -5.38
CA GLN C 444 20.50 -63.92 -4.00
C GLN C 444 21.15 -64.87 -3.01
N LYS C 445 21.19 -66.16 -3.33
CA LYS C 445 21.80 -67.13 -2.43
C LYS C 445 23.31 -67.11 -2.46
N LEU C 446 23.92 -66.28 -3.31
CA LEU C 446 25.35 -66.00 -3.22
C LEU C 446 25.66 -64.94 -2.17
N SER C 447 24.76 -64.76 -1.21
CA SER C 447 24.94 -63.78 -0.14
C SER C 447 24.05 -64.12 1.04
N THR C 462 23.60 -57.64 -0.50
CA THR C 462 22.37 -57.26 0.16
C THR C 462 21.19 -57.53 -0.81
N GLY C 463 21.26 -58.64 -1.55
CA GLY C 463 20.11 -59.02 -2.35
C GLY C 463 20.52 -59.53 -3.70
N ALA C 464 19.53 -59.61 -4.59
CA ALA C 464 19.66 -60.25 -5.89
C ALA C 464 19.82 -59.21 -6.99
N MET C 465 20.16 -59.71 -8.18
CA MET C 465 20.38 -58.87 -9.36
C MET C 465 19.20 -59.05 -10.31
N LYS C 466 18.35 -58.05 -10.39
CA LYS C 466 17.17 -58.07 -11.25
C LYS C 466 17.44 -57.33 -12.56
N THR C 467 16.49 -57.43 -13.48
CA THR C 467 16.50 -56.54 -14.63
C THR C 467 16.14 -55.13 -14.19
N LEU C 468 16.94 -54.17 -14.61
CA LEU C 468 16.54 -52.78 -14.42
C LEU C 468 15.84 -52.26 -15.66
N CYS C 469 16.42 -52.48 -16.83
CA CYS C 469 15.79 -51.95 -18.03
C CYS C 469 16.25 -52.74 -19.26
N ILE C 470 15.53 -52.54 -20.36
CA ILE C 470 16.01 -52.93 -21.67
C ILE C 470 16.19 -51.63 -22.46
N PRO C 471 17.41 -51.12 -22.59
CA PRO C 471 17.60 -49.75 -23.09
C PRO C 471 17.04 -49.56 -24.50
N PHE C 472 16.50 -48.37 -24.73
CA PHE C 472 16.07 -48.01 -26.08
C PHE C 472 17.25 -48.01 -27.03
N ASP C 473 18.35 -47.34 -26.64
CA ASP C 473 19.60 -47.37 -27.39
C ASP C 473 20.21 -48.76 -27.25
N GLN C 474 20.06 -49.58 -28.29
CA GLN C 474 20.59 -50.94 -28.26
C GLN C 474 21.90 -51.01 -29.01
N PRO C 475 22.95 -51.55 -28.41
CA PRO C 475 24.18 -51.83 -29.16
C PRO C 475 23.92 -52.86 -30.24
N PRO C 476 24.78 -52.93 -31.26
CA PRO C 476 24.57 -53.93 -32.32
C PRO C 476 24.61 -55.34 -31.75
N MET C 477 23.67 -56.17 -32.21
CA MET C 477 23.57 -57.56 -31.78
C MET C 477 24.01 -58.47 -32.90
N PRO C 478 25.24 -58.99 -32.87
CA PRO C 478 25.69 -59.88 -33.95
C PRO C 478 24.88 -61.16 -33.98
N GLU C 479 24.48 -61.56 -35.19
CA GLU C 479 23.68 -62.76 -35.37
C GLU C 479 24.40 -63.97 -34.78
N GLY C 480 23.62 -64.83 -34.10
CA GLY C 480 24.16 -65.97 -33.40
C GLY C 480 24.61 -65.70 -31.98
N THR C 481 24.33 -64.50 -31.46
CA THR C 481 24.69 -64.20 -30.07
C THR C 481 23.70 -64.86 -29.12
N LYS C 482 24.24 -65.46 -28.07
CA LYS C 482 23.46 -66.30 -27.18
C LYS C 482 23.16 -65.55 -25.88
N CYS C 483 22.06 -65.93 -25.24
CA CYS C 483 21.73 -65.34 -23.96
C CYS C 483 22.75 -65.77 -22.91
N PHE C 484 23.16 -64.81 -22.09
CA PHE C 484 24.26 -65.00 -21.15
C PHE C 484 23.95 -66.00 -20.05
N TYR C 485 22.73 -66.53 -19.99
CA TYR C 485 22.39 -67.44 -18.90
C TYR C 485 21.83 -68.76 -19.42
N THR C 486 20.78 -68.69 -20.24
CA THR C 486 20.11 -69.88 -20.72
C THR C 486 20.84 -70.51 -21.89
N GLY C 487 21.43 -69.70 -22.77
CA GLY C 487 22.00 -70.17 -24.01
C GLY C 487 21.09 -70.03 -25.20
N LYS C 488 19.80 -69.78 -24.97
CA LYS C 488 18.86 -69.55 -26.06
C LYS C 488 19.30 -68.35 -26.89
N PRO C 489 18.93 -68.30 -28.19
CA PRO C 489 19.19 -67.11 -29.00
C PRO C 489 18.82 -65.81 -28.30
N ALA C 490 19.83 -64.99 -28.03
CA ALA C 490 19.60 -63.71 -27.37
C ALA C 490 18.90 -62.74 -28.30
N LYS C 491 18.02 -61.92 -27.74
CA LYS C 491 17.23 -60.97 -28.53
C LYS C 491 17.75 -59.55 -28.39
N ARG C 492 17.87 -59.04 -27.15
CA ARG C 492 18.27 -57.67 -26.92
C ARG C 492 19.26 -57.60 -25.76
N TRP C 493 19.91 -56.45 -25.65
CA TRP C 493 20.77 -56.16 -24.51
C TRP C 493 19.92 -55.66 -23.35
N THR C 494 20.15 -56.23 -22.16
CA THR C 494 19.38 -55.89 -20.97
C THR C 494 20.32 -55.40 -19.88
N LEU C 495 19.90 -54.36 -19.17
CA LEU C 495 20.64 -53.77 -18.07
C LEU C 495 20.10 -54.34 -16.75
N TRP C 496 20.97 -55.09 -16.06
CA TRP C 496 20.72 -55.69 -14.77
C TRP C 496 21.62 -55.07 -13.70
N GLY C 497 21.24 -55.31 -12.45
CA GLY C 497 22.02 -54.91 -11.31
C GLY C 497 21.20 -55.09 -10.04
N ARG C 498 21.85 -54.81 -8.91
CA ARG C 498 21.10 -54.69 -7.67
C ARG C 498 20.25 -53.43 -7.71
N SER C 499 19.13 -53.45 -7.01
CA SER C 499 18.13 -52.41 -7.14
C SER C 499 17.69 -51.87 -5.78
N TYR C 500 17.00 -50.74 -5.83
CA TYR C 500 16.35 -50.16 -4.66
C TYR C 500 14.89 -50.59 -4.63
N MET D 3 -27.61 -24.87 -21.04
CA MET D 3 -27.99 -26.19 -20.52
C MET D 3 -28.59 -26.09 -19.12
N VAL D 4 -28.30 -24.99 -18.43
CA VAL D 4 -28.81 -24.77 -17.08
C VAL D 4 -30.25 -24.29 -17.17
N THR D 5 -31.17 -25.04 -16.56
CA THR D 5 -32.59 -24.73 -16.61
C THR D 5 -33.14 -24.18 -15.31
N ALA D 6 -32.71 -24.71 -14.16
CA ALA D 6 -33.08 -24.12 -12.88
C ALA D 6 -32.59 -22.68 -12.82
N LYS D 7 -33.38 -21.83 -12.16
CA LYS D 7 -33.11 -20.40 -12.11
C LYS D 7 -32.63 -20.00 -10.72
N LYS D 8 -31.70 -19.05 -10.69
CA LYS D 8 -30.97 -18.73 -9.47
C LYS D 8 -31.87 -18.10 -8.42
N ASP D 9 -32.80 -17.24 -8.84
CA ASP D 9 -33.68 -16.56 -7.91
C ASP D 9 -34.75 -17.48 -7.32
N GLU D 10 -35.01 -18.61 -7.95
CA GLU D 10 -36.06 -19.51 -7.50
C GLU D 10 -35.53 -20.58 -6.54
N ASN D 11 -34.93 -21.63 -7.08
CA ASN D 11 -34.37 -22.73 -6.30
C ASN D 11 -32.85 -22.60 -6.36
N PHE D 12 -32.28 -21.95 -5.34
CA PHE D 12 -30.86 -21.64 -5.35
C PHE D 12 -30.00 -22.90 -5.36
N SER D 13 -30.36 -23.90 -4.56
CA SER D 13 -29.52 -25.09 -4.41
C SER D 13 -29.45 -25.89 -5.70
N GLU D 14 -30.60 -26.10 -6.35
CA GLU D 14 -30.61 -26.84 -7.61
C GLU D 14 -29.88 -26.07 -8.70
N TRP D 15 -30.02 -24.74 -8.70
CA TRP D 15 -29.24 -23.95 -9.65
C TRP D 15 -27.75 -24.14 -9.42
N TYR D 16 -27.31 -24.12 -8.16
CA TYR D 16 -25.90 -24.33 -7.85
C TYR D 16 -25.43 -25.68 -8.35
N THR D 17 -26.21 -26.72 -8.06
CA THR D 17 -25.86 -28.07 -8.50
C THR D 17 -25.74 -28.14 -10.02
N GLN D 18 -26.75 -27.63 -10.73
CA GLN D 18 -26.75 -27.66 -12.18
C GLN D 18 -25.57 -26.86 -12.74
N ALA D 19 -25.26 -25.71 -12.14
CA ALA D 19 -24.20 -24.86 -12.64
C ALA D 19 -22.84 -25.51 -12.47
N ILE D 20 -22.61 -26.19 -11.35
CA ILE D 20 -21.29 -26.78 -11.15
C ILE D 20 -21.16 -28.11 -11.88
N VAL D 21 -22.26 -28.83 -12.12
CA VAL D 21 -22.16 -30.09 -12.85
C VAL D 21 -22.08 -29.85 -14.36
N ARG D 22 -22.97 -29.02 -14.89
CA ARG D 22 -23.07 -28.81 -16.32
C ARG D 22 -21.93 -27.99 -16.90
N SER D 23 -21.24 -27.21 -16.07
CA SER D 23 -20.03 -26.53 -16.50
C SER D 23 -18.79 -27.42 -16.39
N GLU D 24 -18.97 -28.70 -16.03
CA GLU D 24 -17.87 -29.65 -15.89
C GLU D 24 -16.87 -29.21 -14.83
N MET D 25 -17.38 -28.67 -13.74
CA MET D 25 -16.51 -28.25 -12.63
C MET D 25 -16.32 -29.37 -11.61
N ILE D 26 -17.38 -30.07 -11.25
CA ILE D 26 -17.29 -31.16 -10.28
C ILE D 26 -18.00 -32.39 -10.83
N GLU D 27 -17.54 -33.55 -10.37
CA GLU D 27 -18.19 -34.82 -10.62
C GLU D 27 -18.52 -35.46 -9.28
N TYR D 28 -19.70 -36.07 -9.18
CA TYR D 28 -20.11 -36.59 -7.89
C TYR D 28 -19.38 -37.90 -7.58
N TYR D 29 -19.38 -38.25 -6.30
CA TYR D 29 -18.55 -39.33 -5.76
C TYR D 29 -19.37 -40.14 -4.77
N ASP D 30 -19.05 -41.43 -4.66
CA ASP D 30 -19.86 -42.34 -3.86
C ASP D 30 -19.72 -42.10 -2.37
N ILE D 31 -18.63 -41.50 -1.92
CA ILE D 31 -18.43 -41.20 -0.50
C ILE D 31 -18.97 -39.81 -0.22
N SER D 32 -19.84 -39.71 0.78
CA SER D 32 -20.55 -38.46 1.03
C SER D 32 -19.60 -37.36 1.48
N GLY D 33 -19.83 -36.15 0.99
CA GLY D 33 -19.02 -35.01 1.35
C GLY D 33 -17.76 -34.83 0.56
N CYS D 34 -17.48 -35.67 -0.44
CA CYS D 34 -16.30 -35.56 -1.26
C CYS D 34 -16.69 -35.54 -2.72
N TYR D 35 -15.97 -34.73 -3.51
CA TYR D 35 -16.31 -34.49 -4.89
C TYR D 35 -15.04 -34.48 -5.74
N ILE D 36 -15.22 -34.76 -7.03
CA ILE D 36 -14.11 -34.75 -7.97
C ILE D 36 -13.98 -33.33 -8.54
N MET D 37 -12.80 -32.74 -8.38
CA MET D 37 -12.51 -31.43 -8.96
C MET D 37 -12.03 -31.64 -10.38
N ARG D 38 -12.90 -31.31 -11.34
CA ARG D 38 -12.55 -31.44 -12.74
C ARG D 38 -11.69 -30.25 -13.18
N PRO D 39 -10.99 -30.38 -14.31
CA PRO D 39 -10.05 -29.31 -14.72
C PRO D 39 -10.62 -27.89 -14.69
N TRP D 40 -11.90 -27.70 -15.03
CA TRP D 40 -12.44 -26.35 -15.12
C TRP D 40 -12.39 -25.64 -13.77
N ALA D 41 -12.67 -26.37 -12.68
CA ALA D 41 -12.57 -25.77 -11.35
C ALA D 41 -11.13 -25.74 -10.86
N PHE D 42 -10.36 -26.79 -11.19
CA PHE D 42 -9.02 -26.90 -10.62
C PHE D 42 -8.08 -25.85 -11.20
N HIS D 43 -8.31 -25.39 -12.44
CA HIS D 43 -7.44 -24.36 -12.99
C HIS D 43 -7.65 -23.01 -12.30
N ILE D 44 -8.90 -22.70 -11.95
CA ILE D 44 -9.17 -21.52 -11.14
C ILE D 44 -8.49 -21.64 -9.79
N TRP D 45 -8.57 -22.83 -9.18
CA TRP D 45 -7.84 -23.06 -7.94
C TRP D 45 -6.34 -22.79 -8.13
N GLU D 46 -5.78 -23.30 -9.23
CA GLU D 46 -4.36 -23.11 -9.50
C GLU D 46 -3.99 -21.65 -9.61
N LYS D 47 -4.86 -20.84 -10.22
CA LYS D 47 -4.49 -19.44 -10.41
C LYS D 47 -4.58 -18.66 -9.10
N VAL D 48 -5.61 -18.88 -8.29
CA VAL D 48 -5.62 -18.20 -6.99
C VAL D 48 -4.48 -18.71 -6.12
N GLN D 49 -4.09 -19.98 -6.29
CA GLN D 49 -2.97 -20.54 -5.55
C GLN D 49 -1.67 -19.86 -5.93
N ARG D 50 -1.44 -19.68 -7.24
CA ARG D 50 -0.24 -18.98 -7.69
C ARG D 50 -0.20 -17.55 -7.15
N PHE D 51 -1.33 -16.85 -7.18
CA PHE D 51 -1.37 -15.49 -6.66
C PHE D 51 -0.95 -15.45 -5.19
N PHE D 52 -1.65 -16.21 -4.35
CA PHE D 52 -1.36 -16.16 -2.91
C PHE D 52 0.06 -16.64 -2.62
N ASP D 53 0.52 -17.66 -3.34
CA ASP D 53 1.86 -18.19 -3.13
C ASP D 53 2.92 -17.15 -3.42
N ASP D 54 2.79 -16.45 -4.56
CA ASP D 54 3.76 -15.41 -4.89
C ASP D 54 3.77 -14.31 -3.85
N GLU D 55 2.58 -13.88 -3.40
CA GLU D 55 2.54 -12.80 -2.41
C GLU D 55 3.22 -13.22 -1.10
N ILE D 56 2.90 -14.42 -0.60
CA ILE D 56 3.52 -14.81 0.67
C ILE D 56 5.02 -15.08 0.51
N LYS D 57 5.46 -15.55 -0.67
CA LYS D 57 6.90 -15.64 -0.91
C LYS D 57 7.55 -14.27 -0.85
N LYS D 58 6.86 -13.25 -1.35
CA LYS D 58 7.37 -11.90 -1.18
C LYS D 58 7.46 -11.50 0.29
N MET D 59 6.63 -12.08 1.15
CA MET D 59 6.80 -11.81 2.59
C MET D 59 7.90 -12.65 3.25
N GLY D 60 8.58 -13.53 2.52
CA GLY D 60 9.58 -14.39 3.14
C GLY D 60 9.06 -15.72 3.68
N VAL D 61 7.78 -16.03 3.48
CA VAL D 61 7.23 -17.31 3.87
C VAL D 61 7.70 -18.37 2.89
N GLU D 62 8.12 -19.52 3.42
CA GLU D 62 8.61 -20.62 2.60
C GLU D 62 7.67 -21.80 2.74
N ASN D 63 7.49 -22.54 1.64
CA ASN D 63 6.59 -23.68 1.63
C ASN D 63 7.28 -24.93 2.17
N SER D 64 6.47 -25.83 2.71
CA SER D 64 6.96 -27.06 3.32
C SER D 64 5.91 -28.15 3.08
N TYR D 65 6.24 -29.36 3.51
CA TYR D 65 5.25 -30.43 3.57
C TYR D 65 5.53 -31.29 4.78
N PHE D 66 4.61 -31.27 5.74
CA PHE D 66 4.52 -32.11 6.93
C PHE D 66 3.57 -33.27 6.66
N PRO D 67 3.79 -34.42 7.30
CA PRO D 67 3.07 -35.63 6.92
C PRO D 67 1.57 -35.52 7.15
N MET D 68 0.83 -36.32 6.39
CA MET D 68 -0.62 -36.38 6.50
C MET D 68 -1.07 -37.17 7.72
N PHE D 69 -0.23 -38.04 8.25
CA PHE D 69 -0.56 -38.88 9.39
C PHE D 69 0.01 -38.28 10.66
N VAL D 70 -0.80 -38.22 11.71
CA VAL D 70 -0.35 -37.80 13.03
C VAL D 70 -0.75 -38.87 14.03
N SER D 71 0.19 -39.30 14.85
CA SER D 71 -0.08 -40.35 15.82
C SER D 71 -1.10 -39.87 16.87
N ARG D 72 -1.63 -40.83 17.61
CA ARG D 72 -2.69 -40.51 18.57
C ARG D 72 -2.17 -39.64 19.71
N HIS D 73 -1.01 -40.01 20.28
CA HIS D 73 -0.49 -39.23 21.41
C HIS D 73 -0.09 -37.82 20.98
N LYS D 74 0.26 -37.63 19.71
CA LYS D 74 0.62 -36.30 19.25
C LYS D 74 -0.62 -35.45 19.00
N LEU D 75 -1.69 -36.03 18.47
CA LEU D 75 -2.92 -35.27 18.25
C LEU D 75 -3.65 -34.97 19.55
N GLU D 76 -3.40 -35.75 20.61
CA GLU D 76 -4.09 -35.56 21.88
C GLU D 76 -3.10 -35.34 23.01
N PHE D 85 -14.34 -31.10 18.31
CA PHE D 85 -13.28 -31.30 17.33
C PHE D 85 -13.01 -32.77 17.09
N SER D 86 -12.93 -33.55 18.18
CA SER D 86 -12.60 -34.95 18.08
C SER D 86 -13.57 -35.81 17.27
N PRO D 87 -14.89 -35.57 17.26
CA PRO D 87 -15.77 -36.41 16.42
C PRO D 87 -15.49 -36.29 14.93
N GLU D 88 -14.73 -35.28 14.48
CA GLU D 88 -14.48 -35.05 13.08
C GLU D 88 -13.23 -35.73 12.55
N VAL D 89 -12.45 -36.36 13.41
CA VAL D 89 -11.13 -36.87 13.04
C VAL D 89 -11.26 -38.28 12.47
N ALA D 90 -10.67 -38.50 11.30
CA ALA D 90 -10.64 -39.82 10.67
C ALA D 90 -9.45 -40.60 11.21
N TRP D 91 -9.67 -41.85 11.58
CA TRP D 91 -8.66 -42.66 12.24
C TRP D 91 -8.31 -43.87 11.39
N VAL D 92 -7.02 -44.09 11.21
CA VAL D 92 -6.48 -45.31 10.61
C VAL D 92 -6.17 -46.29 11.72
N THR D 93 -6.64 -47.53 11.60
CA THR D 93 -6.38 -48.56 12.59
C THR D 93 -5.73 -49.82 12.03
N HIS D 94 -5.69 -49.97 10.70
CA HIS D 94 -5.23 -51.21 10.09
C HIS D 94 -4.51 -50.89 8.78
N TYR D 95 -3.39 -51.59 8.57
CA TYR D 95 -2.79 -51.69 7.25
C TYR D 95 -2.99 -53.12 6.76
N GLY D 96 -3.58 -53.27 5.59
CA GLY D 96 -3.98 -54.59 5.14
C GLY D 96 -4.99 -55.17 6.10
N ASP D 97 -4.69 -56.37 6.60
CA ASP D 97 -5.54 -57.02 7.60
CA ASP D 97 -5.54 -57.02 7.60
C ASP D 97 -4.96 -56.94 9.00
N SER D 98 -3.74 -56.39 9.16
CA SER D 98 -2.96 -56.28 10.39
C SER D 98 -3.33 -55.01 11.15
N PRO D 99 -3.49 -55.08 12.47
CA PRO D 99 -3.76 -53.86 13.24
C PRO D 99 -2.49 -53.08 13.52
N LEU D 100 -2.63 -51.76 13.60
CA LEU D 100 -1.51 -50.90 13.94
C LEU D 100 -1.22 -50.99 15.43
N PRO D 101 0.03 -50.80 15.84
CA PRO D 101 0.32 -50.76 17.29
C PRO D 101 -0.42 -49.63 17.99
N GLU D 102 -0.61 -48.50 17.31
CA GLU D 102 -1.41 -47.40 17.82
C GLU D 102 -2.08 -46.73 16.63
N LYS D 103 -3.34 -46.36 16.80
CA LYS D 103 -4.10 -45.76 15.70
C LYS D 103 -3.55 -44.37 15.37
N ILE D 104 -3.62 -44.02 14.10
CA ILE D 104 -3.11 -42.75 13.62
C ILE D 104 -4.22 -42.01 12.89
N ALA D 105 -4.17 -40.68 12.94
CA ALA D 105 -5.20 -39.82 12.41
C ALA D 105 -4.75 -39.19 11.10
N ILE D 106 -5.71 -38.99 10.21
CA ILE D 106 -5.51 -38.18 9.01
C ILE D 106 -5.63 -36.72 9.40
N ARG D 107 -4.60 -35.93 9.10
CA ARG D 107 -4.45 -34.55 9.51
C ARG D 107 -5.73 -33.76 9.29
N PRO D 108 -6.35 -33.28 10.38
CA PRO D 108 -7.47 -32.34 10.25
C PRO D 108 -7.03 -30.89 10.30
N THR D 109 -5.77 -30.67 10.68
CA THR D 109 -5.03 -29.42 10.69
C THR D 109 -3.69 -29.77 11.33
N SER D 110 -2.65 -28.98 11.13
CA SER D 110 -1.29 -29.47 11.32
C SER D 110 -0.60 -28.93 12.57
N GLU D 111 -1.33 -28.29 13.48
CA GLU D 111 -0.70 -27.72 14.68
C GLU D 111 0.10 -28.76 15.44
N THR D 112 -0.51 -29.91 15.72
CA THR D 112 0.15 -30.97 16.48
C THR D 112 1.23 -31.68 15.68
N ILE D 113 1.28 -31.49 14.36
CA ILE D 113 2.36 -32.04 13.56
C ILE D 113 3.52 -31.07 13.44
N MET D 114 3.23 -29.77 13.39
CA MET D 114 4.26 -28.77 13.10
C MET D 114 4.90 -28.21 14.36
N TYR D 115 4.13 -28.01 15.43
CA TYR D 115 4.64 -27.25 16.57
C TYR D 115 5.69 -28.00 17.39
N PRO D 116 5.66 -29.34 17.50
CA PRO D 116 6.83 -30.02 18.08
C PRO D 116 8.10 -29.82 17.26
N ALA D 117 7.97 -29.84 15.93
CA ALA D 117 9.10 -29.52 15.08
C ALA D 117 9.58 -28.08 15.32
N TYR D 118 8.63 -27.15 15.48
CA TYR D 118 9.00 -25.77 15.81
C TYR D 118 9.77 -25.71 17.13
N ALA D 119 9.31 -26.46 18.13
CA ALA D 119 10.00 -26.48 19.41
C ALA D 119 11.43 -26.97 19.27
N LYS D 120 11.65 -27.96 18.39
CA LYS D 120 13.02 -28.40 18.17
C LYS D 120 13.84 -27.37 17.40
N TRP D 121 13.23 -26.70 16.41
CA TRP D 121 13.99 -25.88 15.49
C TRP D 121 14.35 -24.51 16.07
N ILE D 122 13.52 -23.96 16.95
CA ILE D 122 13.71 -22.61 17.45
C ILE D 122 14.48 -22.66 18.77
N ARG D 123 15.68 -22.10 18.78
CA ARG D 123 16.50 -22.08 19.98
C ARG D 123 16.97 -20.69 20.35
N SER D 124 17.24 -19.82 19.38
CA SER D 124 17.74 -18.48 19.64
C SER D 124 16.96 -17.46 18.80
N HIS D 125 17.15 -16.19 19.15
CA HIS D 125 16.53 -15.11 18.38
C HIS D 125 16.97 -15.13 16.93
N ARG D 126 18.14 -15.71 16.64
CA ARG D 126 18.62 -15.79 15.26
C ARG D 126 17.78 -16.74 14.41
N ASP D 127 16.95 -17.57 15.04
CA ASP D 127 16.06 -18.48 14.31
C ASP D 127 14.74 -17.85 13.94
N LEU D 128 14.48 -16.62 14.37
CA LEU D 128 13.20 -15.97 14.22
C LEU D 128 13.29 -14.77 13.27
N PRO D 129 12.22 -14.48 12.50
CA PRO D 129 10.96 -15.22 12.50
C PRO D 129 11.00 -16.51 11.70
N LEU D 130 10.19 -17.50 12.11
CA LEU D 130 10.01 -18.73 11.36
C LEU D 130 8.65 -18.65 10.68
N LYS D 131 8.65 -18.61 9.35
CA LYS D 131 7.42 -18.49 8.57
C LYS D 131 7.31 -19.68 7.64
N LEU D 132 6.37 -20.58 7.91
CA LEU D 132 6.16 -21.74 7.06
C LEU D 132 4.72 -21.76 6.57
N ASN D 133 4.54 -22.26 5.35
CA ASN D 133 3.22 -22.44 4.78
C ASN D 133 3.19 -23.80 4.10
N GLN D 134 2.00 -24.37 4.00
CA GLN D 134 1.88 -25.62 3.27
C GLN D 134 0.52 -25.71 2.59
N TRP D 135 0.55 -26.16 1.34
CA TRP D 135 -0.64 -26.46 0.56
C TRP D 135 -0.93 -27.95 0.69
N CYS D 136 -2.09 -28.29 1.24
CA CYS D 136 -2.38 -29.70 1.46
C CYS D 136 -3.87 -29.92 1.32
N SER D 137 -4.27 -31.18 1.48
CA SER D 137 -5.66 -31.55 1.68
C SER D 137 -5.89 -31.85 3.15
N VAL D 138 -7.15 -31.72 3.56
CA VAL D 138 -7.53 -31.89 4.96
C VAL D 138 -8.84 -32.67 5.00
N VAL D 139 -8.93 -33.58 5.96
CA VAL D 139 -10.10 -34.44 6.16
C VAL D 139 -10.76 -34.08 7.47
N ARG D 140 -12.08 -33.85 7.44
CA ARG D 140 -12.88 -33.66 8.64
C ARG D 140 -14.24 -34.28 8.38
N TRP D 141 -14.68 -35.16 9.29
CA TRP D 141 -15.98 -35.80 9.14
C TRP D 141 -17.07 -34.80 9.54
N GLU D 142 -17.36 -33.90 8.60
CA GLU D 142 -18.31 -32.83 8.85
C GLU D 142 -19.70 -33.40 9.13
N PHE D 143 -20.33 -32.91 10.19
CA PHE D 143 -21.67 -33.35 10.54
C PHE D 143 -22.74 -32.59 9.77
N LYS D 144 -22.50 -31.31 9.48
CA LYS D 144 -23.43 -30.56 8.64
C LYS D 144 -23.50 -31.19 7.26
N GLN D 145 -24.60 -30.91 6.56
CA GLN D 145 -24.81 -31.52 5.25
C GLN D 145 -23.84 -30.92 4.24
N PRO D 146 -23.12 -31.74 3.49
CA PRO D 146 -22.03 -31.22 2.66
C PRO D 146 -22.54 -30.35 1.52
N THR D 147 -21.69 -29.41 1.12
CA THR D 147 -21.91 -28.56 -0.04
C THR D 147 -20.63 -28.59 -0.86
N PRO D 148 -20.72 -28.82 -2.17
CA PRO D 148 -19.52 -28.75 -3.01
C PRO D 148 -18.82 -27.41 -2.85
N PHE D 149 -17.50 -27.47 -2.66
CA PHE D 149 -16.60 -26.36 -2.31
C PHE D 149 -16.82 -25.74 -0.93
N LEU D 150 -18.06 -25.39 -0.57
CA LEU D 150 -18.25 -24.62 0.65
C LEU D 150 -17.97 -25.44 1.90
N ARG D 151 -18.47 -26.69 1.94
CA ARG D 151 -18.25 -27.54 3.11
C ARG D 151 -18.16 -28.98 2.62
N THR D 152 -16.95 -29.52 2.58
CA THR D 152 -16.70 -30.88 2.14
C THR D 152 -15.87 -31.60 3.18
N ARG D 153 -15.84 -32.94 3.07
CA ARG D 153 -15.15 -33.74 4.07
C ARG D 153 -13.66 -33.85 3.79
N GLU D 154 -13.24 -33.78 2.54
CA GLU D 154 -11.86 -33.49 2.18
C GLU D 154 -11.85 -32.20 1.38
N PHE D 155 -10.97 -31.28 1.77
CA PHE D 155 -10.84 -30.04 1.00
C PHE D 155 -9.38 -29.66 0.88
N LEU D 156 -9.08 -28.91 -0.17
CA LEU D 156 -7.74 -28.37 -0.38
C LEU D 156 -7.64 -27.02 0.29
N TRP D 157 -6.49 -26.76 0.93
CA TRP D 157 -6.28 -25.48 1.56
C TRP D 157 -4.80 -25.15 1.57
N GLN D 158 -4.50 -23.92 1.99
CA GLN D 158 -3.20 -23.59 2.52
C GLN D 158 -3.36 -23.24 3.99
N GLU D 159 -2.35 -23.62 4.77
CA GLU D 159 -2.22 -23.23 6.17
C GLU D 159 -0.82 -22.70 6.41
N GLY D 160 -0.74 -21.54 7.05
CA GLY D 160 0.52 -20.89 7.37
C GLY D 160 0.68 -20.75 8.87
N HIS D 161 1.89 -21.02 9.34
CA HIS D 161 2.23 -20.94 10.76
C HIS D 161 3.55 -20.20 10.90
N THR D 162 3.57 -19.18 11.74
CA THR D 162 4.76 -18.36 11.94
C THR D 162 5.00 -18.18 13.44
N ALA D 163 6.27 -18.01 13.78
CA ALA D 163 6.73 -17.76 15.13
C ALA D 163 7.63 -16.53 15.12
N HIS D 164 7.37 -15.59 16.03
CA HIS D 164 8.05 -14.30 16.08
C HIS D 164 8.52 -14.02 17.49
N ALA D 165 9.54 -13.16 17.58
CA ALA D 165 10.08 -12.81 18.89
C ALA D 165 9.14 -11.89 19.67
N THR D 166 8.37 -11.05 18.98
CA THR D 166 7.49 -10.09 19.64
C THR D 166 6.08 -10.21 19.10
N GLU D 167 5.12 -9.79 19.93
CA GLU D 167 3.72 -9.81 19.52
C GLU D 167 3.43 -8.80 18.42
N GLU D 168 4.16 -7.68 18.40
CA GLU D 168 3.90 -6.66 17.39
C GLU D 168 4.20 -7.16 15.99
N GLU D 169 5.34 -7.86 15.81
CA GLU D 169 5.67 -8.41 14.51
C GLU D 169 4.65 -9.46 14.07
N ALA D 170 4.23 -10.32 15.00
CA ALA D 170 3.23 -11.32 14.68
C ALA D 170 1.91 -10.69 14.26
N TRP D 171 1.49 -9.63 14.96
CA TRP D 171 0.24 -8.95 14.62
C TRP D 171 0.34 -8.26 13.26
N GLU D 172 1.49 -7.63 12.99
CA GLU D 172 1.77 -7.09 11.67
C GLU D 172 1.57 -8.15 10.60
N LEU D 173 2.14 -9.34 10.80
CA LEU D 173 2.01 -10.41 9.82
C LEU D 173 0.57 -10.87 9.69
N VAL D 174 -0.16 -10.95 10.82
CA VAL D 174 -1.57 -11.33 10.78
C VAL D 174 -2.34 -10.40 9.86
N LEU D 175 -2.13 -9.10 10.03
CA LEU D 175 -2.86 -8.13 9.21
C LEU D 175 -2.42 -8.20 7.75
N ASP D 176 -1.13 -8.41 7.49
CA ASP D 176 -0.66 -8.56 6.12
C ASP D 176 -1.34 -9.75 5.44
N ILE D 177 -1.43 -10.88 6.16
CA ILE D 177 -2.08 -12.06 5.60
C ILE D 177 -3.56 -11.80 5.35
N LEU D 178 -4.22 -11.10 6.28
CA LEU D 178 -5.63 -10.78 6.07
C LEU D 178 -5.83 -9.88 4.86
N GLU D 179 -4.90 -8.96 4.61
CA GLU D 179 -4.99 -8.15 3.40
C GLU D 179 -4.78 -9.00 2.15
N LEU D 180 -3.88 -9.97 2.22
CA LEU D 180 -3.72 -10.90 1.11
C LEU D 180 -4.98 -11.71 0.86
N TYR D 181 -5.72 -12.05 1.92
CA TYR D 181 -6.99 -12.76 1.74
C TYR D 181 -8.04 -11.86 1.11
N ARG D 182 -8.10 -10.59 1.55
CA ARG D 182 -8.98 -9.63 0.91
C ARG D 182 -8.67 -9.52 -0.58
N ARG D 183 -7.39 -9.56 -0.94
CA ARG D 183 -7.03 -9.48 -2.36
C ARG D 183 -7.41 -10.76 -3.09
N TRP D 184 -7.11 -11.92 -2.49
CA TRP D 184 -7.58 -13.21 -2.97
C TRP D 184 -9.04 -13.16 -3.41
N TYR D 185 -9.90 -12.59 -2.56
CA TYR D 185 -11.32 -12.60 -2.90
C TYR D 185 -11.70 -11.44 -3.81
N GLU D 186 -11.29 -10.21 -3.46
CA GLU D 186 -11.76 -9.02 -4.16
C GLU D 186 -11.00 -8.78 -5.47
N GLU D 187 -9.67 -8.89 -5.43
CA GLU D 187 -8.88 -8.62 -6.63
C GLU D 187 -9.01 -9.76 -7.64
N CYS D 188 -8.84 -11.00 -7.17
CA CYS D 188 -8.85 -12.14 -8.07
C CYS D 188 -10.28 -12.60 -8.37
N LEU D 189 -11.04 -12.95 -7.33
CA LEU D 189 -12.36 -13.56 -7.49
C LEU D 189 -13.48 -12.53 -7.61
N ALA D 190 -13.18 -11.24 -7.45
CA ALA D 190 -14.17 -10.17 -7.55
C ALA D 190 -15.34 -10.38 -6.59
N VAL D 191 -15.03 -10.93 -5.42
CA VAL D 191 -16.02 -11.14 -4.37
C VAL D 191 -15.74 -10.15 -3.25
N PRO D 192 -16.69 -9.27 -2.92
CA PRO D 192 -16.46 -8.33 -1.81
C PRO D 192 -16.60 -9.03 -0.46
N VAL D 193 -15.72 -8.66 0.47
CA VAL D 193 -15.70 -9.27 1.80
C VAL D 193 -15.46 -8.18 2.84
N ILE D 194 -15.73 -8.53 4.09
CA ILE D 194 -15.65 -7.62 5.22
C ILE D 194 -14.58 -8.14 6.18
N LYS D 195 -13.55 -7.33 6.41
CA LYS D 195 -12.59 -7.63 7.46
C LYS D 195 -13.22 -7.41 8.83
N GLY D 196 -12.85 -8.26 9.78
CA GLY D 196 -13.36 -8.08 11.12
C GLY D 196 -12.65 -8.98 12.10
N GLU D 197 -12.99 -8.77 13.37
CA GLU D 197 -12.49 -9.60 14.47
C GLU D 197 -13.61 -10.51 14.95
N LYS D 198 -13.25 -11.76 15.26
CA LYS D 198 -14.23 -12.72 15.76
C LYS D 198 -14.54 -12.46 17.22
N SER D 199 -15.78 -12.75 17.60
CA SER D 199 -16.16 -12.70 19.01
C SER D 199 -15.41 -13.79 19.78
N GLU D 200 -15.44 -13.67 21.11
CA GLU D 200 -14.72 -14.62 21.96
C GLU D 200 -15.26 -16.03 21.76
N GLY D 201 -16.57 -16.17 21.53
CA GLY D 201 -17.14 -17.48 21.31
C GLY D 201 -16.90 -18.06 19.94
N GLU D 202 -16.61 -17.22 18.95
CA GLU D 202 -16.42 -17.66 17.58
C GLU D 202 -14.95 -17.82 17.19
N LYS D 203 -14.03 -17.36 18.02
CA LYS D 203 -12.62 -17.37 17.68
C LYS D 203 -12.00 -18.75 17.92
N PHE D 204 -10.79 -18.92 17.39
CA PHE D 204 -10.01 -20.13 17.62
C PHE D 204 -9.60 -20.19 19.09
N ALA D 205 -10.06 -21.24 19.78
CA ALA D 205 -9.84 -21.32 21.23
C ALA D 205 -8.36 -21.41 21.56
N GLY D 206 -7.55 -21.98 20.68
CA GLY D 206 -6.13 -22.03 20.92
C GLY D 206 -5.39 -20.72 20.74
N GLY D 207 -6.09 -19.64 20.38
CA GLY D 207 -5.45 -18.39 20.03
C GLY D 207 -5.96 -17.20 20.85
N LYS D 208 -5.25 -16.09 20.70
CA LYS D 208 -5.54 -14.86 21.43
C LYS D 208 -6.57 -14.01 20.72
N LYS D 209 -6.43 -13.85 19.40
CA LYS D 209 -7.30 -13.00 18.62
C LYS D 209 -7.42 -13.59 17.22
N THR D 210 -8.64 -13.69 16.72
CA THR D 210 -8.88 -14.21 15.38
C THR D 210 -9.53 -13.13 14.52
N THR D 211 -8.85 -12.77 13.43
CA THR D 211 -9.40 -11.91 12.40
C THR D 211 -9.90 -12.75 11.24
N THR D 212 -10.80 -12.18 10.47
CA THR D 212 -11.45 -12.94 9.41
C THR D 212 -11.93 -11.99 8.32
N VAL D 213 -12.19 -12.56 7.14
CA VAL D 213 -12.93 -11.91 6.07
C VAL D 213 -14.23 -12.68 5.90
N GLU D 214 -15.33 -11.95 5.79
CA GLU D 214 -16.66 -12.54 5.72
C GLU D 214 -17.33 -12.17 4.41
N ALA D 215 -17.98 -13.15 3.79
CA ALA D 215 -18.73 -12.96 2.56
C ALA D 215 -20.20 -13.27 2.81
N PHE D 216 -21.03 -12.95 1.83
CA PHE D 216 -22.47 -13.00 2.00
C PHE D 216 -23.13 -13.57 0.75
N ILE D 217 -23.97 -14.58 0.92
CA ILE D 217 -24.76 -15.17 -0.15
C ILE D 217 -26.17 -14.60 -0.07
N PRO D 218 -26.56 -13.70 -0.98
CA PRO D 218 -27.87 -13.05 -0.85
C PRO D 218 -29.04 -13.96 -1.14
N GLU D 219 -28.86 -14.97 -1.99
CA GLU D 219 -29.99 -15.80 -2.42
C GLU D 219 -30.62 -16.54 -1.24
N ASN D 220 -29.79 -17.01 -0.31
CA ASN D 220 -30.29 -17.58 0.94
C ASN D 220 -29.95 -16.72 2.15
N GLY D 221 -29.29 -15.58 1.93
CA GLY D 221 -29.05 -14.63 3.01
C GLY D 221 -28.10 -15.12 4.07
N ARG D 222 -27.06 -15.85 3.69
CA ARG D 222 -26.17 -16.50 4.66
C ARG D 222 -24.79 -15.87 4.62
N GLY D 223 -24.26 -15.53 5.80
CA GLY D 223 -22.86 -15.17 5.91
C GLY D 223 -21.98 -16.40 5.84
N ILE D 224 -20.73 -16.20 5.45
CA ILE D 224 -19.81 -17.31 5.30
C ILE D 224 -18.38 -16.82 5.50
N GLN D 225 -17.66 -17.48 6.41
CA GLN D 225 -16.27 -17.15 6.65
C GLN D 225 -15.43 -17.55 5.45
N ALA D 226 -14.75 -16.57 4.85
CA ALA D 226 -14.01 -16.80 3.62
C ALA D 226 -12.56 -17.18 3.85
N ALA D 227 -11.98 -16.72 4.96
CA ALA D 227 -10.60 -17.01 5.35
C ALA D 227 -10.41 -16.49 6.76
N THR D 228 -9.34 -16.95 7.41
CA THR D 228 -9.10 -16.59 8.80
C THR D 228 -7.61 -16.41 9.04
N SER D 229 -7.28 -15.58 10.03
CA SER D 229 -5.90 -15.25 10.36
C SER D 229 -5.81 -15.04 11.86
N HIS D 230 -4.99 -15.84 12.53
CA HIS D 230 -4.99 -15.92 13.99
C HIS D 230 -3.75 -15.29 14.58
N LEU D 231 -3.94 -14.42 15.58
CA LEU D 231 -2.88 -14.05 16.49
C LEU D 231 -2.95 -15.02 17.67
N LEU D 232 -2.04 -15.99 17.68
CA LEU D 232 -2.11 -17.07 18.66
C LEU D 232 -1.52 -16.69 20.01
N GLY D 233 -0.72 -15.64 20.07
CA GLY D 233 -0.07 -15.30 21.32
C GLY D 233 1.04 -16.29 21.63
N THR D 234 1.11 -16.70 22.90
CA THR D 234 2.18 -17.57 23.37
C THR D 234 1.69 -18.91 23.93
N ASN D 235 0.37 -19.16 23.95
CA ASN D 235 -0.12 -20.35 24.64
C ASN D 235 0.33 -21.63 23.95
N PHE D 236 0.37 -21.64 22.62
CA PHE D 236 0.93 -22.80 21.92
C PHE D 236 2.42 -22.93 22.19
N ALA D 237 3.12 -21.81 22.35
CA ALA D 237 4.54 -21.86 22.70
C ALA D 237 4.76 -22.40 24.10
N LYS D 238 3.84 -22.12 25.03
CA LYS D 238 3.94 -22.70 26.36
C LYS D 238 3.62 -24.18 26.34
N MET D 239 2.54 -24.55 25.64
CA MET D 239 2.08 -25.94 25.61
C MET D 239 3.12 -26.84 24.94
N PHE D 240 3.69 -26.41 23.83
CA PHE D 240 4.69 -27.20 23.11
C PHE D 240 6.12 -26.83 23.51
N GLU D 241 6.30 -25.90 24.44
CA GLU D 241 7.62 -25.46 24.90
C GLU D 241 8.46 -24.94 23.73
N ILE D 242 7.89 -23.98 23.00
CA ILE D 242 8.60 -23.29 21.92
C ILE D 242 9.21 -22.04 22.54
N GLU D 243 10.48 -22.13 22.94
CA GLU D 243 11.18 -21.05 23.60
C GLU D 243 12.44 -20.69 22.82
N PHE D 244 12.89 -19.45 22.99
CA PHE D 244 14.11 -18.98 22.37
C PHE D 244 14.90 -18.13 23.35
N GLU D 245 16.21 -18.21 23.26
CA GLU D 245 17.10 -17.33 24.00
C GLU D 245 17.22 -16.00 23.26
N ASP D 246 16.95 -14.90 23.95
CA ASP D 246 16.95 -13.59 23.31
C ASP D 246 18.36 -12.99 23.35
N GLU D 247 18.45 -11.68 23.06
CA GLU D 247 19.75 -11.01 23.00
C GLU D 247 20.49 -11.11 24.33
N GLU D 248 19.77 -11.00 25.44
CA GLU D 248 20.37 -10.86 26.75
C GLU D 248 20.56 -12.20 27.46
N GLY D 249 20.45 -13.32 26.73
CA GLY D 249 20.56 -14.63 27.34
C GLY D 249 19.31 -15.13 28.01
N HIS D 250 18.26 -14.32 28.08
CA HIS D 250 17.02 -14.73 28.71
C HIS D 250 16.18 -15.59 27.76
N LYS D 251 15.37 -16.46 28.34
CA LYS D 251 14.55 -17.39 27.57
C LYS D 251 13.10 -16.90 27.56
N ARG D 252 12.53 -16.79 26.36
CA ARG D 252 11.20 -16.24 26.17
C ARG D 252 10.37 -17.16 25.29
N LEU D 253 9.05 -17.02 25.40
CA LEU D 253 8.13 -17.73 24.53
C LEU D 253 7.94 -16.96 23.23
N VAL D 254 7.68 -17.70 22.15
CA VAL D 254 7.46 -17.08 20.85
C VAL D 254 5.98 -16.70 20.72
N HIS D 255 5.73 -15.69 19.90
CA HIS D 255 4.39 -15.26 19.56
C HIS D 255 4.05 -15.80 18.18
N GLN D 256 2.94 -16.53 18.08
CA GLN D 256 2.67 -17.31 16.89
C GLN D 256 1.48 -16.77 16.11
N THR D 257 1.50 -17.03 14.81
CA THR D 257 0.37 -16.79 13.94
C THR D 257 0.06 -18.07 13.17
N SER D 258 -1.22 -18.23 12.83
CA SER D 258 -1.64 -19.26 11.89
C SER D 258 -2.81 -18.70 11.08
N TRP D 259 -2.91 -19.16 9.83
CA TRP D 259 -3.89 -18.61 8.90
C TRP D 259 -4.18 -19.65 7.83
N GLY D 260 -5.39 -19.63 7.28
CA GLY D 260 -5.77 -20.68 6.35
C GLY D 260 -6.85 -20.24 5.40
N CYS D 261 -6.85 -20.85 4.22
CA CYS D 261 -7.90 -20.57 3.24
C CYS D 261 -8.02 -21.76 2.30
N THR D 262 -9.26 -22.04 1.86
CA THR D 262 -9.59 -23.29 1.20
C THR D 262 -10.33 -23.06 -0.12
N THR D 263 -10.61 -24.17 -0.80
CA THR D 263 -11.36 -24.20 -2.05
C THR D 263 -12.79 -23.68 -1.87
N ARG D 264 -13.25 -23.49 -0.63
CA ARG D 264 -14.51 -22.79 -0.40
C ARG D 264 -14.59 -21.51 -1.22
N SER D 265 -13.48 -20.78 -1.30
CA SER D 265 -13.43 -19.55 -2.09
C SER D 265 -14.04 -19.75 -3.46
N LEU D 266 -13.63 -20.82 -4.15
CA LEU D 266 -14.16 -21.10 -5.48
C LEU D 266 -15.67 -21.09 -5.48
N GLY D 267 -16.27 -21.88 -4.57
CA GLY D 267 -17.73 -21.89 -4.47
C GLY D 267 -18.31 -20.53 -4.23
N VAL D 268 -17.69 -19.75 -3.33
CA VAL D 268 -18.20 -18.41 -3.05
C VAL D 268 -18.20 -17.57 -4.31
N MET D 269 -17.21 -17.76 -5.18
CA MET D 269 -17.22 -17.05 -6.45
C MET D 269 -18.38 -17.50 -7.32
N ILE D 270 -18.61 -18.80 -7.42
CA ILE D 270 -19.66 -19.32 -8.30
C ILE D 270 -21.01 -18.74 -7.90
N MET D 271 -21.31 -18.75 -6.60
CA MET D 271 -22.59 -18.24 -6.13
C MET D 271 -22.71 -16.73 -6.35
N THR D 272 -21.59 -16.03 -6.44
CA THR D 272 -21.67 -14.57 -6.50
C THR D 272 -21.95 -14.08 -7.93
N HIS D 273 -21.25 -14.64 -8.91
CA HIS D 273 -21.34 -14.15 -10.29
C HIS D 273 -22.16 -15.03 -11.20
N GLY D 274 -22.51 -16.24 -10.79
CA GLY D 274 -23.31 -17.10 -11.65
C GLY D 274 -24.66 -16.47 -11.96
N ASP D 275 -25.14 -16.71 -13.18
CA ASP D 275 -26.49 -16.29 -13.54
C ASP D 275 -27.28 -17.50 -14.03
N ASP D 276 -28.46 -17.27 -14.62
CA ASP D 276 -29.33 -18.38 -14.96
C ASP D 276 -28.84 -19.17 -16.18
N LYS D 277 -27.83 -18.68 -16.88
CA LYS D 277 -27.21 -19.44 -17.96
C LYS D 277 -25.98 -20.21 -17.50
N GLY D 278 -25.52 -20.00 -16.27
CA GLY D 278 -24.40 -20.75 -15.74
C GLY D 278 -23.36 -19.89 -15.06
N LEU D 279 -22.09 -20.28 -15.17
CA LEU D 279 -21.02 -19.58 -14.50
C LEU D 279 -20.69 -18.27 -15.21
N VAL D 280 -20.08 -17.36 -14.45
CA VAL D 280 -19.44 -16.17 -14.98
C VAL D 280 -18.11 -16.08 -14.23
N ILE D 281 -17.03 -16.50 -14.89
CA ILE D 281 -15.70 -16.52 -14.27
C ILE D 281 -15.08 -15.14 -14.43
N PRO D 282 -14.70 -14.47 -13.35
CA PRO D 282 -13.97 -13.20 -13.47
C PRO D 282 -12.72 -13.38 -14.31
N PRO D 283 -12.41 -12.40 -15.16
CA PRO D 283 -11.31 -12.59 -16.12
C PRO D 283 -9.95 -12.81 -15.49
N ARG D 284 -9.75 -12.43 -14.22
CA ARG D 284 -8.43 -12.58 -13.63
C ARG D 284 -8.12 -14.04 -13.30
N VAL D 285 -9.13 -14.86 -13.03
CA VAL D 285 -8.93 -16.25 -12.66
C VAL D 285 -9.41 -17.22 -13.74
N ALA D 286 -9.90 -16.73 -14.87
CA ALA D 286 -10.36 -17.60 -15.94
C ALA D 286 -9.18 -18.21 -16.67
N SER D 287 -9.16 -19.54 -16.76
CA SER D 287 -8.11 -20.21 -17.54
C SER D 287 -8.23 -19.84 -19.01
N VAL D 288 -9.45 -19.73 -19.51
CA VAL D 288 -9.73 -19.26 -20.86
C VAL D 288 -10.41 -17.90 -20.73
N GLN D 289 -9.75 -16.84 -21.17
CA GLN D 289 -10.36 -15.52 -21.16
C GLN D 289 -11.10 -15.22 -22.46
N VAL D 290 -10.59 -15.70 -23.59
CA VAL D 290 -11.20 -15.46 -24.90
C VAL D 290 -11.20 -16.78 -25.66
N VAL D 291 -12.39 -17.29 -25.97
CA VAL D 291 -12.53 -18.48 -26.80
C VAL D 291 -12.83 -18.03 -28.23
N ILE D 292 -12.04 -18.52 -29.17
CA ILE D 292 -12.20 -18.18 -30.58
C ILE D 292 -12.94 -19.31 -31.26
N ILE D 293 -14.09 -18.99 -31.85
CA ILE D 293 -14.93 -19.99 -32.50
C ILE D 293 -14.97 -19.70 -34.00
N PRO D 294 -14.27 -20.49 -34.83
CA PRO D 294 -14.37 -20.30 -36.28
C PRO D 294 -15.63 -20.96 -36.83
N ILE D 295 -16.27 -20.27 -37.77
CA ILE D 295 -17.49 -20.78 -38.39
C ILE D 295 -17.18 -21.15 -39.83
N LEU D 296 -16.75 -22.39 -40.04
CA LEU D 296 -16.33 -22.86 -41.35
C LEU D 296 -17.53 -23.32 -42.18
N PHE D 297 -17.33 -23.36 -43.50
CA PHE D 297 -18.30 -23.93 -44.42
C PHE D 297 -17.59 -24.95 -45.32
N GLY D 303 -9.28 -23.83 -43.34
CA GLY D 303 -7.91 -23.60 -43.77
C GLY D 303 -7.50 -22.14 -43.67
N GLU D 304 -8.17 -21.30 -44.46
CA GLU D 304 -7.99 -19.86 -44.34
C GLU D 304 -8.39 -19.37 -42.96
N ILE D 305 -9.60 -19.74 -42.53
CA ILE D 305 -10.15 -19.21 -41.30
C ILE D 305 -9.39 -19.72 -40.09
N LEU D 306 -9.07 -21.02 -40.06
CA LEU D 306 -8.29 -21.57 -38.96
C LEU D 306 -6.92 -20.89 -38.88
N GLY D 307 -6.30 -20.64 -40.03
CA GLY D 307 -5.03 -19.93 -40.04
C GLY D 307 -5.14 -18.57 -39.39
N LYS D 308 -6.12 -17.76 -39.83
CA LYS D 308 -6.22 -16.42 -39.25
C LYS D 308 -6.66 -16.47 -37.79
N CYS D 309 -7.39 -17.51 -37.39
CA CYS D 309 -7.71 -17.70 -35.97
C CYS D 309 -6.45 -17.90 -35.16
N ARG D 310 -5.51 -18.72 -35.66
CA ARG D 310 -4.25 -18.90 -34.96
C ARG D 310 -3.42 -17.63 -34.95
N GLU D 311 -3.47 -16.84 -36.03
CA GLU D 311 -2.80 -15.54 -36.06
C GLU D 311 -3.35 -14.62 -34.97
N LEU D 312 -4.68 -14.54 -34.87
CA LEU D 312 -5.31 -13.73 -33.83
C LEU D 312 -4.94 -14.25 -32.44
N LYS D 313 -4.86 -15.58 -32.29
CA LYS D 313 -4.45 -16.16 -31.02
C LYS D 313 -3.05 -15.71 -30.64
N THR D 314 -2.10 -15.77 -31.57
CA THR D 314 -0.74 -15.31 -31.30
C THR D 314 -0.73 -13.84 -30.90
N MET D 315 -1.46 -13.01 -31.65
CA MET D 315 -1.47 -11.58 -31.38
C MET D 315 -2.04 -11.28 -30.00
N LEU D 316 -3.12 -11.95 -29.62
CA LEU D 316 -3.71 -11.74 -28.30
C LEU D 316 -2.81 -12.30 -27.19
N GLU D 317 -2.16 -13.44 -27.45
CA GLU D 317 -1.25 -14.02 -26.47
C GLU D 317 -0.11 -13.06 -26.15
N LYS D 318 0.38 -12.34 -27.17
CA LYS D 318 1.46 -11.38 -26.92
C LYS D 318 1.03 -10.25 -26.00
N ALA D 319 -0.27 -10.06 -25.79
CA ALA D 319 -0.78 -9.08 -24.84
C ALA D 319 -1.13 -9.70 -23.49
N ASP D 320 -0.75 -10.97 -23.27
CA ASP D 320 -1.00 -11.75 -22.05
C ASP D 320 -2.44 -12.24 -21.95
N ILE D 321 -3.17 -12.30 -23.05
CA ILE D 321 -4.55 -12.80 -23.05
C ILE D 321 -4.53 -14.31 -23.23
N ARG D 322 -5.24 -15.00 -22.34
CA ARG D 322 -5.31 -16.47 -22.39
C ARG D 322 -6.39 -16.87 -23.40
N VAL D 323 -5.97 -17.46 -24.52
CA VAL D 323 -6.84 -17.70 -25.66
C VAL D 323 -6.94 -19.18 -25.92
N ARG D 324 -8.16 -19.66 -26.17
CA ARG D 324 -8.41 -21.01 -26.64
C ARG D 324 -9.20 -20.95 -27.93
N ILE D 325 -8.73 -21.65 -28.95
CA ILE D 325 -9.42 -21.76 -30.22
C ILE D 325 -10.22 -23.05 -30.20
N ASP D 326 -11.55 -22.93 -30.11
CA ASP D 326 -12.43 -24.08 -30.19
C ASP D 326 -12.65 -24.44 -31.67
N ASP D 327 -11.57 -24.93 -32.28
CA ASP D 327 -11.63 -25.48 -33.63
C ASP D 327 -12.15 -26.91 -33.64
N ARG D 328 -12.54 -27.44 -32.47
CA ARG D 328 -13.11 -28.77 -32.38
C ARG D 328 -14.17 -28.95 -33.45
N SER D 329 -13.88 -29.78 -34.45
CA SER D 329 -14.72 -29.84 -35.64
C SER D 329 -16.07 -30.49 -35.31
N ASN D 330 -16.04 -31.62 -34.63
CA ASN D 330 -17.24 -32.45 -34.43
C ASN D 330 -18.27 -31.79 -33.51
N TYR D 331 -18.33 -30.46 -33.48
CA TYR D 331 -19.39 -29.75 -32.79
C TYR D 331 -19.83 -28.57 -33.63
N THR D 332 -21.13 -28.27 -33.57
CA THR D 332 -21.69 -27.14 -34.29
C THR D 332 -21.42 -25.84 -33.55
N PRO D 333 -21.36 -24.70 -34.27
CA PRO D 333 -21.07 -23.42 -33.60
C PRO D 333 -21.99 -23.08 -32.43
N GLY D 334 -23.31 -23.18 -32.60
CA GLY D 334 -24.20 -22.82 -31.51
C GLY D 334 -23.99 -23.66 -30.27
N TRP D 335 -23.69 -24.95 -30.46
CA TRP D 335 -23.32 -25.79 -29.33
C TRP D 335 -22.12 -25.24 -28.59
N LYS D 336 -21.10 -24.79 -29.33
CA LYS D 336 -19.92 -24.23 -28.69
C LYS D 336 -20.26 -22.93 -27.95
N TYR D 337 -21.12 -22.11 -28.56
CA TYR D 337 -21.60 -20.90 -27.89
C TYR D 337 -22.14 -21.25 -26.52
N ASN D 338 -23.09 -22.19 -26.47
CA ASN D 338 -23.70 -22.53 -25.18
C ASN D 338 -22.70 -23.20 -24.25
N HIS D 339 -21.80 -24.02 -24.79
CA HIS D 339 -20.79 -24.71 -23.98
C HIS D 339 -19.93 -23.72 -23.23
N TRP D 340 -19.31 -22.78 -23.96
CA TRP D 340 -18.43 -21.81 -23.31
C TRP D 340 -19.20 -20.75 -22.55
N GLU D 341 -20.50 -20.57 -22.80
CA GLU D 341 -21.25 -19.64 -21.98
C GLU D 341 -21.67 -20.26 -20.64
N VAL D 342 -21.98 -21.56 -20.63
CA VAL D 342 -22.23 -22.22 -19.35
C VAL D 342 -20.93 -22.36 -18.56
N LYS D 343 -19.82 -22.58 -19.26
CA LYS D 343 -18.53 -22.59 -18.57
C LYS D 343 -18.13 -21.21 -18.06
N GLY D 344 -18.74 -20.15 -18.57
CA GLY D 344 -18.51 -18.81 -18.05
C GLY D 344 -17.31 -18.10 -18.62
N VAL D 345 -16.84 -18.48 -19.80
CA VAL D 345 -15.70 -17.80 -20.42
C VAL D 345 -16.06 -16.33 -20.63
N PRO D 346 -15.22 -15.38 -20.21
CA PRO D 346 -15.62 -13.96 -20.26
C PRO D 346 -15.92 -13.44 -21.66
N LEU D 347 -15.19 -13.89 -22.67
CA LEU D 347 -15.32 -13.31 -24.00
C LEU D 347 -15.32 -14.40 -25.07
N ARG D 348 -16.31 -14.33 -25.96
CA ARG D 348 -16.33 -15.16 -27.15
C ARG D 348 -15.94 -14.31 -28.36
N LEU D 349 -15.10 -14.87 -29.22
CA LEU D 349 -14.69 -14.22 -30.46
C LEU D 349 -15.14 -15.09 -31.63
N GLU D 350 -16.00 -14.53 -32.48
CA GLU D 350 -16.51 -15.20 -33.67
C GLU D 350 -15.83 -14.63 -34.90
N LEU D 351 -15.43 -15.53 -35.80
CA LEU D 351 -14.72 -15.20 -37.04
C LEU D 351 -15.23 -16.11 -38.14
N GLY D 352 -15.95 -15.54 -39.10
CA GLY D 352 -16.38 -16.26 -40.27
C GLY D 352 -15.70 -15.74 -41.52
N PRO D 353 -16.10 -16.25 -42.68
CA PRO D 353 -15.50 -15.73 -43.93
C PRO D 353 -15.77 -14.25 -44.14
N LYS D 354 -16.97 -13.78 -43.80
CA LYS D 354 -17.28 -12.36 -43.89
C LYS D 354 -16.26 -11.52 -43.12
N ASP D 355 -16.01 -11.87 -41.87
CA ASP D 355 -15.10 -11.08 -41.04
C ASP D 355 -13.66 -11.12 -41.57
N LEU D 356 -13.25 -12.27 -42.12
CA LEU D 356 -11.98 -12.31 -42.84
C LEU D 356 -11.94 -11.31 -43.98
N ALA D 357 -13.03 -11.20 -44.75
CA ALA D 357 -13.07 -10.20 -45.81
C ALA D 357 -13.02 -8.79 -45.23
N LYS D 358 -13.74 -8.55 -44.14
CA LYS D 358 -13.84 -7.23 -43.54
C LYS D 358 -12.60 -6.88 -42.72
N GLY D 359 -11.81 -7.87 -42.31
CA GLY D 359 -10.72 -7.60 -41.39
C GLY D 359 -11.19 -7.30 -39.99
N THR D 360 -12.32 -7.88 -39.58
CA THR D 360 -12.88 -7.65 -38.26
C THR D 360 -13.15 -8.98 -37.56
N ALA D 361 -13.77 -8.86 -36.39
CA ALA D 361 -14.20 -10.00 -35.60
C ALA D 361 -15.33 -9.54 -34.69
N ARG D 362 -16.20 -10.49 -34.32
CA ARG D 362 -17.36 -10.18 -33.50
C ARG D 362 -17.14 -10.76 -32.11
N VAL D 363 -17.00 -9.89 -31.11
CA VAL D 363 -16.80 -10.33 -29.74
C VAL D 363 -18.09 -10.16 -28.95
N VAL D 364 -18.42 -11.16 -28.14
CA VAL D 364 -19.56 -11.12 -27.25
C VAL D 364 -19.06 -11.33 -25.83
N ARG D 365 -19.45 -10.42 -24.93
CA ARG D 365 -19.03 -10.52 -23.54
C ARG D 365 -20.09 -11.27 -22.74
N ARG D 366 -19.62 -12.13 -21.84
CA ARG D 366 -20.49 -13.09 -21.18
C ARG D 366 -21.41 -12.41 -20.17
N ASP D 367 -20.92 -11.40 -19.48
CA ASP D 367 -21.66 -10.85 -18.34
C ASP D 367 -22.93 -10.14 -18.77
N THR D 368 -22.91 -9.47 -19.92
CA THR D 368 -24.07 -8.73 -20.40
C THR D 368 -24.63 -9.20 -21.74
N GLY D 369 -23.85 -9.95 -22.52
CA GLY D 369 -24.28 -10.36 -23.84
C GLY D 369 -24.06 -9.33 -24.93
N GLU D 370 -23.53 -8.16 -24.60
CA GLU D 370 -23.30 -7.13 -25.60
C GLU D 370 -22.27 -7.60 -26.62
N ALA D 371 -22.51 -7.26 -27.88
CA ALA D 371 -21.61 -7.61 -28.97
C ALA D 371 -20.88 -6.37 -29.46
N TYR D 372 -19.68 -6.60 -30.01
CA TYR D 372 -18.85 -5.55 -30.56
C TYR D 372 -18.21 -6.06 -31.85
N GLN D 373 -18.19 -5.21 -32.87
CA GLN D 373 -17.41 -5.46 -34.07
C GLN D 373 -16.09 -4.71 -33.95
N ILE D 374 -14.98 -5.44 -33.94
CA ILE D 374 -13.67 -4.85 -33.72
C ILE D 374 -12.74 -5.25 -34.86
N SER D 375 -11.96 -4.30 -35.35
CA SER D 375 -10.96 -4.62 -36.34
C SER D 375 -9.78 -5.34 -35.69
N TRP D 376 -9.10 -6.17 -36.48
CA TRP D 376 -8.01 -6.97 -35.95
C TRP D 376 -7.00 -6.10 -35.21
N ALA D 377 -6.61 -4.97 -35.80
CA ALA D 377 -5.57 -4.12 -35.23
C ALA D 377 -5.94 -3.64 -33.82
N ASP D 378 -7.21 -3.36 -33.58
CA ASP D 378 -7.65 -2.88 -32.27
C ASP D 378 -7.99 -4.01 -31.30
N LEU D 379 -7.76 -5.27 -31.68
CA LEU D 379 -8.33 -6.37 -30.91
C LEU D 379 -7.72 -6.45 -29.51
N ALA D 380 -6.39 -6.41 -29.41
CA ALA D 380 -5.74 -6.58 -28.11
C ALA D 380 -6.08 -5.48 -27.12
N PRO D 381 -5.94 -4.19 -27.43
CA PRO D 381 -6.29 -3.20 -26.40
C PRO D 381 -7.76 -3.24 -26.04
N LYS D 382 -8.65 -3.20 -27.03
CA LYS D 382 -10.08 -3.25 -26.73
C LYS D 382 -10.41 -4.43 -25.84
N LEU D 383 -10.01 -5.64 -26.24
CA LEU D 383 -10.24 -6.80 -25.38
C LEU D 383 -9.77 -6.54 -23.96
N LEU D 384 -8.52 -6.08 -23.80
CA LEU D 384 -8.04 -5.82 -22.44
C LEU D 384 -8.98 -4.85 -21.73
N GLU D 385 -9.33 -3.75 -22.39
CA GLU D 385 -10.29 -2.83 -21.77
C GLU D 385 -11.55 -3.57 -21.37
N LEU D 386 -12.14 -4.32 -22.31
CA LEU D 386 -13.36 -5.04 -21.97
C LEU D 386 -13.16 -5.91 -20.74
N MET D 387 -12.05 -6.64 -20.69
CA MET D 387 -11.86 -7.54 -19.56
C MET D 387 -11.85 -6.75 -18.25
N GLU D 388 -11.10 -5.64 -18.20
CA GLU D 388 -11.09 -4.90 -16.95
C GLU D 388 -12.50 -4.43 -16.62
N GLY D 389 -13.21 -3.88 -17.61
CA GLY D 389 -14.60 -3.54 -17.38
C GLY D 389 -15.34 -4.68 -16.74
N ILE D 390 -15.33 -5.84 -17.39
CA ILE D 390 -16.06 -6.98 -16.86
C ILE D 390 -15.68 -7.18 -15.41
N GLN D 391 -14.38 -7.29 -15.13
CA GLN D 391 -13.95 -7.55 -13.77
C GLN D 391 -14.60 -6.56 -12.82
N ARG D 392 -14.41 -5.27 -13.08
CA ARG D 392 -14.87 -4.33 -12.07
C ARG D 392 -16.38 -4.31 -12.00
N SER D 393 -17.04 -4.43 -13.14
CA SER D 393 -18.49 -4.49 -13.07
C SER D 393 -18.91 -5.65 -12.16
N LEU D 394 -18.33 -6.83 -12.38
CA LEU D 394 -18.68 -7.97 -11.53
C LEU D 394 -18.48 -7.62 -10.07
N PHE D 395 -17.36 -6.99 -9.75
CA PHE D 395 -17.11 -6.67 -8.35
C PHE D 395 -18.15 -5.67 -7.86
N GLU D 396 -18.39 -4.63 -8.63
CA GLU D 396 -19.18 -3.54 -8.07
C GLU D 396 -20.63 -3.95 -7.86
N LYS D 397 -21.24 -4.59 -8.85
CA LYS D 397 -22.55 -5.17 -8.62
C LYS D 397 -22.54 -6.06 -7.38
N ALA D 398 -21.55 -6.96 -7.27
CA ALA D 398 -21.52 -7.79 -6.07
C ALA D 398 -21.46 -6.93 -4.83
N LYS D 399 -20.60 -5.91 -4.84
CA LYS D 399 -20.51 -5.02 -3.69
C LYS D 399 -21.87 -4.38 -3.40
N ALA D 400 -22.57 -3.91 -4.43
CA ALA D 400 -23.88 -3.34 -4.17
C ALA D 400 -24.79 -4.36 -3.51
N ARG D 401 -24.80 -5.58 -4.03
CA ARG D 401 -25.66 -6.60 -3.43
C ARG D 401 -25.21 -6.91 -2.01
N LEU D 402 -23.92 -6.75 -1.70
CA LEU D 402 -23.49 -6.93 -0.34
C LEU D 402 -24.02 -5.80 0.56
N HIS D 403 -24.03 -4.57 0.06
CA HIS D 403 -24.38 -3.45 0.93
C HIS D 403 -25.89 -3.38 1.15
N GLU D 404 -26.68 -3.73 0.14
CA GLU D 404 -28.12 -3.76 0.31
C GLU D 404 -28.58 -4.89 1.25
N GLY D 405 -27.77 -5.93 1.40
CA GLY D 405 -28.12 -7.04 2.26
C GLY D 405 -27.81 -6.86 3.73
N ILE D 406 -27.36 -5.68 4.14
CA ILE D 406 -26.97 -5.42 5.52
C ILE D 406 -27.87 -4.30 6.06
N GLU D 407 -28.60 -4.60 7.14
CA GLU D 407 -29.47 -3.63 7.80
C GLU D 407 -28.86 -3.25 9.14
N LYS D 408 -28.76 -1.94 9.38
CA LYS D 408 -28.31 -1.43 10.67
C LYS D 408 -29.51 -1.31 11.60
N ILE D 409 -29.44 -1.94 12.77
CA ILE D 409 -30.56 -1.98 13.70
C ILE D 409 -30.11 -1.57 15.09
N SER D 410 -31.08 -1.23 15.94
CA SER D 410 -30.82 -0.77 17.30
C SER D 410 -31.32 -1.73 18.37
N THR D 411 -32.34 -2.53 18.09
CA THR D 411 -33.01 -3.32 19.10
C THR D 411 -33.33 -4.70 18.52
N PHE D 412 -33.57 -5.66 19.43
CA PHE D 412 -33.81 -7.03 19.01
C PHE D 412 -35.10 -7.18 18.21
N ASP D 413 -36.05 -6.25 18.41
CA ASP D 413 -37.29 -6.24 17.65
C ASP D 413 -37.03 -6.34 16.16
N GLU D 414 -35.93 -5.73 15.69
CA GLU D 414 -35.63 -5.64 14.27
C GLU D 414 -34.93 -6.88 13.72
N VAL D 415 -34.57 -7.84 14.57
CA VAL D 415 -33.75 -8.96 14.12
C VAL D 415 -34.54 -9.87 13.19
N MET D 416 -35.68 -10.38 13.67
CA MET D 416 -36.43 -11.39 12.92
C MET D 416 -36.99 -10.88 11.61
N PRO D 417 -37.52 -9.65 11.52
CA PRO D 417 -37.90 -9.13 10.19
C PRO D 417 -36.71 -9.07 9.24
N ALA D 418 -35.60 -8.47 9.67
CA ALA D 418 -34.43 -8.38 8.81
C ALA D 418 -33.96 -9.76 8.37
N LEU D 419 -33.84 -10.70 9.32
CA LEU D 419 -33.46 -12.06 8.97
C LEU D 419 -34.43 -12.67 7.97
N ASN D 420 -35.71 -12.31 8.04
CA ASN D 420 -36.69 -12.86 7.11
C ASN D 420 -36.61 -12.21 5.74
N ARG D 421 -35.98 -11.04 5.64
CA ARG D 421 -35.64 -10.47 4.34
C ARG D 421 -34.31 -11.02 3.83
N LYS D 422 -33.79 -12.08 4.47
CA LYS D 422 -32.50 -12.67 4.13
C LYS D 422 -31.41 -11.61 4.10
N HIS D 423 -31.31 -10.89 5.21
CA HIS D 423 -30.30 -9.86 5.40
C HIS D 423 -29.45 -10.20 6.61
N LEU D 424 -28.27 -9.60 6.67
CA LEU D 424 -27.48 -9.62 7.89
C LEU D 424 -27.80 -8.36 8.70
N VAL D 425 -27.43 -8.40 9.98
CA VAL D 425 -27.76 -7.33 10.92
C VAL D 425 -26.47 -6.69 11.41
N LEU D 426 -26.42 -5.37 11.41
CA LEU D 426 -25.36 -4.61 12.06
C LEU D 426 -25.96 -3.99 13.32
N ALA D 427 -25.51 -4.48 14.48
CA ALA D 427 -26.13 -4.11 15.74
C ALA D 427 -25.08 -3.70 16.76
N PRO D 428 -25.40 -2.72 17.62
CA PRO D 428 -24.47 -2.39 18.71
C PRO D 428 -24.57 -3.45 19.80
N TRP D 429 -23.44 -4.06 20.14
CA TRP D 429 -23.41 -5.27 20.94
C TRP D 429 -22.65 -5.05 22.24
N CYS D 430 -23.10 -5.70 23.31
CA CYS D 430 -22.44 -5.60 24.60
C CYS D 430 -21.17 -6.43 24.69
N GLU D 431 -20.95 -7.35 23.74
CA GLU D 431 -19.72 -8.12 23.59
C GLU D 431 -19.51 -9.16 24.69
N ASP D 432 -20.58 -9.59 25.34
CA ASP D 432 -20.45 -10.61 26.39
C ASP D 432 -20.66 -12.00 25.79
N PRO D 433 -19.81 -12.98 26.17
CA PRO D 433 -20.02 -14.31 25.55
C PRO D 433 -21.38 -14.94 25.83
N GLU D 434 -21.96 -14.76 27.02
CA GLU D 434 -23.22 -15.42 27.32
C GLU D 434 -24.34 -14.94 26.41
N SER D 435 -24.34 -13.64 26.10
CA SER D 435 -25.44 -13.07 25.34
C SER D 435 -25.48 -13.59 23.91
N GLU D 436 -24.33 -13.96 23.34
CA GLU D 436 -24.33 -14.47 21.97
C GLU D 436 -24.96 -15.85 21.88
N GLU D 437 -24.62 -16.74 22.82
CA GLU D 437 -25.27 -18.04 22.87
C GLU D 437 -26.76 -17.89 23.16
N GLN D 438 -27.11 -16.97 24.05
CA GLN D 438 -28.52 -16.68 24.30
C GLN D 438 -29.23 -16.24 23.02
N ILE D 439 -28.60 -15.34 22.25
CA ILE D 439 -29.19 -14.85 21.01
C ILE D 439 -29.30 -15.98 20.00
N LYS D 440 -28.29 -16.84 19.91
CA LYS D 440 -28.33 -17.96 18.98
C LYS D 440 -29.53 -18.86 19.28
N LYS D 441 -29.70 -19.23 20.54
CA LYS D 441 -30.79 -20.15 20.87
C LYS D 441 -32.16 -19.48 20.73
N GLU D 442 -32.28 -18.20 21.07
CA GLU D 442 -33.58 -17.56 20.92
C GLU D 442 -33.91 -17.35 19.44
N THR D 443 -32.90 -17.04 18.63
CA THR D 443 -33.10 -16.94 17.18
C THR D 443 -33.55 -18.27 16.59
N GLN D 444 -32.93 -19.38 17.01
CA GLN D 444 -33.33 -20.68 16.48
C GLN D 444 -34.76 -21.00 16.91
N LYS D 445 -35.11 -20.77 18.18
CA LYS D 445 -36.47 -21.07 18.63
C LYS D 445 -37.50 -20.25 17.88
N LEU D 446 -37.23 -18.95 17.69
CA LEU D 446 -38.20 -18.10 17.01
C LEU D 446 -38.27 -18.40 15.51
N SER D 447 -37.19 -18.92 14.92
CA SER D 447 -37.26 -19.34 13.53
C SER D 447 -38.06 -20.63 13.35
N GLU D 448 -37.99 -21.54 14.32
CA GLU D 448 -38.81 -22.74 14.16
C GLU D 448 -40.28 -22.47 14.51
N ILE D 449 -40.54 -21.60 15.49
CA ILE D 449 -41.93 -21.22 15.76
C ILE D 449 -42.57 -20.62 14.51
N GLN D 450 -41.78 -19.93 13.68
CA GLN D 450 -42.26 -19.40 12.43
C GLN D 450 -42.55 -20.48 11.39
N ALA D 451 -42.09 -21.71 11.61
CA ALA D 451 -42.31 -22.79 10.65
C ALA D 451 -43.25 -23.83 11.24
N THR D 462 -29.79 -24.27 11.97
CA THR D 462 -29.67 -23.71 10.63
C THR D 462 -30.52 -22.43 10.49
N GLY D 463 -31.29 -22.14 11.53
CA GLY D 463 -32.06 -20.91 11.58
C GLY D 463 -31.46 -19.92 12.55
N ALA D 464 -30.46 -20.38 13.31
CA ALA D 464 -29.84 -19.57 14.34
C ALA D 464 -29.06 -18.41 13.72
N MET D 465 -28.89 -17.36 14.52
CA MET D 465 -28.12 -16.18 14.14
C MET D 465 -26.94 -16.06 15.09
N LYS D 466 -25.73 -16.05 14.52
CA LYS D 466 -24.49 -15.92 15.27
C LYS D 466 -23.76 -14.67 14.81
N THR D 467 -22.77 -14.25 15.60
CA THR D 467 -21.88 -13.20 15.14
C THR D 467 -21.06 -13.70 13.97
N LEU D 468 -21.04 -12.94 12.89
CA LEU D 468 -20.11 -13.21 11.81
C LEU D 468 -18.80 -12.47 12.02
N CYS D 469 -18.87 -11.21 12.46
CA CYS D 469 -17.62 -10.51 12.74
C CYS D 469 -17.91 -9.24 13.54
N ILE D 470 -16.85 -8.66 14.09
CA ILE D 470 -16.88 -7.30 14.58
C ILE D 470 -16.02 -6.50 13.61
N PRO D 471 -16.62 -5.75 12.68
CA PRO D 471 -15.85 -5.22 11.54
C PRO D 471 -14.84 -4.17 11.97
N PHE D 472 -13.68 -4.20 11.31
CA PHE D 472 -12.70 -3.12 11.50
C PHE D 472 -13.33 -1.77 11.22
N ASP D 473 -14.19 -1.69 10.21
CA ASP D 473 -14.91 -0.47 9.84
C ASP D 473 -16.03 -0.26 10.84
N GLN D 474 -15.81 0.61 11.82
CA GLN D 474 -16.76 0.83 12.89
C GLN D 474 -17.51 2.14 12.67
N PRO D 475 -18.82 2.12 12.49
CA PRO D 475 -19.58 3.37 12.41
C PRO D 475 -19.55 4.11 13.74
N PRO D 476 -19.88 5.40 13.74
CA PRO D 476 -19.88 6.15 15.01
C PRO D 476 -20.87 5.54 16.00
N MET D 477 -20.47 5.53 17.27
CA MET D 477 -21.28 4.97 18.36
C MET D 477 -21.67 6.09 19.31
N PRO D 478 -22.88 6.63 19.21
CA PRO D 478 -23.30 7.67 20.16
C PRO D 478 -23.22 7.17 21.60
N GLU D 479 -22.61 7.97 22.46
CA GLU D 479 -22.40 7.56 23.84
C GLU D 479 -23.73 7.42 24.55
N GLY D 480 -23.89 6.31 25.28
CA GLY D 480 -25.18 5.95 25.84
C GLY D 480 -26.01 5.04 24.97
N THR D 481 -25.49 4.61 23.82
CA THR D 481 -26.21 3.65 22.99
C THR D 481 -26.14 2.27 23.65
N LYS D 482 -27.27 1.57 23.67
CA LYS D 482 -27.41 0.35 24.41
C LYS D 482 -27.38 -0.87 23.49
N CYS D 483 -26.83 -1.97 24.01
CA CYS D 483 -26.79 -3.23 23.29
C CYS D 483 -28.18 -3.62 22.80
N PHE D 484 -28.25 -4.17 21.59
CA PHE D 484 -29.54 -4.50 20.99
C PHE D 484 -30.24 -5.68 21.67
N TYR D 485 -29.53 -6.41 22.54
CA TYR D 485 -30.12 -7.56 23.22
C TYR D 485 -30.29 -7.29 24.71
N THR D 486 -29.20 -7.34 25.46
CA THR D 486 -29.24 -6.88 26.83
C THR D 486 -29.34 -5.36 26.88
N GLY D 487 -29.67 -4.84 28.06
CA GLY D 487 -29.75 -3.39 28.23
C GLY D 487 -28.45 -2.73 28.59
N LYS D 488 -27.33 -3.45 28.54
CA LYS D 488 -26.06 -2.90 28.99
C LYS D 488 -25.50 -1.95 27.94
N PRO D 489 -24.55 -1.09 28.34
CA PRO D 489 -23.92 -0.19 27.36
C PRO D 489 -23.27 -0.99 26.24
N ALA D 490 -23.61 -0.61 25.00
CA ALA D 490 -23.02 -1.26 23.84
C ALA D 490 -21.57 -0.83 23.68
N LYS D 491 -20.74 -1.77 23.22
CA LYS D 491 -19.32 -1.45 23.01
C LYS D 491 -19.06 -1.13 21.55
N ARG D 492 -19.24 -2.11 20.67
CA ARG D 492 -18.93 -1.92 19.26
C ARG D 492 -20.06 -2.44 18.38
N TRP D 493 -19.99 -2.07 17.10
CA TRP D 493 -20.92 -2.58 16.10
C TRP D 493 -20.48 -3.97 15.65
N THR D 494 -21.44 -4.90 15.62
CA THR D 494 -21.17 -6.29 15.31
C THR D 494 -22.10 -6.74 14.19
N LEU D 495 -21.57 -7.55 13.28
CA LEU D 495 -22.31 -8.09 12.15
C LEU D 495 -22.70 -9.53 12.45
N TRP D 496 -24.01 -9.78 12.48
CA TRP D 496 -24.63 -11.07 12.75
C TRP D 496 -25.45 -11.53 11.55
N GLY D 497 -25.77 -12.82 11.55
CA GLY D 497 -26.68 -13.37 10.58
C GLY D 497 -26.66 -14.88 10.64
N ARG D 498 -27.53 -15.48 9.83
CA ARG D 498 -27.43 -16.91 9.57
C ARG D 498 -26.21 -17.18 8.69
N SER D 499 -25.58 -18.32 8.90
CA SER D 499 -24.29 -18.57 8.29
C SER D 499 -24.18 -20.00 7.79
N TYR D 500 -23.10 -20.27 7.09
CA TYR D 500 -22.75 -21.62 6.65
C TYR D 500 -21.95 -22.32 7.74
PG ANP E . 12.74 13.82 -8.48
O1G ANP E . 13.87 14.75 -8.16
O2G ANP E . 13.29 12.63 -9.37
O3G ANP E . 12.17 13.23 -7.13
PB ANP E . 9.97 14.39 -8.88
O1B ANP E . 9.22 13.89 -10.07
O2B ANP E . 9.88 13.33 -7.74
N3B ANP E . 11.56 14.68 -9.35
PA ANP E . 7.85 16.17 -8.60
O1A ANP E . 7.56 16.53 -10.00
O2A ANP E . 6.99 15.05 -8.04
O3A ANP E . 9.38 15.75 -8.40
O5' ANP E . 7.71 17.49 -7.73
C5' ANP E . 7.82 18.80 -8.33
C4' ANP E . 9.05 19.51 -7.78
O4' ANP E . 9.16 19.23 -6.37
C3' ANP E . 10.37 19.05 -8.37
O3' ANP E . 10.65 19.77 -9.56
C2' ANP E . 11.37 19.37 -7.25
O2' ANP E . 11.91 20.68 -7.43
C1' ANP E . 10.52 19.30 -5.98
N9 ANP E . 10.79 18.14 -5.12
C8 ANP E . 10.66 16.82 -5.45
N7 ANP E . 10.96 16.00 -4.47
C5 ANP E . 11.32 16.84 -3.44
C6 ANP E . 11.75 16.59 -2.11
N6 ANP E . 11.90 15.37 -1.60
N1 ANP E . 12.03 17.66 -1.33
C2 ANP E . 11.89 18.89 -1.84
N3 ANP E . 11.49 19.25 -3.07
C4 ANP E . 11.23 18.17 -3.81
MG MG F . 10.97 11.89 -6.33
N1 9SF G . 6.51 11.60 -6.88
C2 9SF G . 6.29 12.42 -7.85
C5 9SF G . 3.32 9.72 -6.98
C6 9SF G . 3.53 8.84 -5.94
C7 9SF G . 4.71 8.87 -5.23
C8 9SF G . 5.70 9.79 -5.54
C10 9SF G . 4.30 10.65 -7.31
C1' 9SF G . 5.03 13.46 -9.68
C2' 9SF G . 2.80 16.59 -10.31
C21 9SF G . 4.02 14.56 -9.37
C3' 9SF G . 3.26 15.15 -10.54
C39 9SF G . 3.94 17.51 -9.91
C4 9SF G . 4.09 11.60 -8.40
C4' 9SF G . 3.44 18.94 -9.73
C5' 9SF G . 2.30 19.00 -8.73
C6' 9SF G . 1.24 17.99 -9.05
C9 9SF G . 5.50 10.69 -6.59
N1' 9SF G . 1.82 16.65 -9.22
N3 9SF G . 5.16 12.47 -8.61
O11 9SF G . 3.09 11.66 -9.09
O4' 9SF G . 3.83 14.93 -8.23
O7' 9SF G . 4.98 17.48 -10.89
PG ANP H . -12.53 18.37 22.32
O1G ANP H . -13.65 19.00 21.57
O2G ANP H . -13.12 17.61 23.57
O3G ANP H . -11.78 17.33 21.37
PB ANP H . -9.87 19.33 22.42
O1B ANP H . -9.70 18.03 21.72
O2B ANP H . -8.98 19.34 23.70
N3B ANP H . -11.47 19.59 22.86
PA ANP H . -7.99 21.15 21.49
O1A ANP H . -7.83 22.05 22.66
O2A ANP H . -7.00 19.98 21.43
O3A ANP H . -9.45 20.50 21.46
O5' ANP H . -7.91 22.02 20.17
C5' ANP H . -8.02 23.46 20.19
C4' ANP H . -9.31 23.83 19.52
O4' ANP H . -9.42 23.13 18.27
C3' ANP H . -10.57 23.46 20.28
O3' ANP H . -10.92 24.48 21.21
C2' ANP H . -11.62 23.33 19.17
O2' ANP H . -12.26 24.57 18.91
C1' ANP H . -10.78 22.89 17.96
N9 ANP H . -10.93 21.49 17.59
C8 ANP H . -10.60 20.39 18.36
N7 ANP H . -10.82 19.25 17.77
C5 ANP H . -11.34 19.59 16.53
C6 ANP H . -11.78 18.84 15.44
N6 ANP H . -11.78 17.50 15.41
N1 ANP H . -12.23 19.51 14.34
C2 ANP H . -12.24 20.85 14.38
N3 ANP H . -11.85 21.67 15.35
C4 ANP H . -11.40 20.98 16.40
MG MG I . -10.17 16.12 21.26
N1 9SF J . -6.22 15.98 21.71
C2 9SF J . -6.10 17.10 22.32
C5 9SF J . -2.79 14.73 22.23
C6 9SF J . -2.88 13.54 21.54
C7 9SF J . -4.02 13.19 20.90
C8 9SF J . -5.13 14.00 20.96
C10 9SF J . -3.88 15.57 22.27
C1' 9SF J . -4.99 18.89 23.51
C2' 9SF J . -3.32 22.30 22.95
C21 9SF J . -4.19 19.89 22.82
C3' 9SF J . -3.86 21.07 23.69
C39 9SF J . -4.34 23.00 22.09
C4 9SF J . -3.81 16.83 22.95
C4' 9SF J . -3.78 24.28 21.51
C5' 9SF J . -2.48 24.01 20.76
C6' 9SF J . -1.61 23.22 21.55
C9 9SF J . -5.07 15.20 21.66
N1' 9SF J . -2.25 22.00 22.02
N3 9SF J . -4.98 17.57 22.90
O11 9SF J . -2.86 17.21 23.56
O4' 9SF J . -3.82 19.83 21.68
O7' 9SF J . -5.47 23.34 22.88
PG ANP K . 8.09 -50.61 -6.41
O1G ANP K . 9.48 -50.07 -6.53
O2G ANP K . 8.17 -52.13 -5.99
O3G ANP K . 7.31 -49.80 -5.29
PB ANP K . 5.80 -49.73 -7.87
O1B ANP K . 4.89 -50.43 -8.82
O2B ANP K . 5.18 -49.79 -6.44
N3B ANP K . 7.30 -50.50 -7.91
PA ANP K . 4.75 -47.42 -8.88
O1A ANP K . 4.58 -47.67 -10.34
O2A ANP K . 3.53 -47.76 -8.04
O3A ANP K . 5.98 -48.25 -8.30
O5' ANP K . 5.16 -45.90 -8.68
C5' ANP K . 5.57 -45.03 -9.76
C4' ANP K . 6.92 -44.46 -9.41
O4' ANP K . 6.92 -44.12 -8.01
C3' ANP K . 8.08 -45.44 -9.63
O3' ANP K . 8.84 -45.04 -10.76
C2' ANP K . 8.91 -45.39 -8.33
O2' ANP K . 10.22 -44.91 -8.59
C1' ANP K . 8.15 -44.43 -7.41
N9 ANP K . 7.84 -45.00 -6.09
C8 ANP K . 7.28 -46.21 -5.83
N7 ANP K . 7.10 -46.47 -4.56
C5 ANP K . 7.57 -45.32 -3.94
C6 ANP K . 7.66 -44.95 -2.58
N6 ANP K . 7.26 -45.72 -1.57
N1 ANP K . 8.19 -43.74 -2.29
C2 ANP K . 8.59 -42.96 -3.30
N3 ANP K . 8.56 -43.20 -4.61
C4 ANP K . 8.03 -44.40 -4.87
MG MG L . 5.64 -50.60 -4.56
N1 9SF M . 1.45 -50.20 -5.69
C2 9SF M . 1.70 -49.95 -6.93
C5 9SF M . -2.20 -50.56 -5.90
C6 9SF M . -2.48 -50.77 -4.57
C7 9SF M . -1.49 -50.77 -3.64
C8 9SF M . -0.19 -50.58 -4.01
C10 9SF M . -0.89 -50.35 -6.30
C1' 9SF M . 1.19 -49.45 -9.25
C2' 9SF M . 0.55 -46.60 -11.74
C21 9SF M . 0.68 -48.14 -9.69
C3' 9SF M . 0.59 -48.02 -11.18
C39 9SF M . 1.87 -45.86 -11.64
C4 9SF M . -0.57 -50.07 -7.67
C4' 9SF M . 1.81 -44.56 -12.41
C5' 9SF M . 0.62 -43.73 -12.00
C6' 9SF M . -0.57 -44.54 -11.94
C9 9SF M . 0.13 -50.38 -5.35
N1' 9SF M . -0.42 -45.72 -11.10
N3 9SF M . 0.78 -49.85 -7.91
O11 9SF M . -1.37 -50.05 -8.57
O4' 9SF M . 0.38 -47.24 -8.97
O7' 9SF M . 2.93 -46.65 -12.13
PG ANP N . -16.39 -23.88 10.72
O1G ANP N . -17.29 -23.19 9.74
O2G ANP N . -17.09 -23.83 12.14
O3G ANP N . -16.19 -25.38 10.28
PB ANP N . -13.56 -23.96 11.14
O1B ANP N . -12.95 -23.49 12.42
O2B ANP N . -13.93 -25.47 11.27
N3B ANP N . -14.93 -23.03 10.80
PA ANP N . -11.04 -23.49 10.12
O1A ANP N . -10.76 -22.13 10.64
O2A ANP N . -10.45 -24.64 10.95
O3A ANP N . -12.59 -23.76 9.94
O5' ANP N . -10.50 -23.53 8.63
C5' ANP N . -10.03 -22.35 7.96
C4' ANP N . -11.04 -21.95 6.90
O4' ANP N . -11.31 -23.07 6.04
C3' ANP N . -12.42 -21.54 7.44
O3' ANP N . -12.41 -20.17 7.82
C2' ANP N . -13.31 -21.79 6.23
O2' ANP N . -13.29 -20.69 5.33
C1' ANP N . -12.65 -23.01 5.58
N9 ANP N . -13.30 -24.29 5.87
C8 ANP N . -13.54 -24.82 7.10
N7 ANP N . -14.14 -25.99 7.07
C5 ANP N . -14.28 -26.24 5.71
C6 ANP N . -14.84 -27.33 5.00
N6 ANP N . -15.37 -28.41 5.59
N1 ANP N . -14.83 -27.27 3.65
C2 ANP N . -14.30 -26.19 3.06
N3 ANP N . -13.74 -25.11 3.63
C4 ANP N . -13.77 -25.20 4.96
MG MG O . -15.33 -27.00 11.45
N1 9SF P . -11.52 -28.11 13.18
C2 9SF P . -11.07 -26.92 13.26
C5 9SF P . -8.84 -29.83 15.02
C6 9SF P . -9.27 -31.13 14.90
C7 9SF P . -10.41 -31.41 14.21
C8 9SF P . -11.16 -30.41 13.64
C10 9SF P . -9.57 -28.81 14.43
C1' 9SF P . -9.45 -25.17 13.74
C2' 9SF P . -6.38 -23.32 12.18
C21 9SF P . -8.19 -25.00 12.94
C3' 9SF P . -7.26 -23.87 13.29
C39 9SF P . -7.16 -22.74 10.99
C4 9SF P . -9.10 -27.45 14.49
C4' 9SF P . -6.21 -22.09 10.01
C5' 9SF P . -4.95 -22.89 9.71
C6' 9SF P . -4.44 -23.47 10.88
C9 9SF P . -10.75 -29.09 13.75
N1' 9SF P . -5.43 -24.26 11.59
N3 9SF P . -9.92 -26.54 13.84
O11 9SF P . -8.11 -27.11 15.07
O4' 9SF P . -7.94 -25.77 12.04
O7' 9SF P . -8.05 -21.74 11.44
#